data_9IFJ
#
_entry.id   9IFJ
#
_cell.length_a   102.234
_cell.length_b   63.906
_cell.length_c   170.532
_cell.angle_alpha   90.000
_cell.angle_beta   97.670
_cell.angle_gamma   90.000
#
_symmetry.space_group_name_H-M   'P 1 21 1'
#
loop_
_entity.id
_entity.type
_entity.pdbx_description
1 polymer 'Trypanothione reductase'
2 non-polymer 'FLAVIN-ADENINE DINUCLEOTIDE'
3 non-polymer IMIDAZOLE
4 non-polymer DI(HYDROXYETHYL)ETHER
5 non-polymer 1-[(1S,4S)-1,2,3,4-tetrahydro-1,4-(epiminomethano)naphthalen-10-yl]ethan-1-one
6 non-polymer 'BROMIDE ION'
7 water water
#
_entity_poly.entity_id   1
_entity_poly.type   'polypeptide(L)'
_entity_poly.pdbx_seq_one_letter_code
;GSHMSKAFDLVVIGAGSGGLEAGWNAATLYGKRVAVVDVQTSHGPPFYAALGGTCVNVGCVPKKLMVTGAQYMDHLRESA
GFGWEFDGSSVKANWKKLIAAKNEAVLDINKSYEGMFNDTEGLDFFLGWGSLESKNVVVVRETADPKSAVKERLQADHIL
LATGSWPQMPAIPGIEHCISSNEAFYLPEPPRRVLTVGGGFISVEFAGIFNAYKPPGGKVTLCYRNNLILRGFDETIREE
VTKQLTANGIEIMTNENPAKVSLNTDGSKHVTFESGKTLDVDVVMMAIGRIPRTNDLQLGNVGVKLTPKGGVQVDEFSRT
NVPNIYAIGDITDRLMLTPVAINEGAALVDTVFGNKPRKTDHTRVASAVFSIPPIGTCGLIEEVAAKEFEKVAVYMSSFT
PLMHNISGSKYKKFVAKIVTNHSDGTVLGVHLLGDGAPEIIQAVGVCLRLNAKISDFYNTIGVHPTSAEELCSMRTPSYY
YVKGEKMEKLPDSNL
;
_entity_poly.pdbx_strand_id   A,B,C,D
#
# COMPACT_ATOMS: atom_id res chain seq x y z
N HIS A 3 -6.93 47.47 2.02
CA HIS A 3 -5.96 46.96 1.03
C HIS A 3 -6.68 46.39 -0.19
N MET A 4 -6.23 46.78 -1.39
CA MET A 4 -6.94 46.47 -2.62
C MET A 4 -6.22 45.39 -3.42
N SER A 5 -7.00 44.59 -4.15
CA SER A 5 -6.39 43.65 -5.07
C SER A 5 -5.64 44.41 -6.18
N LYS A 6 -4.74 43.70 -6.84
CA LYS A 6 -3.96 44.23 -7.95
C LYS A 6 -4.37 43.51 -9.21
N ALA A 7 -4.29 44.19 -10.37
CA ALA A 7 -4.77 43.61 -11.63
C ALA A 7 -3.66 43.52 -12.65
N PHE A 8 -3.68 42.45 -13.45
CA PHE A 8 -2.62 42.14 -14.41
C PHE A 8 -3.19 41.58 -15.70
N ASP A 9 -2.40 41.70 -16.78
CA ASP A 9 -2.73 40.98 -18.01
C ASP A 9 -2.51 39.48 -17.83
N LEU A 10 -1.44 39.11 -17.14
CA LEU A 10 -1.04 37.72 -16.99
C LEU A 10 -0.59 37.47 -15.55
N VAL A 11 -1.11 36.41 -14.93
CA VAL A 11 -0.62 35.96 -13.63
C VAL A 11 -0.01 34.57 -13.84
N VAL A 12 1.23 34.40 -13.40
CA VAL A 12 1.96 33.13 -13.53
C VAL A 12 2.08 32.50 -12.14
N ILE A 13 1.60 31.27 -11.97
CA ILE A 13 1.76 30.55 -10.71
C ILE A 13 2.96 29.61 -10.87
N GLY A 14 4.07 29.95 -10.22
CA GLY A 14 5.32 29.20 -10.31
C GLY A 14 6.41 30.01 -11.01
N ALA A 15 7.42 30.44 -10.26
CA ALA A 15 8.48 31.27 -10.83
C ALA A 15 9.68 30.43 -11.23
N GLY A 16 9.41 29.42 -12.07
CA GLY A 16 10.38 28.44 -12.46
C GLY A 16 10.82 28.61 -13.91
N SER A 17 11.37 27.52 -14.47
CA SER A 17 11.96 27.60 -15.80
C SER A 17 10.98 28.16 -16.82
N GLY A 18 9.80 27.55 -16.91
CA GLY A 18 8.81 28.02 -17.87
C GLY A 18 8.15 29.33 -17.47
N GLY A 19 7.77 29.44 -16.20
CA GLY A 19 7.03 30.61 -15.75
C GLY A 19 7.81 31.91 -15.86
N LEU A 20 9.11 31.87 -15.55
CA LEU A 20 9.93 33.08 -15.68
C LEU A 20 10.15 33.46 -17.14
N GLU A 21 10.35 32.49 -18.04
CA GLU A 21 10.46 32.84 -19.46
C GLU A 21 9.19 33.53 -19.93
N ALA A 22 8.03 32.93 -19.64
CA ALA A 22 6.77 33.52 -20.07
C ALA A 22 6.58 34.92 -19.49
N GLY A 23 6.83 35.08 -18.18
CA GLY A 23 6.60 36.37 -17.54
C GLY A 23 7.55 37.45 -18.03
N TRP A 24 8.84 37.13 -18.11
CA TRP A 24 9.79 38.10 -18.62
C TRP A 24 9.47 38.51 -20.05
N ASN A 25 9.13 37.54 -20.91
CA ASN A 25 8.89 37.89 -22.30
C ASN A 25 7.61 38.73 -22.43
N ALA A 26 6.56 38.37 -21.69
CA ALA A 26 5.32 39.15 -21.78
C ALA A 26 5.55 40.61 -21.37
N ALA A 27 6.35 40.84 -20.32
CA ALA A 27 6.54 42.21 -19.82
C ALA A 27 7.52 43.00 -20.69
N THR A 28 8.64 42.39 -21.07
CA THR A 28 9.69 43.15 -21.75
C THR A 28 9.53 43.17 -23.28
N LEU A 29 8.98 42.13 -23.88
CA LEU A 29 8.77 42.14 -25.32
C LEU A 29 7.45 42.78 -25.74
N TYR A 30 6.38 42.61 -24.96
CA TYR A 30 5.04 43.01 -25.42
C TYR A 30 4.36 44.02 -24.50
N GLY A 31 5.07 44.54 -23.51
CA GLY A 31 4.54 45.60 -22.67
C GLY A 31 3.36 45.21 -21.78
N LYS A 32 3.23 43.93 -21.44
CA LYS A 32 2.10 43.53 -20.60
C LYS A 32 2.45 43.66 -19.12
N ARG A 33 1.40 43.72 -18.30
CA ARG A 33 1.55 43.76 -16.85
C ARG A 33 1.46 42.34 -16.34
N VAL A 34 2.48 41.90 -15.60
CA VAL A 34 2.65 40.50 -15.22
C VAL A 34 2.90 40.40 -13.72
N ALA A 35 2.28 39.39 -13.10
CA ALA A 35 2.62 38.99 -11.73
C ALA A 35 3.09 37.54 -11.76
N VAL A 36 4.08 37.22 -10.94
CA VAL A 36 4.57 35.85 -10.80
C VAL A 36 4.58 35.51 -9.32
N VAL A 37 4.11 34.30 -8.97
CA VAL A 37 3.94 33.82 -7.60
C VAL A 37 4.90 32.65 -7.37
N ASP A 38 5.64 32.67 -6.26
CA ASP A 38 6.36 31.46 -5.81
C ASP A 38 6.38 31.46 -4.28
N VAL A 39 6.72 30.29 -3.71
CA VAL A 39 6.52 30.04 -2.29
C VAL A 39 7.71 30.42 -1.42
N GLN A 40 8.87 30.70 -2.03
CA GLN A 40 10.10 30.89 -1.27
C GLN A 40 11.02 31.73 -2.14
N THR A 41 11.82 32.60 -1.50
CA THR A 41 12.68 33.49 -2.29
C THR A 41 14.09 32.96 -2.52
N SER A 42 14.55 31.95 -1.77
CA SER A 42 15.82 31.30 -2.05
C SER A 42 15.74 29.80 -1.75
N HIS A 43 16.78 29.07 -2.16
CA HIS A 43 16.76 27.61 -2.20
C HIS A 43 16.66 26.97 -0.82
N GLY A 44 16.12 25.75 -0.79
CA GLY A 44 16.35 24.85 0.32
C GLY A 44 15.14 24.63 1.21
N PRO A 45 15.35 23.96 2.33
CA PRO A 45 14.24 23.71 3.24
C PRO A 45 13.62 25.03 3.69
N PRO A 46 12.31 25.05 3.92
CA PRO A 46 11.39 23.90 3.93
C PRO A 46 10.80 23.46 2.60
N PHE A 47 10.78 24.31 1.56
CA PHE A 47 10.02 23.99 0.36
C PHE A 47 10.91 23.59 -0.82
N TYR A 48 12.24 23.72 -0.69
CA TYR A 48 13.29 23.23 -1.60
C TYR A 48 13.34 24.02 -2.89
N ALA A 49 12.32 23.90 -3.74
CA ALA A 49 12.24 24.79 -4.89
C ALA A 49 11.79 26.17 -4.43
N ALA A 50 12.01 27.16 -5.28
CA ALA A 50 11.86 28.56 -4.89
C ALA A 50 11.98 29.40 -6.14
N LEU A 51 11.90 30.72 -5.97
CA LEU A 51 12.23 31.66 -7.05
C LEU A 51 13.35 31.13 -7.92
N GLY A 52 13.09 30.97 -9.23
CA GLY A 52 14.03 30.35 -10.15
C GLY A 52 13.64 28.96 -10.60
N GLY A 53 12.94 28.21 -9.75
CA GLY A 53 12.36 26.93 -10.13
C GLY A 53 13.16 25.74 -9.65
N THR A 54 12.73 24.56 -10.07
CA THR A 54 13.38 23.33 -9.60
C THR A 54 14.79 23.17 -10.17
N CYS A 55 15.01 23.57 -11.42
CA CYS A 55 16.31 23.40 -12.04
C CYS A 55 17.37 24.22 -11.31
N VAL A 56 17.05 25.49 -11.04
CA VAL A 56 17.99 26.38 -10.37
C VAL A 56 18.27 25.91 -8.94
N ASN A 57 17.24 25.54 -8.20
CA ASN A 57 17.37 25.38 -6.76
C ASN A 57 17.73 23.96 -6.34
N VAL A 58 17.09 22.95 -6.90
CA VAL A 58 17.31 21.57 -6.45
C VAL A 58 17.23 20.65 -7.68
N GLY A 59 17.92 21.04 -8.76
CA GLY A 59 17.82 20.33 -10.03
C GLY A 59 19.07 20.45 -10.89
N CYS A 60 18.90 20.78 -12.17
CA CYS A 60 20.01 20.74 -13.13
C CYS A 60 21.23 21.50 -12.64
N VAL A 61 21.04 22.70 -12.10
CA VAL A 61 22.19 23.57 -11.84
C VAL A 61 23.04 23.00 -10.72
N PRO A 62 22.49 22.76 -9.53
CA PRO A 62 23.34 22.19 -8.48
C PRO A 62 23.81 20.78 -8.76
N LYS A 63 22.98 19.93 -9.37
CA LYS A 63 23.43 18.57 -9.61
C LYS A 63 24.59 18.53 -10.61
N LYS A 64 24.62 19.45 -11.58
CA LYS A 64 25.75 19.45 -12.51
C LYS A 64 27.04 19.86 -11.80
N LEU A 65 26.95 20.83 -10.88
CA LEU A 65 28.13 21.20 -10.11
C LEU A 65 28.63 20.03 -9.27
N MET A 66 27.70 19.24 -8.73
CA MET A 66 28.06 18.10 -7.89
C MET A 66 28.59 16.94 -8.72
N VAL A 67 28.06 16.73 -9.93
CA VAL A 67 28.66 15.72 -10.82
C VAL A 67 30.06 16.15 -11.25
N THR A 68 30.25 17.45 -11.52
CA THR A 68 31.58 17.94 -11.85
C THR A 68 32.56 17.68 -10.70
N GLY A 69 32.12 17.93 -9.46
CA GLY A 69 32.94 17.57 -8.31
C GLY A 69 33.27 16.09 -8.27
N ALA A 70 32.28 15.25 -8.54
CA ALA A 70 32.51 13.80 -8.48
C ALA A 70 33.49 13.34 -9.56
N GLN A 71 33.49 14.00 -10.71
CA GLN A 71 34.42 13.63 -11.78
C GLN A 71 35.87 13.71 -11.34
N TYR A 72 36.21 14.53 -10.35
CA TYR A 72 37.62 14.62 -9.95
C TYR A 72 38.14 13.32 -9.35
N MET A 73 37.29 12.45 -8.82
CA MET A 73 37.80 11.15 -8.40
C MET A 73 38.43 10.41 -9.58
N ASP A 74 37.76 10.44 -10.74
CA ASP A 74 38.33 9.84 -11.94
C ASP A 74 39.56 10.59 -12.42
N HIS A 75 39.52 11.94 -12.46
CA HIS A 75 40.67 12.70 -12.95
C HIS A 75 41.91 12.41 -12.11
N LEU A 76 41.77 12.41 -10.78
CA LEU A 76 42.93 12.17 -9.92
C LEU A 76 43.55 10.81 -10.21
N ARG A 77 42.73 9.77 -10.33
CA ARG A 77 43.26 8.45 -10.64
C ARG A 77 43.86 8.39 -12.03
N GLU A 78 43.16 8.95 -13.02
CA GLU A 78 43.56 8.81 -14.42
C GLU A 78 44.83 9.61 -14.73
N SER A 79 45.15 10.60 -13.91
CA SER A 79 46.32 11.44 -14.14
C SER A 79 47.62 10.68 -14.04
N ALA A 80 47.64 9.53 -13.34
CA ALA A 80 48.89 8.79 -13.15
C ALA A 80 49.40 8.20 -14.47
N GLY A 81 48.50 7.73 -15.33
CA GLY A 81 48.92 7.19 -16.62
C GLY A 81 49.68 8.20 -17.46
N PHE A 82 49.41 9.49 -17.27
CA PHE A 82 50.09 10.55 -18.00
C PHE A 82 51.26 11.13 -17.22
N GLY A 83 51.69 10.47 -16.15
CA GLY A 83 52.90 10.85 -15.46
C GLY A 83 52.71 11.63 -14.17
N TRP A 84 51.47 11.93 -13.80
CA TRP A 84 51.27 12.73 -12.60
C TRP A 84 51.45 11.85 -11.37
N GLU A 85 52.29 12.30 -10.45
CA GLU A 85 52.61 11.59 -9.21
C GLU A 85 52.22 12.48 -8.05
N PHE A 86 51.58 11.89 -7.03
CA PHE A 86 51.32 12.59 -5.77
C PHE A 86 50.94 11.56 -4.72
N ASP A 87 50.83 12.02 -3.48
CA ASP A 87 50.57 11.16 -2.33
C ASP A 87 49.12 10.67 -2.33
N GLY A 88 48.85 9.52 -2.97
CA GLY A 88 47.49 9.02 -3.03
C GLY A 88 46.84 8.83 -1.67
N SER A 89 47.64 8.48 -0.65
CA SER A 89 47.08 8.25 0.66
C SER A 89 46.53 9.52 1.30
N SER A 90 46.89 10.70 0.79
CA SER A 90 46.46 11.97 1.35
C SER A 90 45.13 12.46 0.78
N VAL A 91 44.55 11.76 -0.19
CA VAL A 91 43.41 12.28 -0.94
C VAL A 91 42.15 12.17 -0.08
N LYS A 92 41.41 13.27 0.04
CA LYS A 92 40.13 13.24 0.74
C LYS A 92 39.11 14.07 -0.02
N ALA A 93 37.87 13.60 -0.04
CA ALA A 93 36.76 14.31 -0.70
C ALA A 93 35.92 14.99 0.37
N ASN A 94 35.97 16.32 0.43
CA ASN A 94 35.28 17.07 1.46
C ASN A 94 33.89 17.48 0.95
N TRP A 95 32.89 16.68 1.33
CA TRP A 95 31.49 16.91 0.93
C TRP A 95 30.95 18.23 1.46
N LYS A 96 31.32 18.60 2.70
CA LYS A 96 30.82 19.85 3.25
C LYS A 96 31.25 21.05 2.41
N LYS A 97 32.49 21.04 1.90
CA LYS A 97 32.93 22.15 1.06
C LYS A 97 32.19 22.17 -0.27
N LEU A 98 31.96 21.00 -0.88
CA LEU A 98 31.15 20.94 -2.09
C LEU A 98 29.77 21.55 -1.86
N ILE A 99 29.08 21.12 -0.80
CA ILE A 99 27.72 21.59 -0.54
C ILE A 99 27.72 23.08 -0.28
N ALA A 100 28.72 23.60 0.46
CA ALA A 100 28.77 25.04 0.71
C ALA A 100 29.03 25.84 -0.56
N ALA A 101 29.85 25.31 -1.48
CA ALA A 101 30.12 26.02 -2.72
C ALA A 101 28.89 26.05 -3.59
N LYS A 102 28.19 24.91 -3.67
CA LYS A 102 26.93 24.81 -4.40
C LYS A 102 25.89 25.77 -3.81
N ASN A 103 25.78 25.81 -2.48
CA ASN A 103 24.78 26.69 -1.86
C ASN A 103 25.04 28.15 -2.21
N GLU A 104 26.31 28.59 -2.17
CA GLU A 104 26.61 29.98 -2.48
C GLU A 104 26.29 30.29 -3.93
N ALA A 105 26.59 29.36 -4.84
CA ALA A 105 26.26 29.57 -6.27
C ALA A 105 24.75 29.71 -6.47
N VAL A 106 23.95 28.80 -5.88
CA VAL A 106 22.50 28.85 -6.11
C VAL A 106 21.94 30.13 -5.52
N LEU A 107 22.37 30.49 -4.31
CA LEU A 107 21.89 31.70 -3.66
C LEU A 107 22.20 32.95 -4.49
N ASP A 108 23.36 32.98 -5.16
CA ASP A 108 23.68 34.09 -6.04
C ASP A 108 22.66 34.21 -7.17
N ILE A 109 22.22 33.08 -7.73
CA ILE A 109 21.18 33.11 -8.76
C ILE A 109 19.86 33.60 -8.16
N ASN A 110 19.47 33.04 -7.01
CA ASN A 110 18.28 33.53 -6.30
C ASN A 110 18.28 35.05 -6.22
N LYS A 111 19.39 35.62 -5.75
CA LYS A 111 19.43 37.05 -5.52
C LYS A 111 19.31 37.83 -6.82
N SER A 112 19.92 37.33 -7.89
CA SER A 112 19.81 38.03 -9.16
C SER A 112 18.37 38.02 -9.68
N TYR A 113 17.64 36.91 -9.50
CA TYR A 113 16.23 36.90 -9.90
C TYR A 113 15.41 37.85 -9.05
N GLU A 114 15.69 37.88 -7.75
CA GLU A 114 15.00 38.83 -6.88
C GLU A 114 15.22 40.27 -7.37
N GLY A 115 16.44 40.58 -7.81
CA GLY A 115 16.70 41.93 -8.28
C GLY A 115 16.04 42.23 -9.62
N MET A 116 15.92 41.23 -10.49
CA MET A 116 15.18 41.42 -11.74
C MET A 116 13.75 41.90 -11.47
N PHE A 117 13.05 41.25 -10.52
CA PHE A 117 11.69 41.66 -10.21
C PHE A 117 11.66 43.05 -9.60
N ASN A 118 12.53 43.31 -8.63
CA ASN A 118 12.58 44.63 -8.01
C ASN A 118 12.79 45.72 -9.06
N ASP A 119 13.44 45.40 -10.18
CA ASP A 119 13.85 46.42 -11.16
C ASP A 119 12.90 46.62 -12.34
N THR A 120 12.20 45.58 -12.79
CA THR A 120 11.65 45.54 -14.14
C THR A 120 10.20 46.04 -14.16
N GLU A 121 9.91 47.04 -14.99
CA GLU A 121 8.56 47.59 -15.05
C GLU A 121 7.58 46.56 -15.59
N GLY A 122 6.44 46.40 -14.91
CA GLY A 122 5.41 45.48 -15.36
C GLY A 122 5.67 44.01 -15.06
N LEU A 123 6.64 43.71 -14.23
CA LEU A 123 6.98 42.32 -13.87
C LEU A 123 7.15 42.27 -12.35
N ASP A 124 6.11 41.81 -11.64
CA ASP A 124 6.06 41.86 -10.19
C ASP A 124 6.06 40.45 -9.60
N PHE A 125 6.70 40.31 -8.43
CA PHE A 125 6.78 39.04 -7.73
C PHE A 125 5.96 39.07 -6.44
N PHE A 126 5.19 38.01 -6.20
CA PHE A 126 4.42 37.87 -4.96
C PHE A 126 4.79 36.55 -4.28
N LEU A 127 5.04 36.62 -2.98
CA LEU A 127 5.47 35.48 -2.19
C LEU A 127 4.27 34.81 -1.53
N GLY A 128 4.08 33.52 -1.80
CA GLY A 128 3.04 32.75 -1.16
C GLY A 128 2.60 31.62 -2.06
N TRP A 129 1.47 31.01 -1.71
CA TRP A 129 0.92 29.86 -2.42
C TRP A 129 -0.24 30.28 -3.31
N GLY A 130 -0.08 30.11 -4.62
CA GLY A 130 -1.12 30.54 -5.55
C GLY A 130 -2.13 29.44 -5.80
N SER A 131 -3.40 29.83 -5.93
CA SER A 131 -4.45 28.90 -6.32
C SER A 131 -5.52 29.67 -7.10
N LEU A 132 -6.37 28.92 -7.80
CA LEU A 132 -7.42 29.52 -8.65
C LEU A 132 -8.73 29.66 -7.86
N GLU A 133 -9.19 30.89 -7.72
CA GLU A 133 -10.49 31.13 -7.09
C GLU A 133 -11.60 31.18 -8.12
N SER A 134 -11.35 31.87 -9.23
CA SER A 134 -12.27 31.95 -10.34
C SER A 134 -11.44 32.16 -11.60
N LYS A 135 -12.14 32.19 -12.74
CA LYS A 135 -11.48 32.24 -14.04
C LYS A 135 -10.53 33.42 -14.17
N ASN A 136 -10.77 34.51 -13.41
CA ASN A 136 -9.93 35.70 -13.51
C ASN A 136 -9.38 36.15 -12.15
N VAL A 137 -9.31 35.27 -11.15
CA VAL A 137 -8.75 35.68 -9.85
C VAL A 137 -7.85 34.57 -9.33
N VAL A 138 -6.59 34.91 -9.06
CA VAL A 138 -5.63 34.02 -8.40
C VAL A 138 -5.50 34.51 -6.97
N VAL A 139 -5.65 33.61 -6.00
CA VAL A 139 -5.48 33.96 -4.59
C VAL A 139 -4.11 33.49 -4.15
N VAL A 140 -3.42 34.33 -3.37
CA VAL A 140 -2.13 33.99 -2.79
C VAL A 140 -2.33 33.86 -1.28
N ARG A 141 -2.03 32.68 -0.75
CA ARG A 141 -2.25 32.34 0.66
C ARG A 141 -0.91 32.09 1.35
N GLU A 142 -0.96 32.05 2.69
CA GLU A 142 0.28 31.89 3.47
C GLU A 142 0.84 30.47 3.39
N THR A 143 0.00 29.45 3.16
CA THR A 143 0.47 28.06 3.02
C THR A 143 -0.33 27.34 1.95
N ALA A 144 0.05 26.08 1.69
CA ALA A 144 -0.70 25.26 0.73
C ALA A 144 -2.11 24.92 1.21
N ASP A 145 -2.38 25.07 2.50
CA ASP A 145 -3.72 24.80 3.02
C ASP A 145 -4.68 25.87 2.52
N PRO A 146 -5.77 25.52 1.85
CA PRO A 146 -6.68 26.55 1.34
C PRO A 146 -7.45 27.28 2.42
N LYS A 147 -7.34 26.86 3.68
CA LYS A 147 -7.91 27.62 4.79
C LYS A 147 -6.92 28.64 5.36
N SER A 148 -5.69 28.66 4.86
CA SER A 148 -4.71 29.60 5.41
C SER A 148 -5.03 31.04 4.96
N ALA A 149 -4.35 31.99 5.58
CA ALA A 149 -4.70 33.39 5.41
C ALA A 149 -4.37 33.91 4.01
N VAL A 150 -5.22 34.81 3.50
CA VAL A 150 -5.02 35.41 2.19
C VAL A 150 -4.07 36.60 2.28
N LYS A 151 -2.98 36.57 1.51
CA LYS A 151 -2.04 37.69 1.41
C LYS A 151 -2.38 38.65 0.27
N GLU A 152 -2.79 38.13 -0.88
CA GLU A 152 -3.13 38.97 -2.03
C GLU A 152 -4.23 38.29 -2.83
N ARG A 153 -4.98 39.10 -3.56
CA ARG A 153 -5.80 38.60 -4.66
C ARG A 153 -5.35 39.28 -5.94
N LEU A 154 -5.01 38.48 -6.95
CA LEU A 154 -4.47 39.01 -8.20
C LEU A 154 -5.49 38.81 -9.32
N GLN A 155 -6.01 39.91 -9.87
CA GLN A 155 -6.91 39.81 -11.01
C GLN A 155 -6.10 39.57 -12.27
N ALA A 156 -6.61 38.71 -13.17
CA ALA A 156 -5.84 38.23 -14.31
C ALA A 156 -6.74 38.03 -15.52
N ASP A 157 -6.38 38.65 -16.66
CA ASP A 157 -7.05 38.31 -17.90
C ASP A 157 -6.65 36.92 -18.38
N HIS A 158 -5.40 36.52 -18.14
CA HIS A 158 -4.82 35.27 -18.58
C HIS A 158 -4.06 34.66 -17.41
N ILE A 159 -4.17 33.35 -17.21
CA ILE A 159 -3.51 32.69 -16.09
C ILE A 159 -2.65 31.54 -16.61
N LEU A 160 -1.39 31.49 -16.18
CA LEU A 160 -0.44 30.46 -16.57
C LEU A 160 -0.12 29.56 -15.37
N LEU A 161 -0.46 28.27 -15.47
CA LEU A 161 -0.09 27.27 -14.46
C LEU A 161 1.28 26.70 -14.81
N ALA A 162 2.29 26.90 -13.94
CA ALA A 162 3.66 26.46 -14.19
C ALA A 162 4.33 26.05 -12.87
N THR A 163 3.66 25.21 -12.09
CA THR A 163 4.09 24.81 -10.75
C THR A 163 5.03 23.60 -10.74
N GLY A 164 5.36 23.01 -11.90
CA GLY A 164 6.37 21.95 -11.92
C GLY A 164 5.89 20.59 -11.41
N SER A 165 6.82 19.82 -10.86
CA SER A 165 6.55 18.48 -10.34
C SER A 165 7.21 18.28 -8.97
N TRP A 166 7.08 17.07 -8.42
CA TRP A 166 7.50 16.75 -7.07
C TRP A 166 7.89 15.27 -7.00
N PRO A 167 8.84 14.88 -6.13
CA PRO A 167 9.22 13.46 -6.05
C PRO A 167 8.06 12.60 -5.59
N GLN A 168 7.95 11.42 -6.20
CA GLN A 168 6.98 10.40 -5.81
C GLN A 168 7.60 9.48 -4.76
N MET A 169 6.86 9.20 -3.69
CA MET A 169 7.33 8.32 -2.64
C MET A 169 6.41 7.10 -2.56
N PRO A 170 6.93 5.88 -2.64
CA PRO A 170 6.05 4.71 -2.64
C PRO A 170 5.50 4.44 -1.26
N ALA A 171 4.30 3.86 -1.21
CA ALA A 171 3.63 3.62 0.08
C ALA A 171 4.07 2.25 0.60
N ILE A 172 5.24 2.23 1.24
CA ILE A 172 5.77 1.02 1.85
C ILE A 172 5.97 1.28 3.34
N PRO A 173 5.90 0.26 4.20
CA PRO A 173 6.19 0.49 5.62
C PRO A 173 7.60 1.05 5.80
N GLY A 174 7.72 2.05 6.66
CA GLY A 174 9.01 2.67 6.90
C GLY A 174 9.43 3.73 5.90
N ILE A 175 8.52 4.17 5.02
CA ILE A 175 8.90 5.19 4.04
C ILE A 175 9.37 6.47 4.71
N GLU A 176 8.96 6.72 5.97
CA GLU A 176 9.42 7.91 6.69
C GLU A 176 10.92 7.88 6.98
N HIS A 177 11.58 6.74 6.83
CA HIS A 177 13.03 6.68 7.04
C HIS A 177 13.80 7.00 5.77
N CYS A 178 13.12 7.30 4.68
CA CYS A 178 13.73 7.50 3.37
C CYS A 178 13.68 8.98 2.98
N ILE A 179 14.50 9.36 2.00
CA ILE A 179 14.54 10.73 1.50
C ILE A 179 14.33 10.72 -0.01
N SER A 180 14.30 11.93 -0.58
CA SER A 180 14.27 12.14 -2.03
C SER A 180 15.48 12.98 -2.45
N SER A 181 15.54 13.33 -3.74
CA SER A 181 16.64 14.19 -4.19
C SER A 181 16.64 15.53 -3.48
N ASN A 182 15.47 16.04 -3.08
CA ASN A 182 15.43 17.34 -2.39
C ASN A 182 16.35 17.32 -1.19
N GLU A 183 16.21 16.30 -0.34
CA GLU A 183 17.01 16.23 0.88
C GLU A 183 18.45 15.88 0.57
N ALA A 184 18.70 15.12 -0.49
CA ALA A 184 20.05 14.74 -0.84
C ALA A 184 20.96 15.96 -1.03
N PHE A 185 20.40 17.07 -1.53
CA PHE A 185 21.14 18.29 -1.79
C PHE A 185 21.63 18.96 -0.51
N TYR A 186 21.14 18.53 0.67
CA TYR A 186 21.47 19.19 1.93
C TYR A 186 22.01 18.24 3.00
N LEU A 187 22.39 17.02 2.65
CA LEU A 187 22.91 16.11 3.66
C LEU A 187 24.10 16.73 4.37
N PRO A 188 24.13 16.72 5.71
CA PRO A 188 25.27 17.33 6.41
C PRO A 188 26.59 16.61 6.17
N GLU A 189 26.55 15.30 5.98
CA GLU A 189 27.73 14.48 5.74
C GLU A 189 27.42 13.51 4.61
N PRO A 190 28.42 13.08 3.85
CA PRO A 190 28.19 12.11 2.78
C PRO A 190 27.99 10.72 3.36
N PRO A 191 27.00 9.97 2.87
CA PRO A 191 26.69 8.67 3.49
C PRO A 191 27.78 7.64 3.20
N ARG A 192 28.11 6.86 4.24
CA ARG A 192 29.03 5.75 4.05
C ARG A 192 28.43 4.68 3.14
N ARG A 193 27.17 4.30 3.41
CA ARG A 193 26.41 3.35 2.60
C ARG A 193 25.10 4.00 2.20
N VAL A 194 24.78 3.97 0.91
CA VAL A 194 23.53 4.57 0.43
C VAL A 194 22.93 3.65 -0.62
N LEU A 195 21.60 3.53 -0.58
CA LEU A 195 20.82 2.90 -1.63
C LEU A 195 20.07 3.99 -2.38
N THR A 196 20.31 4.12 -3.69
CA THR A 196 19.44 4.93 -4.54
C THR A 196 18.45 3.99 -5.22
N VAL A 197 17.17 4.30 -5.08
CA VAL A 197 16.07 3.47 -5.57
C VAL A 197 15.53 4.07 -6.86
N GLY A 198 15.69 3.38 -7.97
CA GLY A 198 15.18 3.84 -9.24
C GLY A 198 16.20 3.61 -10.34
N GLY A 199 15.70 3.48 -11.57
CA GLY A 199 16.53 3.26 -12.73
C GLY A 199 16.66 4.46 -13.66
N GLY A 200 16.07 5.60 -13.29
CA GLY A 200 16.09 6.78 -14.15
C GLY A 200 17.27 7.68 -13.88
N PHE A 201 17.29 8.82 -14.57
CA PHE A 201 18.50 9.63 -14.59
C PHE A 201 18.86 10.20 -13.22
N ILE A 202 17.88 10.50 -12.38
CA ILE A 202 18.20 11.10 -11.09
C ILE A 202 18.87 10.08 -10.18
N SER A 203 18.36 8.86 -10.14
CA SER A 203 19.02 7.80 -9.36
C SER A 203 20.44 7.54 -9.84
N VAL A 204 20.63 7.47 -11.17
CA VAL A 204 21.94 7.18 -11.73
C VAL A 204 22.91 8.31 -11.43
N GLU A 205 22.47 9.56 -11.64
CA GLU A 205 23.36 10.70 -11.39
C GLU A 205 23.77 10.78 -9.93
N PHE A 206 22.82 10.60 -9.01
CA PHE A 206 23.17 10.67 -7.59
C PHE A 206 24.03 9.49 -7.17
N ALA A 207 23.84 8.33 -7.78
CA ALA A 207 24.75 7.22 -7.46
C ALA A 207 26.18 7.61 -7.77
N GLY A 208 26.41 8.28 -8.90
CA GLY A 208 27.76 8.73 -9.22
C GLY A 208 28.31 9.75 -8.24
N ILE A 209 27.47 10.69 -7.79
CA ILE A 209 27.93 11.71 -6.86
C ILE A 209 28.33 11.08 -5.54
N PHE A 210 27.45 10.26 -4.97
CA PHE A 210 27.75 9.60 -3.70
C PHE A 210 28.95 8.68 -3.81
N ASN A 211 29.16 8.07 -4.97
CA ASN A 211 30.29 7.15 -5.14
C ASN A 211 31.61 7.89 -5.00
N ALA A 212 31.69 9.14 -5.46
CA ALA A 212 32.93 9.91 -5.37
C ALA A 212 33.18 10.47 -3.98
N TYR A 213 32.13 10.85 -3.23
CA TYR A 213 32.33 11.55 -1.98
C TYR A 213 32.20 10.64 -0.75
N LYS A 214 31.95 9.35 -0.97
CA LYS A 214 31.74 8.44 0.15
C LYS A 214 33.01 8.37 0.99
N PRO A 215 32.88 8.23 2.31
CA PRO A 215 34.07 8.11 3.16
C PRO A 215 34.75 6.76 2.96
N PRO A 216 35.96 6.60 3.49
CA PRO A 216 36.70 5.34 3.32
C PRO A 216 35.85 4.13 3.67
N GLY A 217 35.90 3.12 2.81
CA GLY A 217 35.18 1.88 3.04
C GLY A 217 33.69 1.96 2.80
N GLY A 218 33.19 3.02 2.17
CA GLY A 218 31.78 3.11 1.86
C GLY A 218 31.40 2.33 0.62
N LYS A 219 30.09 2.31 0.35
CA LYS A 219 29.56 1.58 -0.79
C LYS A 219 28.25 2.22 -1.23
N VAL A 220 28.12 2.44 -2.55
CA VAL A 220 26.88 2.91 -3.16
C VAL A 220 26.19 1.74 -3.84
N THR A 221 24.91 1.55 -3.54
CA THR A 221 24.07 0.57 -4.21
C THR A 221 22.90 1.26 -4.91
N LEU A 222 22.65 0.85 -6.15
CA LEU A 222 21.48 1.33 -6.90
C LEU A 222 20.60 0.12 -7.16
N CYS A 223 19.31 0.23 -6.86
CA CYS A 223 18.37 -0.85 -7.19
C CYS A 223 17.31 -0.36 -8.16
N TYR A 224 16.82 -1.29 -8.98
CA TYR A 224 15.79 -1.00 -9.98
C TYR A 224 14.89 -2.22 -10.13
N ARG A 225 13.58 -1.99 -10.20
CA ARG A 225 12.63 -3.10 -10.11
C ARG A 225 12.55 -3.93 -11.38
N ASN A 226 12.96 -3.39 -12.52
CA ASN A 226 12.96 -4.14 -13.77
C ASN A 226 14.40 -4.55 -14.14
N ASN A 227 14.59 -5.06 -15.36
CA ASN A 227 15.82 -5.80 -15.66
C ASN A 227 17.00 -4.92 -16.06
N LEU A 228 16.76 -3.71 -16.56
CA LEU A 228 17.83 -2.91 -17.13
C LEU A 228 17.51 -1.45 -16.89
N ILE A 229 18.46 -0.71 -16.30
CA ILE A 229 18.21 0.69 -15.96
C ILE A 229 18.06 1.55 -17.21
N LEU A 230 17.55 2.77 -17.00
CA LEU A 230 17.50 3.86 -17.98
C LEU A 230 16.58 3.54 -19.16
N ARG A 231 15.40 2.99 -18.84
N ARG A 231 15.40 2.99 -18.84
CA ARG A 231 14.37 2.78 -19.86
CA ARG A 231 14.36 2.81 -19.85
C ARG A 231 14.11 4.07 -20.63
C ARG A 231 14.16 4.09 -20.64
N GLY A 232 13.92 3.94 -21.94
CA GLY A 232 13.75 5.06 -22.82
C GLY A 232 15.00 5.49 -23.58
N PHE A 233 16.18 5.13 -23.07
CA PHE A 233 17.44 5.42 -23.76
C PHE A 233 17.84 4.24 -24.62
N ASP A 234 18.80 4.50 -25.52
CA ASP A 234 19.34 3.47 -26.41
C ASP A 234 19.77 2.24 -25.61
N GLU A 235 19.42 1.06 -26.12
CA GLU A 235 19.63 -0.15 -25.31
C GLU A 235 21.11 -0.51 -25.19
N THR A 236 21.89 -0.33 -26.26
CA THR A 236 23.34 -0.50 -26.16
C THR A 236 23.92 0.37 -25.06
N ILE A 237 23.47 1.63 -25.00
CA ILE A 237 23.96 2.56 -23.99
C ILE A 237 23.47 2.16 -22.60
N ARG A 238 22.24 1.67 -22.50
CA ARG A 238 21.76 1.20 -21.20
C ARG A 238 22.67 0.11 -20.63
N GLU A 239 23.02 -0.87 -21.47
CA GLU A 239 23.91 -1.95 -21.03
C GLU A 239 25.31 -1.46 -20.71
N GLU A 240 25.86 -0.58 -21.54
CA GLU A 240 27.21 -0.06 -21.29
C GLU A 240 27.29 0.82 -20.04
N VAL A 241 26.34 1.73 -19.84
CA VAL A 241 26.35 2.53 -18.63
C VAL A 241 26.34 1.62 -17.40
N THR A 242 25.53 0.56 -17.45
CA THR A 242 25.48 -0.39 -16.34
C THR A 242 26.87 -0.95 -16.05
N LYS A 243 27.57 -1.40 -17.09
CA LYS A 243 28.90 -1.98 -16.93
C LYS A 243 29.90 -0.95 -16.39
N GLN A 244 29.81 0.31 -16.86
CA GLN A 244 30.81 1.28 -16.45
C GLN A 244 30.55 1.83 -15.05
N LEU A 245 29.30 1.87 -14.62
CA LEU A 245 29.03 2.17 -13.22
C LEU A 245 29.55 1.06 -12.33
N THR A 246 29.27 -0.19 -12.70
CA THR A 246 29.81 -1.33 -11.96
C THR A 246 31.33 -1.26 -11.86
N ALA A 247 31.99 -0.89 -12.96
CA ALA A 247 33.45 -0.86 -13.00
C ALA A 247 34.02 0.20 -12.07
N ASN A 248 33.25 1.24 -11.74
CA ASN A 248 33.69 2.28 -10.81
C ASN A 248 33.21 2.00 -9.37
N GLY A 249 32.74 0.78 -9.10
CA GLY A 249 32.47 0.36 -7.74
C GLY A 249 31.04 0.52 -7.25
N ILE A 250 30.09 0.86 -8.12
CA ILE A 250 28.67 0.95 -7.75
C ILE A 250 28.03 -0.41 -7.97
N GLU A 251 27.28 -0.89 -6.97
CA GLU A 251 26.58 -2.16 -7.07
C GLU A 251 25.17 -1.93 -7.62
N ILE A 252 24.85 -2.57 -8.75
CA ILE A 252 23.55 -2.36 -9.40
C ILE A 252 22.70 -3.60 -9.16
N MET A 253 21.64 -3.46 -8.37
CA MET A 253 20.68 -4.53 -8.08
C MET A 253 19.46 -4.40 -9.00
N THR A 254 19.45 -5.13 -10.10
CA THR A 254 18.27 -5.12 -10.95
C THR A 254 17.30 -6.22 -10.54
N ASN A 255 16.04 -6.06 -10.98
CA ASN A 255 14.92 -6.94 -10.60
C ASN A 255 14.75 -6.99 -9.09
N GLU A 256 14.93 -5.84 -8.42
CA GLU A 256 14.79 -5.76 -6.98
C GLU A 256 14.07 -4.48 -6.59
N ASN A 257 13.30 -4.55 -5.50
CA ASN A 257 12.45 -3.43 -5.11
C ASN A 257 12.19 -3.45 -3.61
N PRO A 258 12.42 -2.34 -2.91
CA PRO A 258 12.21 -2.33 -1.45
C PRO A 258 10.77 -2.65 -1.09
N ALA A 259 10.60 -3.51 -0.09
CA ALA A 259 9.29 -3.84 0.46
C ALA A 259 9.00 -3.09 1.75
N LYS A 260 10.03 -2.82 2.54
CA LYS A 260 9.85 -2.13 3.81
C LYS A 260 11.22 -1.66 4.27
N VAL A 261 11.21 -0.65 5.13
CA VAL A 261 12.42 -0.14 5.77
C VAL A 261 12.17 -0.02 7.26
N SER A 262 13.14 -0.45 8.06
CA SER A 262 13.09 -0.31 9.51
C SER A 262 14.44 0.20 10.00
N LEU A 263 14.47 0.64 11.25
CA LEU A 263 15.71 1.11 11.86
C LEU A 263 16.33 0.01 12.70
N ASN A 264 17.62 -0.25 12.46
CA ASN A 264 18.43 -1.08 13.34
C ASN A 264 18.65 -0.35 14.68
N THR A 265 19.13 -1.09 15.67
CA THR A 265 19.30 -0.48 16.98
C THR A 265 20.33 0.65 16.95
N ASP A 266 21.28 0.62 16.02
CA ASP A 266 22.24 1.71 15.90
C ASP A 266 21.72 2.86 15.05
N GLY A 267 20.49 2.80 14.56
CA GLY A 267 19.93 3.90 13.80
C GLY A 267 20.13 3.84 12.30
N SER A 268 20.92 2.89 11.80
CA SER A 268 21.00 2.70 10.36
C SER A 268 19.70 2.09 9.83
N LYS A 269 19.52 2.16 8.50
CA LYS A 269 18.32 1.66 7.84
C LYS A 269 18.52 0.20 7.43
N HIS A 270 17.56 -0.64 7.78
CA HIS A 270 17.51 -2.05 7.36
C HIS A 270 16.45 -2.16 6.27
N VAL A 271 16.90 -2.35 5.01
CA VAL A 271 15.97 -2.49 3.88
C VAL A 271 15.71 -3.97 3.63
N THR A 272 14.43 -4.35 3.52
CA THR A 272 14.04 -5.67 3.04
C THR A 272 13.42 -5.55 1.66
N PHE A 273 14.00 -6.25 0.69
CA PHE A 273 13.46 -6.27 -0.65
C PHE A 273 12.30 -7.27 -0.74
N GLU A 274 11.49 -7.11 -1.79
CA GLU A 274 10.40 -8.07 -2.05
C GLU A 274 10.92 -9.50 -2.17
N SER A 275 12.15 -9.67 -2.67
CA SER A 275 12.74 -10.99 -2.80
C SER A 275 13.17 -11.59 -1.47
N GLY A 276 13.27 -10.78 -0.42
CA GLY A 276 13.77 -11.24 0.86
C GLY A 276 15.22 -10.92 1.13
N LYS A 277 15.98 -10.52 0.12
CA LYS A 277 17.30 -9.96 0.35
C LYS A 277 17.20 -8.80 1.32
N THR A 278 18.28 -8.51 2.03
CA THR A 278 18.34 -7.39 2.95
C THR A 278 19.60 -6.59 2.68
N LEU A 279 19.55 -5.32 3.05
CA LEU A 279 20.69 -4.43 2.90
C LEU A 279 20.64 -3.39 4.01
N ASP A 280 21.78 -3.19 4.67
CA ASP A 280 21.91 -2.14 5.67
C ASP A 280 22.65 -0.93 5.09
N VAL A 281 22.02 0.24 5.18
CA VAL A 281 22.57 1.47 4.63
C VAL A 281 22.30 2.62 5.61
N ASP A 282 22.99 3.73 5.38
CA ASP A 282 22.80 4.94 6.18
C ASP A 282 21.79 5.91 5.58
N VAL A 283 21.56 5.84 4.27
CA VAL A 283 20.59 6.70 3.59
C VAL A 283 19.88 5.87 2.53
N VAL A 284 18.56 6.02 2.46
CA VAL A 284 17.77 5.48 1.36
C VAL A 284 17.21 6.68 0.60
N MET A 285 17.65 6.87 -0.65
CA MET A 285 17.10 7.94 -1.52
C MET A 285 16.19 7.34 -2.57
N MET A 286 14.92 7.72 -2.52
CA MET A 286 13.91 7.29 -3.48
C MET A 286 13.96 8.23 -4.69
N ALA A 287 14.13 7.65 -5.89
CA ALA A 287 14.14 8.40 -7.13
C ALA A 287 13.39 7.59 -8.19
N ILE A 288 12.14 7.25 -7.85
CA ILE A 288 11.31 6.38 -8.67
C ILE A 288 10.36 7.13 -9.59
N GLY A 289 10.36 8.45 -9.55
CA GLY A 289 9.51 9.21 -10.46
C GLY A 289 9.17 10.56 -9.87
N ARG A 290 8.69 11.44 -10.74
CA ARG A 290 8.23 12.76 -10.33
C ARG A 290 6.82 12.99 -10.86
N ILE A 291 5.96 13.58 -10.03
CA ILE A 291 4.55 13.73 -10.40
C ILE A 291 4.17 15.20 -10.48
N PRO A 292 3.24 15.58 -11.36
CA PRO A 292 2.90 17.01 -11.52
C PRO A 292 2.24 17.58 -10.27
N ARG A 293 2.55 18.84 -9.99
CA ARG A 293 2.10 19.52 -8.77
C ARG A 293 0.78 20.26 -9.05
N THR A 294 -0.32 19.51 -8.98
CA THR A 294 -1.63 20.08 -9.22
C THR A 294 -2.47 20.22 -7.96
N ASN A 295 -2.19 19.44 -6.91
CA ASN A 295 -3.10 19.34 -5.78
C ASN A 295 -3.40 20.69 -5.16
N ASP A 296 -2.40 21.56 -5.05
CA ASP A 296 -2.61 22.77 -4.25
C ASP A 296 -3.26 23.91 -5.02
N LEU A 297 -3.48 23.73 -6.33
CA LEU A 297 -3.99 24.81 -7.18
C LEU A 297 -5.51 24.98 -7.08
N GLN A 298 -6.20 24.03 -6.45
CA GLN A 298 -7.67 24.02 -6.36
C GLN A 298 -8.31 24.16 -7.73
N LEU A 299 -7.90 23.30 -8.66
CA LEU A 299 -8.37 23.42 -10.04
C LEU A 299 -9.87 23.15 -10.17
N GLY A 300 -10.45 22.40 -9.23
CA GLY A 300 -11.89 22.21 -9.23
C GLY A 300 -12.68 23.50 -9.14
N ASN A 301 -12.09 24.57 -8.61
CA ASN A 301 -12.85 25.81 -8.51
C ASN A 301 -13.24 26.32 -9.89
N VAL A 302 -12.44 26.02 -10.91
CA VAL A 302 -12.68 26.52 -12.26
C VAL A 302 -12.90 25.41 -13.27
N GLY A 303 -12.68 24.15 -12.91
CA GLY A 303 -12.99 23.05 -13.80
C GLY A 303 -11.91 22.72 -14.80
N VAL A 304 -10.65 23.03 -14.48
CA VAL A 304 -9.55 22.66 -15.36
C VAL A 304 -9.37 21.15 -15.34
N LYS A 305 -9.36 20.54 -16.53
CA LYS A 305 -9.32 19.09 -16.62
C LYS A 305 -7.90 18.56 -16.51
N LEU A 306 -7.75 17.49 -15.74
CA LEU A 306 -6.51 16.73 -15.62
C LEU A 306 -6.57 15.50 -16.51
N THR A 307 -5.39 15.00 -16.88
CA THR A 307 -5.37 13.75 -17.64
C THR A 307 -5.52 12.58 -16.68
N PRO A 308 -5.85 11.39 -17.22
CA PRO A 308 -5.82 10.19 -16.37
C PRO A 308 -4.52 10.08 -15.60
N LYS A 309 -3.41 10.32 -16.28
CA LYS A 309 -2.09 10.25 -15.66
C LYS A 309 -1.98 11.23 -14.49
N GLY A 310 -2.62 12.39 -14.57
CA GLY A 310 -2.58 13.38 -13.50
C GLY A 310 -2.04 14.75 -13.88
N GLY A 311 -1.55 14.95 -15.09
CA GLY A 311 -1.10 16.27 -15.50
C GLY A 311 -2.27 17.13 -15.97
N VAL A 312 -2.01 18.42 -16.07
CA VAL A 312 -3.01 19.31 -16.66
C VAL A 312 -3.10 19.00 -18.15
N GLN A 313 -4.31 18.74 -18.63
CA GLN A 313 -4.48 18.49 -20.05
C GLN A 313 -4.32 19.79 -20.85
N VAL A 314 -3.53 19.73 -21.93
CA VAL A 314 -3.34 20.88 -22.80
C VAL A 314 -3.40 20.47 -24.26
N ASP A 315 -3.73 21.44 -25.13
CA ASP A 315 -3.63 21.24 -26.56
C ASP A 315 -2.23 21.66 -27.02
N GLU A 316 -2.00 21.69 -28.32
CA GLU A 316 -0.65 21.96 -28.82
C GLU A 316 -0.18 23.38 -28.49
N PHE A 317 -1.10 24.29 -28.17
CA PHE A 317 -0.76 25.67 -27.83
C PHE A 317 -0.83 25.91 -26.33
N SER A 318 -0.78 24.85 -25.52
CA SER A 318 -0.72 24.97 -24.06
C SER A 318 -2.04 25.40 -23.43
N ARG A 319 -3.15 25.37 -24.18
CA ARG A 319 -4.43 25.83 -23.63
C ARG A 319 -5.13 24.71 -22.88
N THR A 320 -5.65 25.02 -21.68
CA THR A 320 -6.51 24.08 -20.96
C THR A 320 -7.91 24.11 -21.58
N ASN A 321 -8.87 23.42 -20.96
CA ASN A 321 -10.26 23.48 -21.43
C ASN A 321 -10.96 24.76 -21.01
N VAL A 322 -10.32 25.58 -20.17
CA VAL A 322 -10.83 26.88 -19.78
C VAL A 322 -10.08 27.94 -20.60
N PRO A 323 -10.77 28.75 -21.42
CA PRO A 323 -10.10 29.46 -22.54
C PRO A 323 -8.87 30.28 -22.20
N ASN A 324 -8.88 31.00 -21.09
CA ASN A 324 -7.82 31.94 -20.74
C ASN A 324 -6.85 31.38 -19.71
N ILE A 325 -6.86 30.07 -19.48
CA ILE A 325 -5.97 29.41 -18.53
C ILE A 325 -5.06 28.46 -19.30
N TYR A 326 -3.75 28.58 -19.08
CA TYR A 326 -2.74 27.83 -19.82
C TYR A 326 -1.88 27.03 -18.84
N ALA A 327 -1.12 26.07 -19.37
CA ALA A 327 -0.22 25.27 -18.55
C ALA A 327 0.97 24.82 -19.39
N ILE A 328 2.17 24.93 -18.81
CA ILE A 328 3.41 24.55 -19.46
C ILE A 328 4.30 23.85 -18.45
N GLY A 329 5.32 23.15 -18.97
CA GLY A 329 6.34 22.57 -18.09
C GLY A 329 5.91 21.24 -17.48
N ASP A 330 6.58 20.87 -16.39
CA ASP A 330 6.37 19.56 -15.77
C ASP A 330 4.92 19.33 -15.36
N ILE A 331 4.15 20.39 -15.07
CA ILE A 331 2.77 20.19 -14.67
C ILE A 331 1.96 19.48 -15.76
N THR A 332 2.41 19.54 -17.02
CA THR A 332 1.72 18.86 -18.11
C THR A 332 2.14 17.39 -18.26
N ASP A 333 3.12 16.95 -17.46
CA ASP A 333 3.47 15.53 -17.32
C ASP A 333 3.81 14.89 -18.66
N ARG A 334 4.71 15.53 -19.39
CA ARG A 334 5.18 15.07 -20.70
C ARG A 334 6.69 14.94 -20.63
N LEU A 335 7.45 15.75 -21.38
CA LEU A 335 8.90 15.80 -21.23
C LEU A 335 9.26 16.76 -20.11
N MET A 336 9.86 16.24 -19.04
CA MET A 336 10.24 17.08 -17.90
C MET A 336 11.69 17.52 -18.07
N LEU A 337 11.89 18.54 -18.90
CA LEU A 337 13.18 19.19 -19.14
C LEU A 337 13.03 20.71 -19.05
N THR A 338 14.04 21.36 -18.48
CA THR A 338 14.01 22.82 -18.36
C THR A 338 13.92 23.53 -19.71
N PRO A 339 14.70 23.16 -20.74
CA PRO A 339 14.61 23.93 -22.00
C PRO A 339 13.29 23.73 -22.73
N VAL A 340 12.59 22.61 -22.50
CA VAL A 340 11.26 22.44 -23.08
C VAL A 340 10.26 23.38 -22.41
N ALA A 341 10.30 23.48 -21.07
CA ALA A 341 9.41 24.41 -20.39
C ALA A 341 9.66 25.85 -20.86
N ILE A 342 10.93 26.22 -21.02
CA ILE A 342 11.27 27.56 -21.49
C ILE A 342 10.69 27.79 -22.89
N ASN A 343 10.87 26.81 -23.79
CA ASN A 343 10.34 26.94 -25.15
C ASN A 343 8.82 27.05 -25.15
N GLU A 344 8.12 26.24 -24.35
CA GLU A 344 6.66 26.34 -24.26
C GLU A 344 6.23 27.72 -23.79
N GLY A 345 6.93 28.28 -22.80
CA GLY A 345 6.56 29.56 -22.26
C GLY A 345 6.75 30.70 -23.25
N ALA A 346 7.87 30.70 -23.97
CA ALA A 346 8.08 31.69 -25.01
C ALA A 346 7.04 31.56 -26.12
N ALA A 347 6.75 30.32 -26.55
CA ALA A 347 5.78 30.14 -27.63
C ALA A 347 4.39 30.61 -27.21
N LEU A 348 3.99 30.28 -25.98
CA LEU A 348 2.69 30.71 -25.48
C LEU A 348 2.54 32.23 -25.52
N VAL A 349 3.57 32.95 -25.07
CA VAL A 349 3.47 34.41 -24.98
C VAL A 349 3.49 35.04 -26.38
N ASP A 350 4.33 34.51 -27.28
CA ASP A 350 4.29 34.99 -28.66
C ASP A 350 2.90 34.80 -29.25
N THR A 351 2.24 33.70 -28.90
CA THR A 351 0.92 33.42 -29.47
C THR A 351 -0.15 34.33 -28.88
N VAL A 352 -0.18 34.43 -27.55
CA VAL A 352 -1.26 35.15 -26.88
C VAL A 352 -1.10 36.64 -27.03
N PHE A 353 0.11 37.17 -26.83
CA PHE A 353 0.32 38.61 -26.81
C PHE A 353 1.06 39.17 -28.03
N GLY A 354 1.63 38.32 -28.87
CA GLY A 354 2.43 38.82 -29.97
C GLY A 354 1.83 38.60 -31.34
N ASN A 355 0.62 38.05 -31.38
CA ASN A 355 -0.07 37.68 -32.62
C ASN A 355 0.89 37.05 -33.62
N LYS A 356 1.77 36.18 -33.14
CA LYS A 356 2.66 35.37 -33.97
C LYS A 356 2.56 33.95 -33.43
N PRO A 357 1.54 33.21 -33.83
CA PRO A 357 1.26 31.92 -33.20
C PRO A 357 2.39 30.92 -33.44
N ARG A 358 2.64 30.08 -32.44
CA ARG A 358 3.73 29.12 -32.53
C ARG A 358 3.48 28.02 -31.51
N LYS A 359 3.78 26.77 -31.89
CA LYS A 359 3.69 25.67 -30.95
C LYS A 359 5.05 25.00 -30.79
N THR A 360 5.31 24.51 -29.58
CA THR A 360 6.54 23.78 -29.31
C THR A 360 6.59 22.45 -30.05
N ASP A 361 7.74 22.15 -30.64
CA ASP A 361 8.00 20.85 -31.25
C ASP A 361 8.58 19.93 -30.17
N HIS A 362 7.83 18.91 -29.78
CA HIS A 362 8.27 17.98 -28.75
C HIS A 362 9.05 16.80 -29.32
N THR A 363 9.35 16.82 -30.61
CA THR A 363 10.14 15.77 -31.23
C THR A 363 11.58 16.26 -31.44
N ARG A 364 12.50 15.30 -31.48
CA ARG A 364 13.89 15.58 -31.81
C ARG A 364 14.51 16.55 -30.79
N VAL A 365 14.09 16.41 -29.53
CA VAL A 365 14.65 17.21 -28.44
C VAL A 365 15.94 16.56 -27.96
N ALA A 366 17.03 17.31 -27.99
CA ALA A 366 18.29 16.84 -27.44
C ALA A 366 18.27 16.89 -25.91
N SER A 367 18.91 15.90 -25.28
CA SER A 367 18.95 15.84 -23.82
C SER A 367 20.18 15.03 -23.39
N ALA A 368 20.46 15.04 -22.08
CA ALA A 368 21.69 14.44 -21.56
C ALA A 368 21.42 13.72 -20.23
N VAL A 369 22.28 12.76 -19.91
CA VAL A 369 22.34 12.21 -18.55
C VAL A 369 23.77 12.45 -18.06
N PHE A 370 23.91 13.14 -16.93
CA PHE A 370 25.25 13.40 -16.40
C PHE A 370 25.69 12.29 -15.46
N SER A 371 25.54 11.07 -15.95
CA SER A 371 26.23 9.93 -15.39
C SER A 371 27.72 10.08 -15.62
N ILE A 372 28.50 9.20 -14.99
CA ILE A 372 29.93 9.15 -15.20
C ILE A 372 30.28 7.80 -15.80
N PRO A 373 30.57 7.74 -17.11
CA PRO A 373 30.58 8.84 -18.10
C PRO A 373 29.17 9.18 -18.61
N PRO A 374 29.00 10.31 -19.29
CA PRO A 374 27.66 10.83 -19.58
C PRO A 374 27.06 10.38 -20.92
N ILE A 375 25.76 10.63 -21.04
CA ILE A 375 24.95 10.31 -22.22
C ILE A 375 24.48 11.59 -22.90
N GLY A 376 24.55 11.61 -24.23
CA GLY A 376 23.89 12.65 -25.00
C GLY A 376 23.02 12.02 -26.06
N THR A 377 21.78 12.49 -26.21
CA THR A 377 20.86 11.84 -27.13
C THR A 377 19.90 12.85 -27.75
N CYS A 378 19.44 12.53 -28.96
CA CYS A 378 18.43 13.32 -29.64
C CYS A 378 17.66 12.43 -30.59
N GLY A 379 16.34 12.41 -30.46
CA GLY A 379 15.52 11.65 -31.41
C GLY A 379 15.22 10.22 -30.98
N LEU A 380 14.83 9.41 -31.96
CA LEU A 380 14.24 8.10 -31.70
C LEU A 380 15.27 7.02 -31.41
N ILE A 381 14.96 6.14 -30.45
CA ILE A 381 15.71 4.90 -30.30
C ILE A 381 15.25 3.90 -31.36
N GLU A 382 16.12 2.95 -31.68
CA GLU A 382 15.91 2.15 -32.89
C GLU A 382 14.65 1.28 -32.78
N GLU A 383 14.32 0.76 -31.58
CA GLU A 383 13.16 -0.12 -31.50
C GLU A 383 11.86 0.66 -31.69
N VAL A 384 11.85 1.94 -31.32
CA VAL A 384 10.70 2.80 -31.59
C VAL A 384 10.63 3.12 -33.08
N ALA A 385 11.76 3.47 -33.68
CA ALA A 385 11.78 3.74 -35.11
C ALA A 385 11.30 2.54 -35.92
N ALA A 386 11.68 1.33 -35.49
CA ALA A 386 11.33 0.11 -36.23
C ALA A 386 9.82 -0.13 -36.26
N LYS A 387 9.08 0.45 -35.33
CA LYS A 387 7.63 0.32 -35.36
C LYS A 387 6.99 1.29 -36.36
N GLU A 388 7.64 2.40 -36.66
CA GLU A 388 7.05 3.41 -37.52
C GLU A 388 7.58 3.40 -38.95
N PHE A 389 8.73 2.78 -39.19
CA PHE A 389 9.34 2.81 -40.52
C PHE A 389 9.59 1.40 -41.02
N GLU A 390 9.31 1.17 -42.30
CA GLU A 390 9.44 -0.17 -42.85
C GLU A 390 10.89 -0.65 -42.81
N LYS A 391 11.86 0.23 -43.12
CA LYS A 391 13.26 -0.14 -43.08
C LYS A 391 14.04 0.89 -42.28
N VAL A 392 14.76 0.42 -41.26
CA VAL A 392 15.57 1.27 -40.38
C VAL A 392 17.01 0.79 -40.44
N ALA A 393 17.94 1.72 -40.54
CA ALA A 393 19.35 1.35 -40.49
C ALA A 393 19.96 1.91 -39.20
N VAL A 394 20.93 1.16 -38.66
CA VAL A 394 21.67 1.56 -37.47
C VAL A 394 23.15 1.56 -37.82
N TYR A 395 23.78 2.73 -37.64
CA TYR A 395 25.23 2.90 -37.77
C TYR A 395 25.79 3.00 -36.35
N MET A 396 26.82 2.21 -36.05
CA MET A 396 27.31 2.10 -34.67
C MET A 396 28.82 2.01 -34.61
N SER A 397 29.42 2.80 -33.71
CA SER A 397 30.84 2.74 -33.40
C SER A 397 30.98 2.63 -31.89
N SER A 398 31.74 1.64 -31.42
CA SER A 398 31.93 1.50 -29.98
C SER A 398 33.34 0.98 -29.72
N PHE A 399 34.12 1.74 -28.94
CA PHE A 399 35.51 1.37 -28.69
C PHE A 399 35.99 2.18 -27.50
N THR A 400 37.01 1.67 -26.82
CA THR A 400 37.69 2.47 -25.80
C THR A 400 38.61 3.46 -26.48
N PRO A 401 38.45 4.77 -26.24
CA PRO A 401 39.34 5.76 -26.85
C PRO A 401 40.78 5.60 -26.35
N LEU A 402 41.73 6.00 -27.20
CA LEU A 402 43.14 5.81 -26.89
C LEU A 402 43.52 6.41 -25.54
N MET A 403 42.99 7.58 -25.20
CA MET A 403 43.42 8.20 -23.95
C MET A 403 43.05 7.34 -22.75
N HIS A 404 41.98 6.56 -22.83
CA HIS A 404 41.63 5.71 -21.69
C HIS A 404 42.34 4.38 -21.69
N ASN A 405 43.04 4.04 -22.76
CA ASN A 405 44.02 2.96 -22.67
C ASN A 405 45.26 3.38 -21.91
N ILE A 406 45.56 4.69 -21.84
CA ILE A 406 46.67 5.18 -21.04
C ILE A 406 46.22 5.54 -19.62
N SER A 407 45.03 6.10 -19.47
CA SER A 407 44.52 6.48 -18.16
C SER A 407 44.30 5.26 -17.26
N GLY A 408 44.08 4.08 -17.83
CA GLY A 408 43.77 2.89 -17.08
C GLY A 408 42.28 2.55 -17.03
N SER A 409 41.41 3.50 -17.34
CA SER A 409 39.96 3.26 -17.35
C SER A 409 39.53 2.62 -18.67
N LYS A 410 40.08 1.43 -18.94
CA LYS A 410 39.80 0.79 -20.22
C LYS A 410 38.33 0.39 -20.40
N TYR A 411 37.56 0.32 -19.30
CA TYR A 411 36.12 0.07 -19.37
C TYR A 411 35.34 1.21 -20.02
N LYS A 412 35.96 2.37 -20.24
CA LYS A 412 35.22 3.54 -20.73
C LYS A 412 35.09 3.50 -22.26
N LYS A 413 34.26 2.60 -22.74
CA LYS A 413 33.94 2.56 -24.18
C LYS A 413 33.09 3.78 -24.56
N PHE A 414 33.47 4.47 -25.64
CA PHE A 414 32.64 5.50 -26.25
C PHE A 414 31.71 4.85 -27.25
N VAL A 415 30.41 5.14 -27.15
CA VAL A 415 29.41 4.58 -28.05
C VAL A 415 28.79 5.73 -28.85
N ALA A 416 28.82 5.61 -30.18
CA ALA A 416 28.10 6.53 -31.07
C ALA A 416 27.18 5.73 -31.98
N LYS A 417 25.89 6.07 -31.98
CA LYS A 417 24.92 5.38 -32.82
C LYS A 417 24.06 6.39 -33.58
N ILE A 418 23.86 6.14 -34.87
CA ILE A 418 22.94 6.92 -35.70
C ILE A 418 21.88 5.98 -36.23
N VAL A 419 20.61 6.36 -36.06
CA VAL A 419 19.45 5.58 -36.51
C VAL A 419 18.81 6.31 -37.69
N THR A 420 18.53 5.58 -38.78
CA THR A 420 17.97 6.24 -39.96
C THR A 420 16.72 5.53 -40.48
N ASN A 421 15.92 6.30 -41.21
CA ASN A 421 14.94 5.75 -42.16
C ASN A 421 15.73 5.37 -43.40
N HIS A 422 15.96 4.07 -43.61
CA HIS A 422 16.86 3.68 -44.68
C HIS A 422 16.27 3.92 -46.06
N SER A 423 14.95 4.13 -46.13
CA SER A 423 14.33 4.38 -47.43
C SER A 423 14.78 5.69 -48.04
N ASP A 424 15.09 6.71 -47.22
CA ASP A 424 15.57 7.98 -47.76
C ASP A 424 16.77 8.55 -47.03
N GLY A 425 17.34 7.83 -46.05
CA GLY A 425 18.52 8.31 -45.34
C GLY A 425 18.28 9.28 -44.20
N THR A 426 17.04 9.68 -43.93
CA THR A 426 16.81 10.69 -42.91
C THR A 426 17.27 10.19 -41.54
N VAL A 427 18.00 11.03 -40.81
CA VAL A 427 18.43 10.66 -39.46
C VAL A 427 17.26 10.78 -38.49
N LEU A 428 16.93 9.68 -37.83
CA LEU A 428 15.83 9.66 -36.88
C LEU A 428 16.28 9.86 -35.45
N GLY A 429 17.51 9.49 -35.13
CA GLY A 429 18.05 9.63 -33.78
C GLY A 429 19.56 9.43 -33.72
N VAL A 430 20.20 10.07 -32.73
CA VAL A 430 21.64 9.97 -32.49
C VAL A 430 21.82 9.75 -31.00
N HIS A 431 22.66 8.78 -30.63
CA HIS A 431 22.79 8.35 -29.25
C HIS A 431 24.27 8.18 -28.91
N LEU A 432 24.71 8.85 -27.85
CA LEU A 432 26.13 8.95 -27.50
C LEU A 432 26.35 8.62 -26.04
N LEU A 433 27.44 7.89 -25.77
CA LEU A 433 27.87 7.59 -24.40
C LEU A 433 29.37 7.84 -24.33
N GLY A 434 29.79 8.74 -23.45
CA GLY A 434 31.21 8.98 -23.26
C GLY A 434 31.47 10.43 -22.94
N ASP A 435 32.71 10.71 -22.51
CA ASP A 435 33.11 12.06 -22.16
C ASP A 435 32.77 13.03 -23.29
N GLY A 436 32.11 14.13 -22.94
CA GLY A 436 31.74 15.13 -23.91
C GLY A 436 30.39 14.94 -24.58
N ALA A 437 29.73 13.81 -24.38
CA ALA A 437 28.53 13.52 -25.15
C ALA A 437 27.45 14.60 -25.01
N PRO A 438 27.17 15.17 -23.83
CA PRO A 438 26.17 16.25 -23.77
C PRO A 438 26.55 17.48 -24.60
N GLU A 439 27.85 17.79 -24.73
CA GLU A 439 28.27 18.95 -25.53
C GLU A 439 28.19 18.64 -27.03
N ILE A 440 28.54 17.40 -27.42
CA ILE A 440 28.49 16.99 -28.84
C ILE A 440 27.06 17.04 -29.35
N ILE A 441 26.10 16.63 -28.52
CA ILE A 441 24.75 16.39 -29.06
C ILE A 441 23.99 17.69 -29.36
N GLN A 442 24.39 18.85 -28.81
CA GLN A 442 23.59 20.06 -28.99
C GLN A 442 23.42 20.41 -30.47
N ALA A 443 24.53 20.51 -31.20
CA ALA A 443 24.40 20.88 -32.61
C ALA A 443 23.74 19.76 -33.42
N VAL A 444 23.76 18.52 -32.92
CA VAL A 444 23.02 17.45 -33.59
C VAL A 444 21.53 17.76 -33.59
N GLY A 445 21.03 18.39 -32.51
CA GLY A 445 19.62 18.78 -32.47
C GLY A 445 19.26 19.73 -33.60
N VAL A 446 20.14 20.69 -33.89
CA VAL A 446 19.94 21.59 -35.03
C VAL A 446 19.91 20.80 -36.34
N CYS A 447 20.83 19.84 -36.50
CA CYS A 447 20.84 19.01 -37.71
C CYS A 447 19.51 18.30 -37.91
N LEU A 448 18.97 17.68 -36.85
CA LEU A 448 17.72 16.95 -37.02
C LEU A 448 16.56 17.92 -37.29
N ARG A 449 16.59 19.12 -36.70
CA ARG A 449 15.58 20.12 -37.03
C ARG A 449 15.61 20.46 -38.52
N LEU A 450 16.79 20.34 -39.13
CA LEU A 450 16.98 20.61 -40.55
C LEU A 450 16.84 19.36 -41.41
N ASN A 451 16.35 18.25 -40.86
CA ASN A 451 16.05 17.05 -41.65
C ASN A 451 17.30 16.47 -42.29
N ALA A 452 18.40 16.49 -41.53
CA ALA A 452 19.65 15.92 -42.00
C ALA A 452 19.47 14.45 -42.34
N LYS A 453 20.21 13.99 -43.36
CA LYS A 453 20.31 12.59 -43.75
C LYS A 453 21.70 12.09 -43.39
N ILE A 454 21.86 10.77 -43.41
CA ILE A 454 23.16 10.19 -43.05
C ILE A 454 24.25 10.71 -43.98
N SER A 455 23.92 10.95 -45.26
CA SER A 455 24.94 11.46 -46.18
C SER A 455 25.41 12.85 -45.81
N ASP A 456 24.55 13.66 -45.15
CA ASP A 456 25.01 14.97 -44.71
C ASP A 456 26.04 14.83 -43.61
N PHE A 457 25.87 13.84 -42.73
CA PHE A 457 26.89 13.59 -41.71
C PHE A 457 28.18 13.08 -42.34
N TYR A 458 28.07 12.08 -43.23
CA TYR A 458 29.28 11.48 -43.79
C TYR A 458 30.06 12.44 -44.68
N ASN A 459 29.37 13.33 -45.41
CA ASN A 459 30.03 14.29 -46.29
C ASN A 459 30.81 15.34 -45.52
N THR A 460 30.45 15.58 -44.26
CA THR A 460 31.14 16.57 -43.44
C THR A 460 32.51 16.05 -43.03
N ILE A 461 33.50 16.92 -43.13
CA ILE A 461 34.87 16.54 -42.80
C ILE A 461 35.05 16.56 -41.28
N GLY A 462 35.69 15.52 -40.75
CA GLY A 462 35.85 15.42 -39.31
C GLY A 462 36.85 16.41 -38.75
N VAL A 463 36.66 16.74 -37.47
CA VAL A 463 37.66 17.43 -36.65
C VAL A 463 38.45 16.35 -35.92
N HIS A 464 39.78 16.36 -36.07
CA HIS A 464 40.62 15.28 -35.59
C HIS A 464 41.71 15.81 -34.66
N PRO A 465 41.98 15.16 -33.52
CA PRO A 465 41.30 13.97 -32.96
C PRO A 465 40.18 14.35 -32.00
N THR A 466 38.96 13.82 -32.20
CA THR A 466 37.83 14.02 -31.29
C THR A 466 37.01 12.73 -31.24
N SER A 467 36.15 12.62 -30.21
CA SER A 467 35.13 11.57 -30.24
C SER A 467 34.06 11.89 -31.25
N ALA A 468 33.73 13.17 -31.38
CA ALA A 468 32.61 13.58 -32.21
C ALA A 468 32.79 13.20 -33.68
N GLU A 469 34.04 13.13 -34.14
CA GLU A 469 34.26 12.85 -35.57
C GLU A 469 33.77 11.46 -35.96
N GLU A 470 33.59 10.55 -34.98
CA GLU A 470 32.96 9.27 -35.29
C GLU A 470 31.61 9.44 -35.99
N LEU A 471 30.88 10.53 -35.68
CA LEU A 471 29.57 10.75 -36.30
C LEU A 471 29.66 11.02 -37.78
N CYS A 472 30.84 11.41 -38.27
CA CYS A 472 31.02 11.86 -39.64
C CYS A 472 31.87 10.87 -40.45
N SER A 473 32.08 9.67 -39.92
CA SER A 473 32.86 8.65 -40.61
C SER A 473 32.11 7.33 -40.72
N MET A 474 30.79 7.34 -40.58
CA MET A 474 29.99 6.13 -40.69
C MET A 474 29.19 6.16 -41.97
N ARG A 475 29.45 5.19 -42.86
CA ARG A 475 28.85 5.13 -44.17
C ARG A 475 28.09 3.84 -44.44
N THR A 476 28.38 2.76 -43.70
CA THR A 476 27.71 1.49 -43.94
C THR A 476 26.97 1.04 -42.69
N PRO A 477 25.68 0.70 -42.80
CA PRO A 477 24.94 0.27 -41.61
C PRO A 477 25.59 -0.92 -40.93
N SER A 478 25.54 -0.92 -39.60
CA SER A 478 25.94 -2.10 -38.85
C SER A 478 24.89 -3.19 -38.93
N TYR A 479 23.62 -2.82 -38.93
CA TYR A 479 22.51 -3.75 -39.09
C TYR A 479 21.25 -2.96 -39.40
N TYR A 480 20.14 -3.67 -39.57
CA TYR A 480 18.88 -3.10 -40.05
C TYR A 480 17.71 -3.64 -39.22
N TYR A 481 16.57 -2.95 -39.34
CA TYR A 481 15.26 -3.48 -39.00
C TYR A 481 14.40 -3.44 -40.25
N VAL A 482 13.84 -4.59 -40.64
CA VAL A 482 12.97 -4.69 -41.81
C VAL A 482 11.63 -5.19 -41.34
N LYS A 483 10.61 -4.36 -41.52
CA LYS A 483 9.28 -4.60 -40.95
C LYS A 483 9.40 -5.15 -39.52
N GLY A 484 10.11 -4.40 -38.68
CA GLY A 484 10.23 -4.73 -37.27
C GLY A 484 11.30 -5.74 -36.91
N GLU A 485 11.92 -6.40 -37.89
CA GLU A 485 12.80 -7.53 -37.63
C GLU A 485 14.27 -7.15 -37.76
N LYS A 486 15.03 -7.36 -36.69
CA LYS A 486 16.46 -7.03 -36.70
C LYS A 486 17.25 -8.05 -37.53
N MET A 487 18.19 -7.54 -38.33
CA MET A 487 18.99 -8.42 -39.18
C MET A 487 20.26 -7.71 -39.66
N GLU A 488 21.35 -8.46 -39.78
CA GLU A 488 22.62 -7.84 -40.17
C GLU A 488 22.60 -7.33 -41.60
N LYS A 489 21.88 -8.01 -42.48
CA LYS A 489 21.87 -7.69 -43.91
C LYS A 489 20.44 -7.51 -44.38
N LEU A 490 20.26 -6.67 -45.40
CA LEU A 490 18.98 -6.58 -46.07
C LEU A 490 18.73 -7.85 -46.88
N PRO A 491 17.48 -8.29 -47.01
CA PRO A 491 17.17 -9.54 -47.73
C PRO A 491 17.14 -9.39 -49.25
N SER B 5 61.65 -5.43 -61.25
CA SER B 5 60.59 -4.49 -61.62
C SER B 5 59.19 -5.08 -61.32
N LYS B 6 58.23 -4.21 -60.99
CA LYS B 6 56.89 -4.62 -60.59
C LYS B 6 55.86 -3.65 -61.16
N ALA B 7 54.66 -4.17 -61.43
CA ALA B 7 53.63 -3.45 -62.16
C ALA B 7 52.42 -3.19 -61.26
N PHE B 8 51.90 -1.95 -61.31
CA PHE B 8 50.84 -1.55 -60.40
C PHE B 8 49.87 -0.60 -61.10
N ASP B 9 48.62 -0.63 -60.64
CA ASP B 9 47.63 0.36 -61.08
C ASP B 9 47.92 1.72 -60.47
N LEU B 10 48.31 1.74 -59.20
CA LEU B 10 48.54 2.95 -58.45
C LEU B 10 49.77 2.77 -57.58
N VAL B 11 50.70 3.71 -57.64
CA VAL B 11 51.80 3.78 -56.68
C VAL B 11 51.68 5.08 -55.91
N VAL B 12 51.71 4.97 -54.59
CA VAL B 12 51.52 6.09 -53.66
C VAL B 12 52.85 6.36 -52.97
N ILE B 13 53.39 7.56 -53.13
CA ILE B 13 54.60 7.96 -52.42
C ILE B 13 54.19 8.74 -51.17
N GLY B 14 54.40 8.12 -50.02
CA GLY B 14 53.97 8.62 -48.73
C GLY B 14 52.86 7.79 -48.12
N ALA B 15 53.16 7.03 -47.06
CA ALA B 15 52.15 6.21 -46.38
C ALA B 15 51.46 6.98 -45.25
N GLY B 16 50.93 8.16 -45.57
CA GLY B 16 50.39 9.07 -44.59
C GLY B 16 48.88 9.14 -44.60
N SER B 17 48.34 10.20 -43.98
CA SER B 17 46.89 10.33 -43.85
C SER B 17 46.21 10.17 -45.20
N GLY B 18 46.59 10.97 -46.18
CA GLY B 18 45.92 10.90 -47.48
C GLY B 18 46.33 9.68 -48.27
N GLY B 19 47.62 9.31 -48.21
CA GLY B 19 48.12 8.24 -49.06
C GLY B 19 47.54 6.89 -48.71
N LEU B 20 47.37 6.62 -47.42
CA LEU B 20 46.78 5.35 -46.98
C LEU B 20 45.29 5.29 -47.29
N GLU B 21 44.57 6.41 -47.13
CA GLU B 21 43.16 6.41 -47.53
C GLU B 21 43.02 6.08 -49.02
N ALA B 22 43.86 6.71 -49.86
CA ALA B 22 43.80 6.46 -51.29
C ALA B 22 44.17 5.01 -51.60
N GLY B 23 45.25 4.52 -51.01
CA GLY B 23 45.72 3.18 -51.34
C GLY B 23 44.74 2.10 -50.89
N TRP B 24 44.28 2.19 -49.64
CA TRP B 24 43.32 1.22 -49.14
C TRP B 24 42.01 1.26 -49.93
N ASN B 25 41.50 2.45 -50.23
CA ASN B 25 40.27 2.54 -51.01
C ASN B 25 40.45 1.96 -52.41
N ALA B 26 41.56 2.30 -53.07
CA ALA B 26 41.77 1.78 -54.43
C ALA B 26 41.78 0.24 -54.42
N ALA B 27 42.50 -0.34 -53.47
CA ALA B 27 42.62 -1.80 -53.43
C ALA B 27 41.30 -2.47 -53.07
N THR B 28 40.69 -2.07 -51.94
CA THR B 28 39.56 -2.83 -51.42
C THR B 28 38.24 -2.46 -52.06
N LEU B 29 38.05 -1.20 -52.42
CA LEU B 29 36.78 -0.81 -53.04
C LEU B 29 36.74 -1.09 -54.54
N TYR B 30 37.89 -1.00 -55.22
CA TYR B 30 37.92 -1.11 -56.67
C TYR B 30 38.82 -2.23 -57.17
N GLY B 31 39.38 -3.04 -56.28
CA GLY B 31 40.16 -4.20 -56.71
C GLY B 31 41.39 -3.88 -57.51
N LYS B 32 42.00 -2.71 -57.28
CA LYS B 32 43.20 -2.32 -58.00
C LYS B 32 44.45 -2.84 -57.30
N ARG B 33 45.55 -2.85 -58.04
CA ARG B 33 46.84 -3.27 -57.54
C ARG B 33 47.62 -2.03 -57.10
N VAL B 34 47.93 -1.94 -55.82
CA VAL B 34 48.44 -0.71 -55.22
C VAL B 34 49.78 -0.98 -54.53
N ALA B 35 50.73 -0.07 -54.72
CA ALA B 35 51.96 -0.05 -53.92
C ALA B 35 52.11 1.29 -53.22
N VAL B 36 52.55 1.25 -51.96
CA VAL B 36 52.72 2.45 -51.14
C VAL B 36 54.14 2.45 -50.58
N VAL B 37 54.81 3.60 -50.66
CA VAL B 37 56.20 3.76 -50.24
C VAL B 37 56.26 4.71 -49.04
N ASP B 38 57.03 4.34 -48.01
CA ASP B 38 57.40 5.28 -46.96
C ASP B 38 58.83 4.96 -46.49
N VAL B 39 59.45 5.94 -45.80
CA VAL B 39 60.88 5.87 -45.46
C VAL B 39 61.20 5.15 -44.15
N GLN B 40 60.19 4.87 -43.31
CA GLN B 40 60.40 4.29 -42.00
C GLN B 40 59.15 3.49 -41.63
N THR B 41 59.32 2.35 -40.94
CA THR B 41 58.19 1.50 -40.58
C THR B 41 57.56 1.87 -39.25
N SER B 42 58.24 2.66 -38.41
CA SER B 42 57.67 3.12 -37.14
C SER B 42 58.26 4.47 -36.77
N HIS B 43 57.73 5.07 -35.70
CA HIS B 43 57.89 6.48 -35.40
C HIS B 43 59.29 6.80 -34.90
N GLY B 44 59.68 8.07 -35.06
CA GLY B 44 60.77 8.62 -34.30
C GLY B 44 62.05 8.81 -35.09
N PRO B 45 63.13 9.19 -34.41
CA PRO B 45 64.39 9.39 -35.10
C PRO B 45 64.79 8.14 -35.87
N PRO B 46 65.46 8.31 -37.01
CA PRO B 46 65.95 9.57 -37.58
C PRO B 46 65.00 10.34 -38.52
N PHE B 47 63.92 9.75 -39.03
CA PHE B 47 63.09 10.44 -40.02
C PHE B 47 61.77 10.94 -39.46
N TYR B 48 61.45 10.60 -38.21
CA TYR B 48 60.33 11.11 -37.42
C TYR B 48 58.99 10.64 -37.95
N ALA B 49 58.56 11.14 -39.11
CA ALA B 49 57.38 10.57 -39.76
C ALA B 49 57.71 9.17 -40.28
N ALA B 50 56.65 8.39 -40.53
CA ALA B 50 56.84 6.97 -40.85
C ALA B 50 55.50 6.42 -41.34
N LEU B 51 55.47 5.12 -41.64
CA LEU B 51 54.22 4.41 -41.91
C LEU B 51 53.11 4.93 -41.00
N GLY B 52 52.05 5.47 -41.62
CA GLY B 52 50.95 6.07 -40.90
C GLY B 52 50.88 7.58 -41.07
N GLY B 53 52.02 8.22 -41.28
CA GLY B 53 52.06 9.63 -41.61
C GLY B 53 52.47 10.51 -40.44
N THR B 54 52.41 11.82 -40.69
CA THR B 54 52.83 12.81 -39.71
C THR B 54 51.86 12.86 -38.53
N CYS B 55 50.57 12.82 -38.81
CA CYS B 55 49.56 12.88 -37.75
C CYS B 55 49.76 11.74 -36.75
N VAL B 56 49.89 10.51 -37.26
CA VAL B 56 50.04 9.33 -36.40
C VAL B 56 51.34 9.40 -35.59
N ASN B 57 52.43 9.79 -36.24
CA ASN B 57 53.75 9.58 -35.65
C ASN B 57 54.27 10.79 -34.87
N VAL B 58 54.14 12.00 -35.42
CA VAL B 58 54.68 13.22 -34.80
C VAL B 58 53.71 14.37 -34.99
N GLY B 59 52.42 14.12 -34.76
CA GLY B 59 51.37 15.08 -35.08
C GLY B 59 50.14 14.96 -34.19
N CYS B 60 48.96 14.93 -34.79
CA CYS B 60 47.72 15.04 -34.03
C CYS B 60 47.64 14.03 -32.90
N VAL B 61 47.96 12.77 -33.19
CA VAL B 61 47.71 11.69 -32.25
C VAL B 61 48.58 11.85 -31.00
N PRO B 62 49.91 11.89 -31.12
CA PRO B 62 50.72 12.07 -29.91
C PRO B 62 50.54 13.43 -29.26
N LYS B 63 50.38 14.51 -30.03
CA LYS B 63 50.23 15.81 -29.36
C LYS B 63 48.94 15.86 -28.55
N LYS B 64 47.86 15.22 -29.03
CA LYS B 64 46.62 15.22 -28.26
C LYS B 64 46.78 14.48 -26.94
N LEU B 65 47.51 13.35 -26.95
CA LEU B 65 47.78 12.62 -25.71
C LEU B 65 48.58 13.50 -24.75
N MET B 66 49.53 14.28 -25.27
CA MET B 66 50.36 15.12 -24.42
C MET B 66 49.59 16.33 -23.90
N VAL B 67 48.68 16.89 -24.70
CA VAL B 67 47.84 17.95 -24.18
C VAL B 67 46.92 17.42 -23.10
N THR B 68 46.34 16.23 -23.31
CA THR B 68 45.53 15.64 -22.26
C THR B 68 46.34 15.52 -20.97
N GLY B 69 47.59 15.08 -21.07
CA GLY B 69 48.43 15.03 -19.88
C GLY B 69 48.62 16.38 -19.24
N ALA B 70 48.85 17.42 -20.05
CA ALA B 70 49.08 18.75 -19.48
C ALA B 70 47.83 19.30 -18.80
N GLN B 71 46.64 18.91 -19.28
CA GLN B 71 45.40 19.38 -18.67
C GLN B 71 45.27 18.95 -17.21
N TYR B 72 46.01 17.92 -16.77
CA TYR B 72 45.87 17.51 -15.38
C TYR B 72 46.48 18.55 -14.44
N MET B 73 47.39 19.40 -14.92
CA MET B 73 47.86 20.48 -14.06
C MET B 73 46.70 21.33 -13.60
N ASP B 74 45.77 21.63 -14.53
CA ASP B 74 44.60 22.41 -14.18
C ASP B 74 43.62 21.60 -13.33
N HIS B 75 43.37 20.33 -13.71
CA HIS B 75 42.39 19.53 -12.98
C HIS B 75 42.80 19.38 -11.51
N LEU B 76 44.09 19.14 -11.24
CA LEU B 76 44.52 18.97 -9.85
C LEU B 76 44.30 20.26 -9.04
N ARG B 77 44.63 21.42 -9.60
CA ARG B 77 44.39 22.66 -8.89
C ARG B 77 42.89 22.94 -8.72
N GLU B 78 42.11 22.71 -9.78
CA GLU B 78 40.68 23.07 -9.79
C GLU B 78 39.83 22.15 -8.92
N SER B 79 40.29 20.93 -8.65
CA SER B 79 39.55 20.01 -7.80
C SER B 79 39.32 20.59 -6.40
N ALA B 80 40.19 21.50 -5.95
CA ALA B 80 40.10 21.95 -4.56
C ALA B 80 38.80 22.71 -4.30
N GLY B 81 38.36 23.54 -5.25
CA GLY B 81 37.11 24.26 -5.10
C GLY B 81 35.90 23.37 -4.93
N PHE B 82 35.99 22.12 -5.39
CA PHE B 82 34.90 21.15 -5.25
C PHE B 82 35.11 20.21 -4.06
N GLY B 83 36.03 20.55 -3.16
CA GLY B 83 36.20 19.82 -1.94
C GLY B 83 37.32 18.79 -1.91
N TRP B 84 38.07 18.62 -3.00
CA TRP B 84 39.14 17.64 -3.01
C TRP B 84 40.37 18.20 -2.28
N GLU B 85 40.91 17.39 -1.35
CA GLU B 85 42.07 17.73 -0.54
C GLU B 85 43.16 16.70 -0.78
N PHE B 86 44.40 17.15 -0.89
CA PHE B 86 45.55 16.25 -0.93
C PHE B 86 46.81 17.09 -0.77
N ASP B 87 47.96 16.42 -0.68
CA ASP B 87 49.21 17.11 -0.35
C ASP B 87 49.77 17.74 -1.62
N GLY B 88 49.53 19.04 -1.79
CA GLY B 88 49.94 19.71 -3.02
C GLY B 88 51.43 19.71 -3.23
N SER B 89 52.20 19.72 -2.14
CA SER B 89 53.66 19.71 -2.24
C SER B 89 54.22 18.41 -2.77
N SER B 90 53.42 17.35 -2.81
CA SER B 90 53.88 16.06 -3.32
C SER B 90 53.66 15.91 -4.82
N VAL B 91 53.02 16.87 -5.47
CA VAL B 91 52.67 16.70 -6.89
C VAL B 91 53.91 16.91 -7.74
N LYS B 92 54.15 15.97 -8.65
CA LYS B 92 55.16 16.18 -9.67
C LYS B 92 54.70 15.58 -10.99
N ALA B 93 55.14 16.20 -12.09
CA ALA B 93 54.79 15.80 -13.44
C ALA B 93 55.95 15.02 -14.05
N ASN B 94 55.76 13.73 -14.26
CA ASN B 94 56.83 12.88 -14.80
C ASN B 94 56.76 12.85 -16.33
N TRP B 95 57.58 13.69 -16.97
CA TRP B 95 57.64 13.76 -18.44
C TRP B 95 58.10 12.43 -19.06
N LYS B 96 59.09 11.77 -18.45
CA LYS B 96 59.56 10.51 -19.00
C LYS B 96 58.42 9.50 -19.09
N LYS B 97 57.58 9.42 -18.05
CA LYS B 97 56.44 8.52 -18.10
C LYS B 97 55.48 8.92 -19.20
N LEU B 98 55.20 10.22 -19.35
CA LEU B 98 54.34 10.67 -20.44
C LEU B 98 54.88 10.23 -21.79
N ILE B 99 56.16 10.48 -22.05
CA ILE B 99 56.72 10.17 -23.37
C ILE B 99 56.68 8.67 -23.64
N ALA B 100 56.94 7.85 -22.61
CA ALA B 100 56.94 6.40 -22.80
C ALA B 100 55.54 5.88 -23.13
N ALA B 101 54.53 6.39 -22.43
CA ALA B 101 53.15 6.00 -22.76
C ALA B 101 52.79 6.41 -24.17
N LYS B 102 53.17 7.63 -24.56
CA LYS B 102 52.92 8.09 -25.92
C LYS B 102 53.64 7.21 -26.94
N ASN B 103 54.92 6.88 -26.68
CA ASN B 103 55.67 6.05 -27.62
C ASN B 103 55.01 4.70 -27.82
N GLU B 104 54.48 4.13 -26.74
CA GLU B 104 53.85 2.82 -26.85
C GLU B 104 52.55 2.88 -27.63
N ALA B 105 51.76 3.95 -27.45
CA ALA B 105 50.54 4.10 -28.25
C ALA B 105 50.84 4.27 -29.72
N VAL B 106 51.86 5.07 -30.06
CA VAL B 106 52.15 5.30 -31.46
C VAL B 106 52.66 4.02 -32.11
N LEU B 107 53.54 3.30 -31.40
CA LEU B 107 54.13 2.08 -31.97
C LEU B 107 53.05 1.03 -32.24
N ASP B 108 52.08 0.91 -31.31
CA ASP B 108 50.92 0.05 -31.52
C ASP B 108 50.20 0.38 -32.82
N ILE B 109 50.06 1.66 -33.13
CA ILE B 109 49.42 2.05 -34.39
C ILE B 109 50.32 1.66 -35.57
N ASN B 110 51.63 1.91 -35.47
CA ASN B 110 52.55 1.50 -36.53
C ASN B 110 52.35 0.03 -36.87
N LYS B 111 52.38 -0.82 -35.84
CA LYS B 111 52.25 -2.27 -36.02
C LYS B 111 50.92 -2.64 -36.67
N SER B 112 49.83 -1.98 -36.27
CA SER B 112 48.54 -2.35 -36.86
C SER B 112 48.48 -2.02 -38.34
N TYR B 113 49.12 -0.92 -38.78
CA TYR B 113 49.18 -0.63 -40.21
C TYR B 113 50.00 -1.68 -40.93
N GLU B 114 51.07 -2.15 -40.29
CA GLU B 114 51.87 -3.24 -40.86
C GLU B 114 50.99 -4.46 -41.15
N GLY B 115 50.17 -4.87 -40.18
CA GLY B 115 49.29 -6.01 -40.39
C GLY B 115 48.21 -5.73 -41.43
N MET B 116 47.77 -4.47 -41.53
CA MET B 116 46.83 -4.12 -42.57
C MET B 116 47.40 -4.42 -43.94
N PHE B 117 48.65 -4.05 -44.18
CA PHE B 117 49.30 -4.34 -45.47
C PHE B 117 49.40 -5.84 -45.69
N ASN B 118 49.87 -6.59 -44.68
CA ASN B 118 50.00 -8.03 -44.79
C ASN B 118 48.67 -8.74 -45.01
N ASP B 119 47.55 -8.14 -44.60
CA ASP B 119 46.26 -8.80 -44.63
C ASP B 119 45.40 -8.42 -45.83
N THR B 120 45.79 -7.41 -46.61
CA THR B 120 44.93 -6.84 -47.64
C THR B 120 45.44 -7.21 -49.03
N GLU B 121 44.57 -7.83 -49.82
CA GLU B 121 44.93 -8.17 -51.20
C GLU B 121 45.20 -6.92 -52.01
N GLY B 122 46.24 -6.98 -52.85
CA GLY B 122 46.53 -5.92 -53.80
C GLY B 122 47.06 -4.64 -53.18
N LEU B 123 47.59 -4.72 -51.96
CA LEU B 123 48.06 -3.54 -51.23
C LEU B 123 49.44 -3.88 -50.66
N ASP B 124 50.49 -3.35 -51.29
CA ASP B 124 51.86 -3.68 -50.92
C ASP B 124 52.61 -2.44 -50.44
N PHE B 125 53.44 -2.63 -49.42
CA PHE B 125 54.25 -1.59 -48.81
C PHE B 125 55.70 -1.79 -49.21
N PHE B 126 56.37 -0.70 -49.59
CA PHE B 126 57.79 -0.71 -49.88
C PHE B 126 58.52 0.31 -49.03
N LEU B 127 59.61 -0.13 -48.38
CA LEU B 127 60.42 0.73 -47.52
C LEU B 127 61.49 1.46 -48.31
N GLY B 128 61.51 2.77 -48.24
CA GLY B 128 62.58 3.55 -48.86
C GLY B 128 62.09 4.91 -49.30
N TRP B 129 62.92 5.55 -50.12
CA TRP B 129 62.70 6.90 -50.60
C TRP B 129 62.23 6.86 -52.05
N GLY B 130 61.00 7.32 -52.30
CA GLY B 130 60.46 7.31 -53.64
C GLY B 130 60.70 8.62 -54.38
N SER B 131 60.91 8.51 -55.70
CA SER B 131 61.05 9.66 -56.59
C SER B 131 60.59 9.27 -57.99
N LEU B 132 60.37 10.29 -58.81
CA LEU B 132 59.87 10.10 -60.17
C LEU B 132 61.06 9.89 -61.11
N GLU B 133 61.14 8.70 -61.70
CA GLU B 133 62.12 8.44 -62.76
C GLU B 133 61.57 8.86 -64.12
N SER B 134 60.32 8.50 -64.41
CA SER B 134 59.64 8.88 -65.64
C SER B 134 58.14 8.91 -65.37
N LYS B 135 57.37 9.32 -66.39
CA LYS B 135 55.94 9.52 -66.24
C LYS B 135 55.23 8.31 -65.62
N ASN B 136 55.78 7.11 -65.79
CA ASN B 136 55.11 5.90 -65.34
C ASN B 136 56.05 4.99 -64.54
N VAL B 137 57.12 5.55 -63.98
CA VAL B 137 58.09 4.76 -63.22
C VAL B 137 58.42 5.51 -61.94
N VAL B 138 58.17 4.87 -60.80
CA VAL B 138 58.57 5.36 -59.48
C VAL B 138 59.73 4.50 -59.00
N VAL B 139 60.83 5.15 -58.63
CA VAL B 139 62.01 4.47 -58.12
C VAL B 139 62.07 4.63 -56.62
N VAL B 140 62.56 3.59 -55.94
CA VAL B 140 62.69 3.55 -54.49
C VAL B 140 64.17 3.34 -54.19
N ARG B 141 64.79 4.29 -53.49
CA ARG B 141 66.21 4.20 -53.16
C ARG B 141 66.44 4.06 -51.66
N GLU B 142 67.70 3.81 -51.32
CA GLU B 142 68.07 3.53 -49.93
C GLU B 142 68.02 4.78 -49.05
N THR B 143 68.30 5.95 -49.61
CA THR B 143 68.32 7.19 -48.84
C THR B 143 67.75 8.31 -49.68
N ALA B 144 67.61 9.50 -49.08
CA ALA B 144 67.11 10.64 -49.84
C ALA B 144 68.07 11.05 -50.96
N ASP B 145 69.32 10.58 -50.93
CA ASP B 145 70.29 10.95 -51.97
C ASP B 145 69.92 10.31 -53.30
N PRO B 146 69.75 11.09 -54.37
CA PRO B 146 69.35 10.49 -55.66
C PRO B 146 70.40 9.58 -56.28
N LYS B 147 71.53 9.36 -55.62
CA LYS B 147 72.56 8.47 -56.12
C LYS B 147 72.72 7.20 -55.28
N SER B 148 71.90 7.02 -54.26
CA SER B 148 71.98 5.83 -53.43
C SER B 148 71.40 4.62 -54.19
N ALA B 149 71.57 3.45 -53.58
CA ALA B 149 71.26 2.17 -54.23
C ALA B 149 69.77 2.05 -54.52
N VAL B 150 69.45 1.70 -55.77
CA VAL B 150 68.06 1.43 -56.16
C VAL B 150 67.59 0.15 -55.48
N LYS B 151 66.41 0.20 -54.86
CA LYS B 151 65.82 -0.96 -54.22
C LYS B 151 64.65 -1.54 -54.99
N GLU B 152 63.87 -0.70 -55.67
CA GLU B 152 62.74 -1.15 -56.46
C GLU B 152 62.51 -0.18 -57.59
N ARG B 153 61.93 -0.68 -58.67
CA ARG B 153 61.49 0.13 -59.78
C ARG B 153 60.04 -0.25 -60.02
N LEU B 154 59.13 0.72 -59.85
CA LEU B 154 57.69 0.45 -59.84
C LEU B 154 57.06 1.08 -61.07
N GLN B 155 56.57 0.23 -61.97
CA GLN B 155 55.77 0.70 -63.10
C GLN B 155 54.38 1.05 -62.60
N ALA B 156 53.87 2.20 -63.02
CA ALA B 156 52.61 2.68 -62.47
C ALA B 156 51.75 3.30 -63.56
N ASP B 157 50.50 2.85 -63.65
CA ASP B 157 49.55 3.55 -64.50
C ASP B 157 49.24 4.92 -63.93
N HIS B 158 49.10 5.02 -62.61
CA HIS B 158 48.79 6.25 -61.90
C HIS B 158 49.78 6.43 -60.75
N ILE B 159 50.19 7.67 -60.51
CA ILE B 159 51.12 7.98 -59.43
C ILE B 159 50.48 9.04 -58.55
N LEU B 160 50.54 8.85 -57.23
CA LEU B 160 49.99 9.79 -56.25
C LEU B 160 51.12 10.33 -55.37
N LEU B 161 51.29 11.65 -55.40
CA LEU B 161 52.27 12.31 -54.54
C LEU B 161 51.59 12.68 -53.22
N ALA B 162 52.09 12.13 -52.12
CA ALA B 162 51.44 12.33 -50.82
C ALA B 162 52.49 12.33 -49.71
N THR B 163 53.52 13.15 -49.88
CA THR B 163 54.68 13.14 -48.98
C THR B 163 54.57 14.13 -47.82
N GLY B 164 53.52 14.92 -47.76
CA GLY B 164 53.29 15.78 -46.60
C GLY B 164 54.12 17.06 -46.62
N SER B 165 54.43 17.56 -45.42
CA SER B 165 55.18 18.80 -45.21
C SER B 165 56.30 18.55 -44.19
N TRP B 166 57.03 19.62 -43.85
CA TRP B 166 58.21 19.53 -43.00
C TRP B 166 58.40 20.88 -42.33
N PRO B 167 58.98 20.94 -41.13
CA PRO B 167 59.09 22.22 -40.43
C PRO B 167 59.99 23.20 -41.20
N GLN B 168 59.57 24.45 -41.22
CA GLN B 168 60.31 25.52 -41.85
C GLN B 168 61.28 26.11 -40.83
N MET B 169 62.55 26.27 -41.20
CA MET B 169 63.52 26.80 -40.27
C MET B 169 64.11 28.08 -40.84
N PRO B 170 64.07 29.19 -40.11
CA PRO B 170 64.52 30.47 -40.69
C PRO B 170 66.03 30.48 -40.86
N ALA B 171 66.48 31.29 -41.82
CA ALA B 171 67.90 31.37 -42.15
C ALA B 171 68.56 32.42 -41.26
N ILE B 172 68.74 32.06 -39.99
CA ILE B 172 69.38 32.96 -39.04
C ILE B 172 70.65 32.32 -38.49
N PRO B 173 71.66 33.11 -38.12
CA PRO B 173 72.83 32.55 -37.45
C PRO B 173 72.43 31.75 -36.21
N GLY B 174 72.96 30.53 -36.11
CA GLY B 174 72.70 29.68 -34.99
C GLY B 174 71.42 28.87 -35.06
N ILE B 175 70.75 28.83 -36.22
CA ILE B 175 69.51 28.06 -36.37
C ILE B 175 69.75 26.59 -36.02
N GLU B 176 70.99 26.13 -36.18
CA GLU B 176 71.29 24.74 -35.90
C GLU B 176 71.18 24.40 -34.42
N HIS B 177 71.08 25.39 -33.53
CA HIS B 177 70.92 25.15 -32.11
C HIS B 177 69.46 25.17 -31.66
N CYS B 178 68.54 25.20 -32.62
CA CYS B 178 67.10 25.14 -32.38
C CYS B 178 66.57 23.78 -32.78
N ILE B 179 65.37 23.44 -32.28
CA ILE B 179 64.70 22.21 -32.66
C ILE B 179 63.38 22.55 -33.32
N SER B 180 62.64 21.54 -33.81
CA SER B 180 61.27 21.67 -34.28
C SER B 180 60.36 20.78 -33.44
N SER B 181 59.08 20.74 -33.81
CA SER B 181 58.16 19.84 -33.11
C SER B 181 58.62 18.39 -33.22
N ASN B 182 59.28 18.01 -34.32
CA ASN B 182 59.76 16.63 -34.44
C ASN B 182 60.57 16.22 -33.23
N GLU B 183 61.58 17.02 -32.87
CA GLU B 183 62.45 16.70 -31.76
C GLU B 183 61.77 16.87 -30.40
N ALA B 184 60.81 17.81 -30.31
CA ALA B 184 60.11 18.03 -29.05
C ALA B 184 59.46 16.75 -28.55
N PHE B 185 58.94 15.93 -29.47
CA PHE B 185 58.28 14.70 -29.09
C PHE B 185 59.21 13.68 -28.43
N TYR B 186 60.54 13.90 -28.45
CA TYR B 186 61.48 12.91 -27.96
C TYR B 186 62.48 13.48 -26.97
N LEU B 187 62.26 14.70 -26.47
CA LEU B 187 63.20 15.30 -25.51
C LEU B 187 63.37 14.40 -24.29
N PRO B 188 64.61 14.05 -23.91
CA PRO B 188 64.79 13.17 -22.74
C PRO B 188 64.23 13.74 -21.44
N GLU B 189 64.28 15.05 -21.25
CA GLU B 189 63.79 15.71 -20.05
C GLU B 189 62.89 16.86 -20.47
N PRO B 190 61.92 17.25 -19.64
CA PRO B 190 61.14 18.44 -19.94
C PRO B 190 61.99 19.68 -19.73
N PRO B 191 62.01 20.60 -20.69
CA PRO B 191 62.87 21.78 -20.56
C PRO B 191 62.41 22.67 -19.42
N ARG B 192 63.38 23.19 -18.66
CA ARG B 192 63.02 24.09 -17.57
C ARG B 192 62.64 25.47 -18.10
N ARG B 193 63.41 26.01 -19.04
CA ARG B 193 63.08 27.25 -19.72
C ARG B 193 63.03 26.96 -21.21
N VAL B 194 61.93 27.31 -21.86
CA VAL B 194 61.80 27.06 -23.29
C VAL B 194 61.17 28.26 -23.97
N LEU B 195 61.65 28.55 -25.18
CA LEU B 195 61.07 29.53 -26.07
C LEU B 195 60.43 28.79 -27.25
N THR B 196 59.13 28.96 -27.46
CA THR B 196 58.46 28.47 -28.66
C THR B 196 58.28 29.63 -29.63
N VAL B 197 58.81 29.49 -30.85
CA VAL B 197 58.85 30.57 -31.83
C VAL B 197 57.73 30.34 -32.84
N GLY B 198 56.77 31.23 -32.85
CA GLY B 198 55.67 31.26 -33.82
C GLY B 198 54.34 31.51 -33.14
N GLY B 199 53.39 32.06 -33.91
CA GLY B 199 52.06 32.35 -33.42
C GLY B 199 50.99 31.33 -33.77
N GLY B 200 51.34 30.25 -34.46
CA GLY B 200 50.38 29.30 -34.94
C GLY B 200 50.07 28.20 -33.95
N PHE B 201 49.23 27.26 -34.38
CA PHE B 201 48.68 26.29 -33.44
C PHE B 201 49.75 25.38 -32.84
N ILE B 202 50.80 25.03 -33.58
CA ILE B 202 51.80 24.11 -33.03
C ILE B 202 52.56 24.79 -31.92
N SER B 203 52.96 26.04 -32.13
CA SER B 203 53.65 26.80 -31.08
C SER B 203 52.79 26.93 -29.83
N VAL B 204 51.51 27.31 -30.01
CA VAL B 204 50.59 27.47 -28.89
C VAL B 204 50.34 26.17 -28.16
N GLU B 205 50.14 25.07 -28.90
CA GLU B 205 49.87 23.79 -28.24
C GLU B 205 51.07 23.32 -27.43
N PHE B 206 52.28 23.45 -27.97
CA PHE B 206 53.45 23.01 -27.23
C PHE B 206 53.77 23.93 -26.06
N ALA B 207 53.50 25.23 -26.18
CA ALA B 207 53.63 26.10 -25.02
C ALA B 207 52.83 25.55 -23.85
N GLY B 208 51.58 25.13 -24.11
CA GLY B 208 50.77 24.58 -23.02
C GLY B 208 51.32 23.27 -22.48
N ILE B 209 51.85 22.42 -23.36
CA ILE B 209 52.40 21.14 -22.91
C ILE B 209 53.61 21.38 -22.01
N PHE B 210 54.58 22.17 -22.49
CA PHE B 210 55.79 22.45 -21.68
C PHE B 210 55.43 23.18 -20.38
N ASN B 211 54.41 24.04 -20.43
CA ASN B 211 54.03 24.78 -19.23
C ASN B 211 53.63 23.85 -18.09
N ALA B 212 52.93 22.75 -18.41
CA ALA B 212 52.47 21.83 -17.36
C ALA B 212 53.57 20.90 -16.85
N TYR B 213 54.52 20.51 -17.71
CA TYR B 213 55.52 19.54 -17.31
C TYR B 213 56.86 20.14 -16.93
N LYS B 214 56.98 21.47 -16.90
CA LYS B 214 58.26 22.11 -16.54
C LYS B 214 58.66 21.81 -15.10
N PRO B 215 59.93 21.59 -14.83
CA PRO B 215 60.39 21.38 -13.45
C PRO B 215 60.28 22.67 -12.65
N PRO B 216 60.46 22.57 -11.33
CA PRO B 216 60.34 23.75 -10.47
C PRO B 216 61.22 24.91 -10.94
N GLY B 217 60.70 26.12 -10.81
CA GLY B 217 61.37 27.31 -11.28
C GLY B 217 61.30 27.55 -12.77
N GLY B 218 60.55 26.71 -13.52
CA GLY B 218 60.55 26.82 -14.98
C GLY B 218 59.74 27.99 -15.51
N LYS B 219 59.90 28.24 -16.82
CA LYS B 219 59.19 29.32 -17.49
C LYS B 219 59.10 29.02 -18.98
N VAL B 220 57.89 29.07 -19.52
CA VAL B 220 57.66 28.97 -20.96
C VAL B 220 57.44 30.37 -21.50
N THR B 221 58.14 30.71 -22.59
CA THR B 221 57.92 31.94 -23.34
C THR B 221 57.55 31.59 -24.78
N LEU B 222 56.54 32.26 -25.30
CA LEU B 222 56.18 32.15 -26.71
C LEU B 222 56.41 33.51 -27.35
N CYS B 223 57.10 33.53 -28.48
CA CYS B 223 57.29 34.79 -29.18
C CYS B 223 56.67 34.70 -30.58
N TYR B 224 56.24 35.85 -31.08
CA TYR B 224 55.60 35.94 -32.39
C TYR B 224 55.93 37.29 -33.00
N ARG B 225 56.29 37.30 -34.28
CA ARG B 225 56.87 38.49 -34.89
C ARG B 225 55.86 39.61 -35.10
N ASN B 226 54.57 39.31 -35.13
CA ASN B 226 53.54 40.32 -35.29
C ASN B 226 52.80 40.53 -33.97
N ASN B 227 51.67 41.26 -34.05
CA ASN B 227 51.08 41.84 -32.86
C ASN B 227 50.15 40.92 -32.09
N LEU B 228 49.61 39.87 -32.72
CA LEU B 228 48.59 39.05 -32.08
C LEU B 228 48.69 37.63 -32.62
N ILE B 229 48.76 36.64 -31.73
CA ILE B 229 48.97 35.26 -32.16
C ILE B 229 47.75 34.72 -32.88
N LEU B 230 47.93 33.56 -33.53
CA LEU B 230 46.85 32.76 -34.11
C LEU B 230 46.13 33.50 -35.24
N ARG B 231 46.92 34.07 -36.14
CA ARG B 231 46.39 34.69 -37.35
C ARG B 231 45.49 33.70 -38.09
N GLY B 232 44.33 34.17 -38.54
CA GLY B 232 43.38 33.35 -39.26
C GLY B 232 42.24 32.84 -38.43
N PHE B 233 42.36 32.90 -37.12
CA PHE B 233 41.29 32.60 -36.19
C PHE B 233 40.54 33.88 -35.79
N ASP B 234 39.38 33.68 -35.18
CA ASP B 234 38.53 34.77 -34.72
C ASP B 234 39.31 35.73 -33.81
N GLU B 235 39.18 37.03 -34.08
CA GLU B 235 40.00 38.00 -33.36
C GLU B 235 39.67 38.05 -31.88
N THR B 236 38.38 38.01 -31.52
CA THR B 236 38.02 37.96 -30.11
C THR B 236 38.70 36.79 -29.43
N ILE B 237 38.72 35.63 -30.09
CA ILE B 237 39.32 34.44 -29.51
C ILE B 237 40.83 34.54 -29.47
N ARG B 238 41.45 35.17 -30.46
CA ARG B 238 42.90 35.36 -30.43
C ARG B 238 43.30 36.18 -29.20
N GLU B 239 42.54 37.24 -28.93
CA GLU B 239 42.84 38.07 -27.76
C GLU B 239 42.61 37.30 -26.46
N GLU B 240 41.51 36.54 -26.38
CA GLU B 240 41.17 35.84 -25.14
C GLU B 240 42.14 34.71 -24.83
N VAL B 241 42.52 33.94 -25.85
CA VAL B 241 43.44 32.85 -25.54
C VAL B 241 44.79 33.42 -25.13
N THR B 242 45.20 34.55 -25.70
CA THR B 242 46.39 35.24 -25.21
C THR B 242 46.26 35.53 -23.72
N LYS B 243 45.12 36.08 -23.32
CA LYS B 243 44.90 36.41 -21.91
C LYS B 243 44.92 35.15 -21.06
N GLN B 244 44.32 34.06 -21.54
CA GLN B 244 44.20 32.88 -20.70
C GLN B 244 45.51 32.08 -20.61
N LEU B 245 46.34 32.12 -21.67
CA LEU B 245 47.66 31.52 -21.58
C LEU B 245 48.51 32.29 -20.58
N THR B 246 48.44 33.62 -20.64
CA THR B 246 49.19 34.46 -19.70
C THR B 246 48.75 34.18 -18.27
N ALA B 247 47.45 34.01 -18.05
CA ALA B 247 46.93 33.72 -16.71
C ALA B 247 47.45 32.40 -16.15
N ASN B 248 47.90 31.47 -17.01
CA ASN B 248 48.44 30.20 -16.56
C ASN B 248 49.97 30.20 -16.58
N GLY B 249 50.60 31.36 -16.67
CA GLY B 249 52.03 31.46 -16.45
C GLY B 249 52.91 31.47 -17.68
N ILE B 250 52.33 31.51 -18.87
CA ILE B 250 53.10 31.54 -20.11
C ILE B 250 53.32 33.00 -20.48
N GLU B 251 54.57 33.35 -20.83
CA GLU B 251 54.86 34.72 -21.23
C GLU B 251 54.75 34.84 -22.75
N ILE B 252 53.88 35.74 -23.22
CA ILE B 252 53.67 35.97 -24.66
C ILE B 252 54.46 37.20 -25.07
N MET B 253 55.47 37.01 -25.93
CA MET B 253 56.28 38.12 -26.47
C MET B 253 55.84 38.40 -27.90
N THR B 254 54.97 39.38 -28.09
CA THR B 254 54.57 39.75 -29.43
C THR B 254 55.47 40.85 -30.00
N ASN B 255 55.43 41.01 -31.32
CA ASN B 255 56.28 41.93 -32.06
C ASN B 255 57.76 41.67 -31.80
N GLU B 256 58.13 40.41 -31.63
CA GLU B 256 59.53 40.01 -31.42
C GLU B 256 59.87 38.82 -32.29
N ASN B 257 61.12 38.78 -32.78
CA ASN B 257 61.57 37.73 -33.68
C ASN B 257 63.04 37.43 -33.43
N PRO B 258 63.43 36.16 -33.23
CA PRO B 258 64.84 35.84 -33.05
C PRO B 258 65.68 36.29 -34.23
N ALA B 259 66.81 36.92 -33.93
CA ALA B 259 67.79 37.31 -34.94
C ALA B 259 69.00 36.38 -34.98
N LYS B 260 69.37 35.77 -33.84
CA LYS B 260 70.41 34.76 -33.79
C LYS B 260 70.32 33.99 -32.49
N VAL B 261 70.93 32.81 -32.49
CA VAL B 261 71.04 31.95 -31.31
C VAL B 261 72.49 31.50 -31.17
N SER B 262 73.01 31.50 -29.94
CA SER B 262 74.37 31.04 -29.68
C SER B 262 74.39 30.11 -28.49
N LEU B 263 75.45 29.33 -28.39
CA LEU B 263 75.59 28.32 -27.34
C LEU B 263 76.23 28.93 -26.09
N ASN B 264 75.63 28.65 -24.92
CA ASN B 264 76.21 29.04 -23.65
C ASN B 264 77.10 27.92 -23.11
N THR B 265 78.04 28.28 -22.23
CA THR B 265 78.98 27.29 -21.71
C THR B 265 78.27 26.18 -20.95
N ASP B 266 77.10 26.44 -20.36
CA ASP B 266 76.37 25.39 -19.65
C ASP B 266 75.47 24.56 -20.56
N GLY B 267 75.50 24.77 -21.87
CA GLY B 267 74.65 24.04 -22.79
C GLY B 267 73.33 24.70 -23.11
N SER B 268 72.94 25.73 -22.39
CA SER B 268 71.73 26.46 -22.74
C SER B 268 71.98 27.35 -23.96
N LYS B 269 70.90 27.98 -24.45
CA LYS B 269 70.93 28.79 -25.65
C LYS B 269 70.71 30.27 -25.30
N HIS B 270 71.50 31.15 -25.94
CA HIS B 270 71.37 32.60 -25.82
C HIS B 270 70.68 33.11 -27.08
N VAL B 271 69.44 33.57 -26.95
CA VAL B 271 68.66 34.09 -28.07
C VAL B 271 68.79 35.62 -28.10
N THR B 272 69.11 36.17 -29.27
CA THR B 272 69.07 37.62 -29.48
C THR B 272 67.95 37.94 -30.47
N PHE B 273 67.06 38.84 -30.08
CA PHE B 273 65.93 39.22 -30.93
C PHE B 273 66.30 40.42 -31.82
N GLU B 274 65.52 40.62 -32.87
CA GLU B 274 65.77 41.74 -33.78
C GLU B 274 65.77 43.06 -33.03
N SER B 275 64.99 43.15 -31.96
CA SER B 275 64.86 44.36 -31.17
C SER B 275 66.07 44.65 -30.29
N GLY B 276 66.98 43.70 -30.16
CA GLY B 276 68.08 43.82 -29.24
C GLY B 276 67.87 43.12 -27.91
N LYS B 277 66.63 42.74 -27.59
CA LYS B 277 66.39 41.98 -26.37
C LYS B 277 67.10 40.63 -26.43
N THR B 278 67.36 40.05 -25.26
CA THR B 278 67.99 38.73 -25.18
C THR B 278 67.26 37.87 -24.15
N LEU B 279 67.37 36.54 -24.33
CA LEU B 279 66.71 35.57 -23.47
C LEU B 279 67.53 34.29 -23.46
N ASP B 280 67.84 33.78 -22.26
CA ASP B 280 68.51 32.49 -22.11
C ASP B 280 67.49 31.40 -21.82
N VAL B 281 67.52 30.32 -22.62
CA VAL B 281 66.60 29.21 -22.46
C VAL B 281 67.34 27.90 -22.66
N ASP B 282 66.72 26.80 -22.19
CA ASP B 282 67.29 25.48 -22.41
C ASP B 282 66.97 24.92 -23.81
N VAL B 283 65.82 25.28 -24.37
CA VAL B 283 65.38 24.75 -25.67
C VAL B 283 64.72 25.90 -26.43
N VAL B 284 65.04 26.02 -27.72
CA VAL B 284 64.36 26.94 -28.65
C VAL B 284 63.66 26.06 -29.68
N MET B 285 62.32 26.06 -29.68
CA MET B 285 61.54 25.27 -30.64
C MET B 285 60.96 26.21 -31.70
N MET B 286 61.43 26.05 -32.94
CA MET B 286 60.90 26.80 -34.07
C MET B 286 59.62 26.16 -34.58
N ALA B 287 58.54 26.94 -34.60
CA ALA B 287 57.26 26.49 -35.13
C ALA B 287 56.66 27.64 -35.96
N ILE B 288 57.42 28.10 -36.95
CA ILE B 288 57.01 29.26 -37.74
C ILE B 288 56.31 28.87 -39.02
N GLY B 289 56.17 27.59 -39.31
CA GLY B 289 55.47 27.17 -40.51
C GLY B 289 55.92 25.78 -40.92
N ARG B 290 55.14 25.20 -41.84
CA ARG B 290 55.48 23.94 -42.47
C ARG B 290 55.35 24.10 -43.97
N ILE B 291 56.28 23.50 -44.70
CA ILE B 291 56.35 23.68 -46.16
C ILE B 291 56.26 22.34 -46.88
N PRO B 292 55.68 22.31 -48.09
CA PRO B 292 55.52 21.06 -48.82
C PRO B 292 56.84 20.33 -48.98
N ARG B 293 56.78 19.01 -48.91
CA ARG B 293 57.97 18.15 -48.95
C ARG B 293 58.15 17.64 -50.38
N THR B 294 58.81 18.46 -51.21
CA THR B 294 58.93 18.19 -52.64
C THR B 294 60.34 17.89 -53.10
N ASN B 295 61.38 18.17 -52.30
CA ASN B 295 62.72 18.22 -52.86
C ASN B 295 63.28 16.85 -53.19
N ASP B 296 62.90 15.82 -52.44
CA ASP B 296 63.44 14.50 -52.72
C ASP B 296 62.72 13.75 -53.84
N LEU B 297 61.67 14.33 -54.40
CA LEU B 297 60.84 13.60 -55.37
C LEU B 297 61.37 13.70 -56.80
N GLN B 298 62.37 14.53 -57.07
CA GLN B 298 62.92 14.71 -58.41
C GLN B 298 61.81 15.04 -59.41
N LEU B 299 60.97 16.00 -59.04
CA LEU B 299 59.87 16.39 -59.92
C LEU B 299 60.38 16.91 -61.26
N GLY B 300 61.67 17.27 -61.37
CA GLY B 300 62.19 17.76 -62.62
C GLY B 300 62.31 16.69 -63.68
N ASN B 301 62.45 15.43 -63.26
CA ASN B 301 62.52 14.33 -64.20
C ASN B 301 61.25 14.21 -65.04
N VAL B 302 60.11 14.70 -64.57
CA VAL B 302 58.87 14.60 -65.31
C VAL B 302 58.20 15.94 -65.57
N GLY B 303 58.66 17.02 -64.95
CA GLY B 303 58.08 18.34 -65.19
C GLY B 303 56.82 18.66 -64.42
N VAL B 304 56.66 18.14 -63.20
CA VAL B 304 55.51 18.52 -62.38
C VAL B 304 55.64 19.98 -61.96
N LYS B 305 54.60 20.77 -62.24
CA LYS B 305 54.63 22.20 -61.95
C LYS B 305 54.37 22.48 -60.47
N LEU B 306 55.18 23.35 -59.89
CA LEU B 306 54.97 23.85 -58.54
C LEU B 306 54.39 25.26 -58.59
N THR B 307 53.62 25.62 -57.56
CA THR B 307 53.16 26.99 -57.40
C THR B 307 54.32 27.86 -56.93
N PRO B 308 54.17 29.18 -56.96
CA PRO B 308 55.25 30.06 -56.47
C PRO B 308 55.59 29.82 -55.01
N LYS B 309 54.64 29.33 -54.20
CA LYS B 309 54.90 29.10 -52.80
C LYS B 309 55.52 27.73 -52.51
N GLY B 310 55.61 26.86 -53.51
CA GLY B 310 56.30 25.59 -53.35
C GLY B 310 55.40 24.35 -53.32
N GLY B 311 54.10 24.52 -53.32
CA GLY B 311 53.23 23.36 -53.40
C GLY B 311 53.23 22.76 -54.80
N VAL B 312 52.84 21.48 -54.88
CA VAL B 312 52.52 20.89 -56.17
C VAL B 312 51.21 21.48 -56.66
N GLN B 313 51.20 22.02 -57.87
CA GLN B 313 49.99 22.62 -58.39
C GLN B 313 49.00 21.52 -58.77
N VAL B 314 47.74 21.71 -58.40
CA VAL B 314 46.67 20.74 -58.67
C VAL B 314 45.42 21.49 -59.09
N ASP B 315 44.58 20.82 -59.89
CA ASP B 315 43.23 21.30 -60.11
C ASP B 315 42.32 20.77 -59.02
N GLU B 316 41.02 21.06 -59.14
CA GLU B 316 40.07 20.68 -58.10
C GLU B 316 39.97 19.18 -57.90
N PHE B 317 40.48 18.37 -58.83
CA PHE B 317 40.42 16.91 -58.74
C PHE B 317 41.78 16.31 -58.41
N SER B 318 42.71 17.14 -57.93
CA SER B 318 44.04 16.69 -57.48
C SER B 318 44.95 16.26 -58.61
N ARG B 319 44.72 16.75 -59.83
CA ARG B 319 45.55 16.39 -60.97
C ARG B 319 46.65 17.43 -61.18
N THR B 320 47.88 16.96 -61.34
CA THR B 320 48.98 17.84 -61.71
C THR B 320 48.87 18.18 -63.20
N ASN B 321 49.89 18.86 -63.74
CA ASN B 321 49.94 19.13 -65.16
C ASN B 321 50.39 17.93 -65.98
N VAL B 322 50.92 16.90 -65.32
CA VAL B 322 51.41 15.70 -66.00
C VAL B 322 50.31 14.64 -65.92
N PRO B 323 49.80 14.15 -67.06
CA PRO B 323 48.71 13.17 -67.02
C PRO B 323 49.07 11.97 -66.15
N ASN B 324 48.10 11.52 -65.36
CA ASN B 324 48.20 10.33 -64.52
C ASN B 324 49.07 10.53 -63.29
N ILE B 325 49.47 11.76 -62.95
CA ILE B 325 50.20 12.04 -61.72
C ILE B 325 49.36 13.00 -60.88
N TYR B 326 49.08 12.62 -59.64
CA TYR B 326 48.19 13.36 -58.76
C TYR B 326 48.91 13.77 -57.48
N ALA B 327 48.36 14.75 -56.79
CA ALA B 327 48.90 15.19 -55.51
C ALA B 327 47.77 15.56 -54.57
N ILE B 328 47.90 15.14 -53.30
CA ILE B 328 46.93 15.42 -52.25
C ILE B 328 47.68 15.70 -50.96
N GLY B 329 46.98 16.35 -50.01
CA GLY B 329 47.53 16.54 -48.67
C GLY B 329 48.40 17.79 -48.58
N ASP B 330 49.24 17.81 -47.54
CA ASP B 330 50.04 19.00 -47.25
C ASP B 330 50.95 19.38 -48.41
N ILE B 331 51.28 18.43 -49.29
CA ILE B 331 52.18 18.78 -50.39
C ILE B 331 51.54 19.77 -51.35
N THR B 332 50.22 19.89 -51.34
CA THR B 332 49.54 20.91 -52.13
C THR B 332 49.48 22.26 -51.42
N ASP B 333 49.94 22.34 -50.17
CA ASP B 333 50.14 23.62 -49.47
C ASP B 333 48.84 24.42 -49.44
N ARG B 334 47.77 23.77 -49.00
CA ARG B 334 46.50 24.43 -48.86
C ARG B 334 46.01 24.29 -47.42
N LEU B 335 44.96 23.52 -47.18
CA LEU B 335 44.56 23.23 -45.81
C LEU B 335 45.38 22.05 -45.28
N MET B 336 46.22 22.29 -44.27
CA MET B 336 47.10 21.22 -43.76
C MET B 336 46.41 20.58 -42.55
N LEU B 337 45.43 19.71 -42.84
CA LEU B 337 44.67 18.99 -41.83
C LEU B 337 44.56 17.53 -42.26
N THR B 338 44.63 16.61 -41.28
CA THR B 338 44.55 15.19 -41.63
C THR B 338 43.22 14.82 -42.28
N PRO B 339 42.06 15.23 -41.77
CA PRO B 339 40.79 14.80 -42.39
C PRO B 339 40.59 15.36 -43.80
N VAL B 340 41.21 16.50 -44.12
CA VAL B 340 41.15 17.01 -45.48
C VAL B 340 41.99 16.12 -46.41
N ALA B 341 43.18 15.72 -45.96
CA ALA B 341 44.01 14.83 -46.78
C ALA B 341 43.29 13.52 -47.06
N ILE B 342 42.65 12.94 -46.04
CA ILE B 342 41.86 11.72 -46.20
C ILE B 342 40.75 11.93 -47.21
N ASN B 343 40.01 13.04 -47.07
CA ASN B 343 38.91 13.31 -47.98
C ASN B 343 39.41 13.42 -49.42
N GLU B 344 40.53 14.14 -49.62
CA GLU B 344 41.14 14.28 -50.95
C GLU B 344 41.53 12.92 -51.53
N GLY B 345 42.16 12.07 -50.72
CA GLY B 345 42.55 10.76 -51.20
C GLY B 345 41.37 9.94 -51.67
N ALA B 346 40.27 9.97 -50.91
CA ALA B 346 39.10 9.17 -51.28
C ALA B 346 38.45 9.73 -52.53
N ALA B 347 38.31 11.05 -52.63
CA ALA B 347 37.74 11.64 -53.82
C ALA B 347 38.57 11.27 -55.05
N LEU B 348 39.89 11.34 -54.92
CA LEU B 348 40.78 11.00 -56.03
C LEU B 348 40.51 9.60 -56.57
N VAL B 349 40.46 8.61 -55.68
CA VAL B 349 40.28 7.23 -56.12
C VAL B 349 38.87 7.01 -56.68
N ASP B 350 37.85 7.60 -56.04
CA ASP B 350 36.50 7.50 -56.58
C ASP B 350 36.46 8.02 -58.01
N THR B 351 37.23 9.08 -58.31
CA THR B 351 37.24 9.69 -59.63
C THR B 351 38.00 8.85 -60.66
N VAL B 352 39.19 8.36 -60.28
CA VAL B 352 40.04 7.66 -61.24
C VAL B 352 39.55 6.24 -61.47
N PHE B 353 39.22 5.52 -60.41
CA PHE B 353 38.92 4.10 -60.50
C PHE B 353 37.45 3.76 -60.36
N GLY B 354 36.58 4.74 -60.08
CA GLY B 354 35.15 4.55 -60.08
C GLY B 354 34.50 5.41 -61.15
N ASN B 355 33.19 5.25 -61.26
CA ASN B 355 32.45 5.99 -62.28
C ASN B 355 31.65 7.11 -61.65
N LYS B 356 32.35 7.95 -60.89
CA LYS B 356 31.73 9.15 -60.34
C LYS B 356 32.78 10.12 -59.86
N PRO B 357 33.14 11.12 -60.68
CA PRO B 357 34.08 12.15 -60.23
C PRO B 357 33.59 12.83 -58.96
N ARG B 358 34.52 13.04 -58.04
CA ARG B 358 34.27 13.72 -56.77
C ARG B 358 35.40 14.68 -56.49
N LYS B 359 35.06 15.89 -56.02
CA LYS B 359 36.07 16.86 -55.60
C LYS B 359 35.83 17.26 -54.16
N THR B 360 36.92 17.46 -53.43
CA THR B 360 36.83 17.84 -52.02
C THR B 360 36.39 19.30 -51.90
N ASP B 361 35.49 19.53 -50.95
CA ASP B 361 35.02 20.87 -50.62
C ASP B 361 35.92 21.41 -49.53
N HIS B 362 36.70 22.44 -49.84
CA HIS B 362 37.61 23.02 -48.85
C HIS B 362 37.00 24.19 -48.08
N THR B 363 35.70 24.46 -48.27
CA THR B 363 35.06 25.45 -47.42
C THR B 363 34.38 24.78 -46.23
N ARG B 364 34.10 25.59 -45.21
CA ARG B 364 33.31 25.15 -44.06
C ARG B 364 33.88 23.88 -43.42
N VAL B 365 35.20 23.79 -43.37
CA VAL B 365 35.87 22.67 -42.72
C VAL B 365 36.05 23.00 -41.25
N ALA B 366 35.50 22.16 -40.38
CA ALA B 366 35.67 22.35 -38.94
C ALA B 366 37.09 21.97 -38.54
N SER B 367 37.63 22.70 -37.57
CA SER B 367 38.99 22.42 -37.08
C SER B 367 39.11 22.89 -35.64
N ALA B 368 40.26 22.60 -35.02
CA ALA B 368 40.44 22.91 -33.61
C ALA B 368 41.88 23.28 -33.33
N VAL B 369 42.08 23.92 -32.18
CA VAL B 369 43.38 24.12 -31.58
C VAL B 369 43.31 23.56 -30.17
N PHE B 370 44.19 22.62 -29.85
CA PHE B 370 44.19 22.06 -28.49
C PHE B 370 45.10 22.84 -27.56
N SER B 371 44.89 24.15 -27.60
CA SER B 371 45.35 25.05 -26.56
C SER B 371 44.63 24.71 -25.25
N ILE B 372 45.15 25.26 -24.17
CA ILE B 372 44.51 25.16 -22.86
C ILE B 372 44.10 26.56 -22.44
N PRO B 373 42.80 26.90 -22.56
CA PRO B 373 41.72 26.04 -23.07
C PRO B 373 41.66 26.09 -24.59
N PRO B 374 40.89 25.16 -25.18
CA PRO B 374 40.93 24.92 -26.63
C PRO B 374 39.95 25.75 -27.45
N ILE B 375 40.18 25.71 -28.77
CA ILE B 375 39.40 26.40 -29.78
C ILE B 375 38.73 25.36 -30.68
N GLY B 376 37.49 25.65 -31.09
CA GLY B 376 36.81 24.93 -32.15
C GLY B 376 36.19 25.93 -33.10
N THR B 377 36.36 25.73 -34.41
CA THR B 377 35.90 26.71 -35.38
C THR B 377 35.45 26.02 -36.67
N CYS B 378 34.50 26.64 -37.36
CA CYS B 378 34.08 26.19 -38.68
C CYS B 378 33.58 27.38 -39.48
N GLY B 379 34.16 27.61 -40.66
CA GLY B 379 33.67 28.66 -41.53
C GLY B 379 34.40 29.98 -41.36
N LEU B 380 33.77 31.05 -41.83
CA LEU B 380 34.48 32.31 -42.03
C LEU B 380 34.56 33.12 -40.76
N ILE B 381 35.72 33.77 -40.55
CA ILE B 381 35.80 34.83 -39.55
C ILE B 381 35.19 36.10 -40.11
N GLU B 382 34.76 36.99 -39.20
CA GLU B 382 33.91 38.10 -39.61
C GLU B 382 34.61 39.03 -40.61
N GLU B 383 35.92 39.25 -40.46
CA GLU B 383 36.54 40.23 -41.36
C GLU B 383 36.69 39.68 -42.77
N VAL B 384 36.79 38.35 -42.92
CA VAL B 384 36.76 37.75 -44.24
C VAL B 384 35.33 37.79 -44.80
N ALA B 385 34.33 37.51 -43.95
CA ALA B 385 32.94 37.59 -44.39
C ALA B 385 32.60 39.01 -44.85
N ALA B 386 33.16 40.02 -44.17
CA ALA B 386 32.78 41.39 -44.47
C ALA B 386 33.28 41.85 -45.84
N LYS B 387 34.25 41.16 -46.43
CA LYS B 387 34.68 41.49 -47.78
C LYS B 387 33.89 40.77 -48.86
N GLU B 388 33.20 39.68 -48.51
CA GLU B 388 32.37 38.93 -49.46
C GLU B 388 30.91 39.30 -49.43
N PHE B 389 30.43 39.94 -48.35
CA PHE B 389 29.01 40.21 -48.15
C PHE B 389 28.78 41.64 -47.70
N GLU B 390 27.69 42.24 -48.20
CA GLU B 390 27.42 43.65 -47.91
C GLU B 390 27.00 43.85 -46.45
N LYS B 391 26.24 42.92 -45.89
CA LYS B 391 25.77 43.03 -44.52
C LYS B 391 26.10 41.75 -43.76
N VAL B 392 26.91 41.87 -42.71
CA VAL B 392 27.33 40.77 -41.85
C VAL B 392 26.90 41.09 -40.42
N ALA B 393 26.32 40.11 -39.73
CA ALA B 393 26.00 40.26 -38.31
C ALA B 393 26.88 39.32 -37.50
N VAL B 394 27.28 39.77 -36.32
CA VAL B 394 28.05 38.98 -35.37
C VAL B 394 27.26 38.86 -34.09
N TYR B 395 26.99 37.62 -33.68
CA TYR B 395 26.36 37.29 -32.41
C TYR B 395 27.45 36.78 -31.48
N MET B 396 27.49 37.28 -30.25
CA MET B 396 28.59 36.99 -29.35
C MET B 396 28.12 36.74 -27.93
N SER B 397 28.68 35.71 -27.30
CA SER B 397 28.45 35.41 -25.89
C SER B 397 29.81 35.08 -25.26
N SER B 398 30.11 35.71 -24.13
CA SER B 398 31.43 35.56 -23.51
C SER B 398 31.31 35.76 -22.00
N PHE B 399 31.58 34.71 -21.24
CA PHE B 399 31.41 34.76 -19.80
C PHE B 399 32.22 33.62 -19.17
N THR B 400 32.54 33.76 -17.90
CA THR B 400 33.13 32.64 -17.16
C THR B 400 32.04 31.69 -16.69
N PRO B 401 32.08 30.40 -17.07
CA PRO B 401 31.06 29.46 -16.61
C PRO B 401 31.05 29.30 -15.11
N LEU B 402 29.87 29.00 -14.57
CA LEU B 402 29.73 28.88 -13.12
C LEU B 402 30.79 27.95 -12.53
N MET B 403 31.09 26.84 -13.20
CA MET B 403 32.02 25.90 -12.57
C MET B 403 33.41 26.51 -12.39
N HIS B 404 33.81 27.47 -13.25
CA HIS B 404 35.14 28.03 -13.08
C HIS B 404 35.18 29.20 -12.11
N ASN B 405 34.01 29.73 -11.73
CA ASN B 405 33.97 30.57 -10.53
C ASN B 405 34.18 29.74 -9.27
N ILE B 406 33.82 28.47 -9.29
CA ILE B 406 34.07 27.62 -8.12
C ILE B 406 35.47 27.02 -8.18
N SER B 407 35.91 26.60 -9.36
CA SER B 407 37.24 26.01 -9.51
C SER B 407 38.34 26.99 -9.13
N GLY B 408 38.08 28.28 -9.24
CA GLY B 408 39.10 29.29 -9.04
C GLY B 408 39.78 29.77 -10.31
N SER B 409 39.51 29.13 -11.45
CA SER B 409 40.07 29.61 -12.72
C SER B 409 39.13 30.63 -13.35
N LYS B 410 38.98 31.78 -12.69
CA LYS B 410 37.95 32.74 -13.12
C LYS B 410 38.31 33.37 -14.45
N TYR B 411 39.58 33.27 -14.87
CA TYR B 411 40.00 33.77 -16.16
C TYR B 411 39.46 32.97 -17.34
N LYS B 412 38.88 31.79 -17.10
CA LYS B 412 38.47 30.90 -18.19
C LYS B 412 37.08 31.28 -18.72
N LYS B 413 37.06 32.41 -19.43
CA LYS B 413 35.85 32.82 -20.15
C LYS B 413 35.58 31.85 -21.32
N PHE B 414 34.33 31.42 -21.46
CA PHE B 414 33.89 30.71 -22.66
C PHE B 414 33.43 31.74 -23.68
N VAL B 415 33.89 31.62 -24.92
CA VAL B 415 33.50 32.54 -25.99
C VAL B 415 32.76 31.74 -27.06
N ALA B 416 31.59 32.24 -27.48
CA ALA B 416 30.86 31.66 -28.60
C ALA B 416 30.44 32.79 -29.54
N LYS B 417 30.86 32.71 -30.80
CA LYS B 417 30.48 33.71 -31.79
C LYS B 417 29.88 33.05 -33.02
N ILE B 418 28.80 33.62 -33.53
CA ILE B 418 28.18 33.20 -34.79
C ILE B 418 28.21 34.37 -35.76
N VAL B 419 28.72 34.13 -36.97
CA VAL B 419 28.84 35.14 -38.02
C VAL B 419 27.80 34.81 -39.09
N THR B 420 26.97 35.78 -39.48
CA THR B 420 25.94 35.51 -40.48
C THR B 420 25.99 36.50 -41.63
N ASN B 421 25.46 36.06 -42.77
CA ASN B 421 25.02 36.96 -43.83
C ASN B 421 23.70 37.56 -43.35
N HIS B 422 23.73 38.84 -42.95
CA HIS B 422 22.54 39.39 -42.33
C HIS B 422 21.40 39.57 -43.32
N SER B 423 21.69 39.56 -44.62
CA SER B 423 20.63 39.72 -45.61
C SER B 423 19.64 38.56 -45.59
N ASP B 424 20.08 37.37 -45.22
CA ASP B 424 19.17 36.21 -45.21
C ASP B 424 19.36 35.30 -44.00
N GLY B 425 20.18 35.69 -43.02
CA GLY B 425 20.38 34.89 -41.83
C GLY B 425 21.33 33.70 -41.96
N THR B 426 21.90 33.45 -43.13
CA THR B 426 22.72 32.24 -43.31
C THR B 426 23.95 32.29 -42.41
N VAL B 427 24.21 31.19 -41.69
CA VAL B 427 25.39 31.13 -40.83
C VAL B 427 26.64 30.92 -41.69
N LEU B 428 27.59 31.84 -41.59
CA LEU B 428 28.83 31.79 -42.35
C LEU B 428 29.99 31.22 -41.55
N GLY B 429 29.96 31.36 -40.23
CA GLY B 429 31.06 30.90 -39.40
C GLY B 429 30.61 30.78 -37.96
N VAL B 430 31.23 29.84 -37.23
CA VAL B 430 31.00 29.65 -35.80
C VAL B 430 32.36 29.42 -35.17
N HIS B 431 32.64 30.15 -34.08
CA HIS B 431 33.95 30.17 -33.45
C HIS B 431 33.80 30.05 -31.94
N LEU B 432 34.50 29.10 -31.32
CA LEU B 432 34.31 28.75 -29.92
C LEU B 432 35.64 28.71 -29.20
N LEU B 433 35.66 29.21 -27.96
CA LEU B 433 36.81 29.05 -27.08
C LEU B 433 36.35 28.56 -25.72
N GLY B 434 36.93 27.46 -25.24
CA GLY B 434 36.55 26.92 -23.94
C GLY B 434 36.53 25.41 -23.87
N ASP B 435 36.50 24.84 -22.67
CA ASP B 435 36.44 23.39 -22.52
C ASP B 435 35.35 22.83 -23.42
N GLY B 436 35.70 21.79 -24.18
CA GLY B 436 34.73 21.12 -25.03
C GLY B 436 34.59 21.67 -26.43
N ALA B 437 35.18 22.83 -26.72
CA ALA B 437 34.97 23.49 -28.01
C ALA B 437 35.24 22.59 -29.22
N PRO B 438 36.31 21.79 -29.27
CA PRO B 438 36.51 20.91 -30.43
C PRO B 438 35.39 19.88 -30.62
N GLU B 439 34.79 19.40 -29.52
CA GLU B 439 33.70 18.43 -29.61
C GLU B 439 32.40 19.11 -30.01
N ILE B 440 32.15 20.30 -29.47
CA ILE B 440 30.92 21.04 -29.80
C ILE B 440 30.85 21.34 -31.28
N ILE B 441 31.99 21.65 -31.90
CA ILE B 441 31.98 22.22 -33.26
C ILE B 441 31.70 21.17 -34.34
N GLN B 442 31.90 19.87 -34.07
CA GLN B 442 31.81 18.87 -35.14
C GLN B 442 30.46 18.93 -35.84
N ALA B 443 29.36 18.85 -35.08
CA ALA B 443 28.06 18.83 -35.74
C ALA B 443 27.68 20.21 -36.28
N VAL B 444 28.34 21.28 -35.83
CA VAL B 444 28.17 22.58 -36.50
C VAL B 444 28.65 22.49 -37.94
N GLY B 445 29.71 21.72 -38.19
CA GLY B 445 30.14 21.49 -39.56
C GLY B 445 29.06 20.87 -40.42
N VAL B 446 28.26 19.98 -39.83
CA VAL B 446 27.15 19.39 -40.56
C VAL B 446 26.06 20.44 -40.80
N CYS B 447 25.76 21.27 -39.79
CA CYS B 447 24.77 22.34 -39.94
C CYS B 447 25.07 23.24 -41.14
N LEU B 448 26.34 23.59 -41.33
CA LEU B 448 26.70 24.50 -42.41
C LEU B 448 26.50 23.89 -43.79
N ARG B 449 26.33 22.57 -43.88
CA ARG B 449 26.00 21.89 -45.12
C ARG B 449 24.51 21.76 -45.34
N LEU B 450 23.69 22.23 -44.40
CA LEU B 450 22.25 22.23 -44.51
C LEU B 450 21.70 23.65 -44.64
N ASN B 451 22.53 24.58 -45.08
CA ASN B 451 22.21 26.00 -45.17
C ASN B 451 21.47 26.48 -43.93
N ALA B 452 22.07 26.19 -42.79
CA ALA B 452 21.50 26.61 -41.51
C ALA B 452 21.51 28.13 -41.39
N LYS B 453 20.42 28.66 -40.83
CA LYS B 453 20.31 30.08 -40.52
C LYS B 453 20.39 30.30 -39.01
N ILE B 454 20.67 31.54 -38.61
CA ILE B 454 20.72 31.83 -37.17
C ILE B 454 19.43 31.38 -36.50
N SER B 455 18.28 31.56 -37.17
CA SER B 455 17.01 31.16 -36.56
C SER B 455 16.90 29.65 -36.41
N ASP B 456 17.58 28.88 -37.25
CA ASP B 456 17.58 27.44 -37.06
C ASP B 456 18.28 27.07 -35.76
N PHE B 457 19.34 27.79 -35.40
CA PHE B 457 19.99 27.57 -34.10
C PHE B 457 19.12 28.01 -32.94
N TYR B 458 18.62 29.26 -32.99
CA TYR B 458 17.86 29.77 -31.85
C TYR B 458 16.52 29.04 -31.65
N ASN B 459 15.94 28.49 -32.72
CA ASN B 459 14.69 27.75 -32.56
C ASN B 459 14.89 26.28 -32.15
N THR B 460 16.13 25.80 -32.09
CA THR B 460 16.41 24.47 -31.53
C THR B 460 16.43 24.53 -30.01
N ILE B 461 15.84 23.51 -29.38
CA ILE B 461 15.75 23.47 -27.92
C ILE B 461 17.13 23.11 -27.34
N GLY B 462 17.55 23.83 -26.29
CA GLY B 462 18.88 23.61 -25.77
C GLY B 462 18.98 22.32 -24.95
N VAL B 463 20.22 21.85 -24.78
CA VAL B 463 20.52 20.81 -23.80
C VAL B 463 21.16 21.50 -22.60
N HIS B 464 20.58 21.31 -21.41
CA HIS B 464 20.93 22.13 -20.25
C HIS B 464 21.29 21.22 -19.07
N PRO B 465 22.35 21.55 -18.33
CA PRO B 465 23.30 22.65 -18.51
C PRO B 465 24.51 22.25 -19.39
N THR B 466 24.80 22.99 -20.46
CA THR B 466 26.00 22.79 -21.27
C THR B 466 26.57 24.15 -21.68
N SER B 467 27.83 24.15 -22.10
CA SER B 467 28.37 25.31 -22.82
C SER B 467 27.76 25.43 -24.20
N ALA B 468 27.48 24.28 -24.84
CA ALA B 468 27.01 24.27 -26.23
C ALA B 468 25.66 24.98 -26.39
N GLU B 469 24.79 24.95 -25.37
CA GLU B 469 23.48 25.57 -25.52
C GLU B 469 23.57 27.06 -25.75
N GLU B 470 24.71 27.69 -25.47
CA GLU B 470 24.86 29.09 -25.81
C GLU B 470 24.63 29.34 -27.30
N LEU B 471 24.98 28.37 -28.15
CA LEU B 471 24.79 28.51 -29.60
C LEU B 471 23.32 28.62 -29.99
N CYS B 472 22.41 28.19 -29.12
CA CYS B 472 20.98 28.23 -29.40
C CYS B 472 20.26 29.33 -28.61
N SER B 473 21.01 30.25 -27.99
CA SER B 473 20.43 31.28 -27.15
C SER B 473 20.72 32.69 -27.64
N MET B 474 21.24 32.83 -28.86
CA MET B 474 21.61 34.14 -29.40
C MET B 474 20.61 34.55 -30.48
N ARG B 475 19.82 35.59 -30.20
CA ARG B 475 18.81 36.12 -31.12
C ARG B 475 19.19 37.45 -31.74
N THR B 476 19.96 38.27 -31.04
CA THR B 476 20.14 39.65 -31.41
C THR B 476 21.61 39.92 -31.68
N PRO B 477 21.97 40.48 -32.83
CA PRO B 477 23.39 40.70 -33.12
C PRO B 477 24.02 41.64 -32.10
N SER B 478 25.29 41.39 -31.81
CA SER B 478 26.07 42.34 -31.00
C SER B 478 26.58 43.50 -31.83
N TYR B 479 26.89 43.29 -33.10
CA TYR B 479 27.33 44.36 -34.00
C TYR B 479 27.32 43.83 -35.42
N TYR B 480 27.72 44.69 -36.36
CA TYR B 480 27.56 44.42 -37.79
C TYR B 480 28.80 44.87 -38.55
N TYR B 481 28.92 44.38 -39.79
CA TYR B 481 29.78 44.96 -40.81
C TYR B 481 28.91 45.34 -42.00
N VAL B 482 28.95 46.61 -42.40
CA VAL B 482 28.21 47.10 -43.57
C VAL B 482 29.23 47.61 -44.58
N LYS B 483 29.21 47.05 -45.78
CA LYS B 483 30.19 47.41 -46.81
C LYS B 483 31.62 47.34 -46.27
N GLY B 484 31.87 46.41 -45.36
CA GLY B 484 33.21 46.17 -44.86
C GLY B 484 33.60 46.94 -43.62
N GLU B 485 32.73 47.81 -43.10
CA GLU B 485 33.08 48.65 -41.96
C GLU B 485 32.28 48.25 -40.72
N LYS B 486 32.99 48.08 -39.61
CA LYS B 486 32.44 47.61 -38.36
C LYS B 486 31.61 48.70 -37.69
N MET B 487 30.42 48.34 -37.21
CA MET B 487 29.56 49.34 -36.58
C MET B 487 28.54 48.64 -35.69
N GLU B 488 28.16 49.33 -34.62
CA GLU B 488 27.35 48.70 -33.59
C GLU B 488 25.88 48.57 -34.00
N LYS B 489 25.39 49.46 -34.86
CA LYS B 489 23.99 49.43 -35.28
C LYS B 489 23.92 49.59 -36.80
N LEU B 490 22.80 49.15 -37.35
CA LEU B 490 22.64 49.29 -38.78
C LEU B 490 22.26 50.74 -39.13
N PRO B 491 22.75 51.26 -40.27
CA PRO B 491 22.38 52.59 -40.77
C PRO B 491 20.99 52.61 -41.40
N LYS C 6 -8.83 -37.70 -11.88
CA LYS C 6 -10.11 -37.99 -12.52
C LYS C 6 -10.85 -36.69 -12.83
N ALA C 7 -12.11 -36.81 -13.21
CA ALA C 7 -12.96 -35.67 -13.54
C ALA C 7 -14.18 -35.69 -12.62
N PHE C 8 -14.74 -34.50 -12.39
CA PHE C 8 -15.79 -34.33 -11.40
C PHE C 8 -16.80 -33.30 -11.87
N ASP C 9 -18.04 -33.45 -11.39
CA ASP C 9 -19.03 -32.40 -11.59
C ASP C 9 -18.65 -31.12 -10.87
N LEU C 10 -18.10 -31.26 -9.67
CA LEU C 10 -17.84 -30.12 -8.79
C LEU C 10 -16.50 -30.32 -8.11
N VAL C 11 -15.67 -29.29 -8.12
CA VAL C 11 -14.44 -29.27 -7.33
C VAL C 11 -14.52 -28.08 -6.38
N VAL C 12 -14.41 -28.37 -5.09
CA VAL C 12 -14.46 -27.36 -4.03
C VAL C 12 -13.05 -27.20 -3.47
N ILE C 13 -12.52 -25.98 -3.51
CA ILE C 13 -11.25 -25.67 -2.87
C ILE C 13 -11.57 -25.06 -1.51
N GLY C 14 -11.28 -25.81 -0.45
CA GLY C 14 -11.62 -25.42 0.91
C GLY C 14 -12.69 -26.30 1.52
N ALA C 15 -12.31 -27.17 2.44
CA ALA C 15 -13.24 -28.12 3.07
C ALA C 15 -13.78 -27.54 4.38
N GLY C 16 -14.37 -26.35 4.29
CA GLY C 16 -14.79 -25.59 5.44
C GLY C 16 -16.29 -25.55 5.63
N SER C 17 -16.76 -24.53 6.34
CA SER C 17 -18.19 -24.42 6.64
C SER C 17 -19.00 -24.42 5.35
N GLY C 18 -18.67 -23.53 4.42
CA GLY C 18 -19.44 -23.42 3.19
C GLY C 18 -19.09 -24.49 2.17
N GLY C 19 -17.80 -24.81 2.07
CA GLY C 19 -17.37 -25.82 1.10
C GLY C 19 -17.97 -27.18 1.38
N LEU C 20 -17.91 -27.63 2.64
CA LEU C 20 -18.44 -28.95 2.97
C LEU C 20 -19.95 -29.00 2.77
N GLU C 21 -20.67 -27.92 3.07
CA GLU C 21 -22.11 -27.93 2.84
C GLU C 21 -22.41 -28.09 1.35
N ALA C 22 -21.66 -27.39 0.50
CA ALA C 22 -21.85 -27.51 -0.94
C ALA C 22 -21.50 -28.91 -1.43
N GLY C 23 -20.37 -29.46 -0.97
CA GLY C 23 -19.93 -30.76 -1.46
C GLY C 23 -20.81 -31.91 -1.01
N TRP C 24 -21.28 -31.86 0.24
CA TRP C 24 -22.19 -32.91 0.71
C TRP C 24 -23.54 -32.83 0.02
N ASN C 25 -24.06 -31.62 -0.19
CA ASN C 25 -25.36 -31.47 -0.83
C ASN C 25 -25.32 -31.91 -2.29
N ALA C 26 -24.29 -31.50 -3.03
CA ALA C 26 -24.18 -31.89 -4.42
C ALA C 26 -24.10 -33.41 -4.56
N ALA C 27 -23.35 -34.07 -3.69
CA ALA C 27 -23.15 -35.51 -3.82
C ALA C 27 -24.37 -36.31 -3.34
N THR C 28 -25.02 -35.89 -2.25
CA THR C 28 -26.08 -36.70 -1.67
C THR C 28 -27.48 -36.25 -2.06
N LEU C 29 -27.66 -35.01 -2.48
CA LEU C 29 -28.96 -34.54 -2.96
C LEU C 29 -29.09 -34.55 -4.46
N TYR C 30 -27.97 -34.74 -5.19
CA TYR C 30 -28.01 -34.72 -6.64
C TYR C 30 -27.10 -35.78 -7.26
N GLY C 31 -26.51 -36.67 -6.46
CA GLY C 31 -25.69 -37.74 -6.99
C GLY C 31 -24.53 -37.30 -7.87
N LYS C 32 -24.06 -36.07 -7.72
CA LYS C 32 -22.95 -35.59 -8.53
C LYS C 32 -21.62 -36.13 -8.01
N ARG C 33 -20.61 -36.11 -8.88
CA ARG C 33 -19.24 -36.48 -8.52
C ARG C 33 -18.52 -35.24 -8.00
N VAL C 34 -18.04 -35.29 -6.76
CA VAL C 34 -17.58 -34.09 -6.06
C VAL C 34 -16.18 -34.32 -5.52
N ALA C 35 -15.29 -33.36 -5.76
CA ALA C 35 -13.98 -33.32 -5.14
C ALA C 35 -13.91 -32.13 -4.19
N VAL C 36 -13.23 -32.31 -3.05
CA VAL C 36 -13.03 -31.27 -2.04
C VAL C 36 -11.57 -31.30 -1.63
N VAL C 37 -10.91 -30.15 -1.60
CA VAL C 37 -9.49 -30.04 -1.33
C VAL C 37 -9.29 -29.22 -0.06
N ASP C 38 -8.40 -29.69 0.83
CA ASP C 38 -7.97 -28.92 1.97
C ASP C 38 -6.53 -29.27 2.30
N VAL C 39 -5.86 -28.39 3.06
CA VAL C 39 -4.42 -28.48 3.25
C VAL C 39 -4.01 -29.38 4.42
N GLN C 40 -4.95 -29.78 5.25
CA GLN C 40 -4.63 -30.54 6.44
C GLN C 40 -5.83 -31.39 6.80
N THR C 41 -5.58 -32.54 7.44
CA THR C 41 -6.68 -33.43 7.80
C THR C 41 -7.17 -33.22 9.24
N SER C 42 -6.40 -32.54 10.09
CA SER C 42 -6.85 -32.25 11.43
C SER C 42 -6.23 -30.94 11.91
N HIS C 43 -6.71 -30.47 13.06
CA HIS C 43 -6.48 -29.11 13.52
C HIS C 43 -5.03 -28.88 13.89
N GLY C 44 -4.63 -27.59 13.84
CA GLY C 44 -3.43 -27.16 14.53
C GLY C 44 -2.30 -26.82 13.60
N PRO C 45 -1.18 -26.38 14.18
CA PRO C 45 0.01 -26.08 13.39
C PRO C 45 0.39 -27.25 12.51
N PRO C 46 0.95 -26.99 11.32
CA PRO C 46 1.37 -25.69 10.78
C PRO C 46 0.29 -24.82 10.14
N PHE C 47 -0.80 -25.36 9.60
CA PHE C 47 -1.73 -24.53 8.84
C PHE C 47 -2.99 -24.16 9.60
N TYR C 48 -3.19 -24.71 10.81
CA TYR C 48 -4.22 -24.32 11.78
C TYR C 48 -5.63 -24.73 11.34
N ALA C 49 -6.21 -24.06 10.35
CA ALA C 49 -7.42 -24.58 9.72
C ALA C 49 -7.12 -25.88 8.99
N ALA C 50 -8.17 -26.63 8.70
CA ALA C 50 -7.99 -27.99 8.20
C ALA C 50 -9.37 -28.49 7.78
N LEU C 51 -9.45 -29.77 7.41
CA LEU C 51 -10.72 -30.44 7.18
C LEU C 51 -11.72 -30.04 8.26
N GLY C 52 -12.85 -29.46 7.84
CA GLY C 52 -13.85 -28.91 8.74
C GLY C 52 -13.97 -27.41 8.66
N GLY C 53 -12.87 -26.72 8.36
CA GLY C 53 -12.88 -25.27 8.20
C GLY C 53 -12.36 -24.55 9.42
N THR C 54 -12.37 -23.22 9.31
CA THR C 54 -11.84 -22.38 10.38
C THR C 54 -12.70 -22.47 11.64
N CYS C 55 -14.02 -22.51 11.50
CA CYS C 55 -14.90 -22.54 12.65
C CYS C 55 -14.66 -23.78 13.50
N VAL C 56 -14.54 -24.94 12.85
CA VAL C 56 -14.38 -26.20 13.55
C VAL C 56 -13.02 -26.27 14.23
N ASN C 57 -11.95 -25.77 13.58
CA ASN C 57 -10.60 -26.05 14.03
C ASN C 57 -10.02 -24.96 14.91
N VAL C 58 -10.22 -23.69 14.53
CA VAL C 58 -9.59 -22.55 15.20
C VAL C 58 -10.56 -21.37 15.19
N GLY C 59 -11.83 -21.65 15.46
CA GLY C 59 -12.85 -20.62 15.45
C GLY C 59 -14.00 -20.89 16.41
N CYS C 60 -15.25 -20.77 15.93
CA CYS C 60 -16.42 -20.79 16.81
C CYS C 60 -16.41 -21.99 17.77
N VAL C 61 -16.12 -23.19 17.26
CA VAL C 61 -16.29 -24.39 18.07
C VAL C 61 -15.31 -24.39 19.24
N PRO C 62 -13.98 -24.32 19.03
CA PRO C 62 -13.08 -24.30 20.19
C PRO C 62 -13.22 -23.05 21.03
N LYS C 63 -13.47 -21.89 20.43
CA LYS C 63 -13.54 -20.71 21.28
C LYS C 63 -14.75 -20.77 22.20
N LYS C 64 -15.86 -21.36 21.74
CA LYS C 64 -17.02 -21.43 22.64
C LYS C 64 -16.73 -22.34 23.82
N LEU C 65 -16.01 -23.44 23.59
CA LEU C 65 -15.63 -24.32 24.69
C LEU C 65 -14.74 -23.58 25.69
N MET C 66 -13.80 -22.77 25.18
CA MET C 66 -12.89 -22.04 26.05
C MET C 66 -13.62 -20.90 26.78
N VAL C 67 -14.59 -20.25 26.14
CA VAL C 67 -15.39 -19.28 26.91
C VAL C 67 -16.18 -19.99 27.99
N THR C 68 -16.75 -21.15 27.68
CA THR C 68 -17.47 -21.91 28.70
C THR C 68 -16.56 -22.22 29.89
N GLY C 69 -15.31 -22.63 29.62
CA GLY C 69 -14.35 -22.79 30.69
C GLY C 69 -14.12 -21.52 31.48
N ALA C 70 -13.98 -20.39 30.78
CA ALA C 70 -13.71 -19.12 31.46
C ALA C 70 -14.86 -18.71 32.36
N GLN C 71 -16.10 -19.08 32.00
CA GLN C 71 -17.27 -18.71 32.79
C GLN C 71 -17.23 -19.31 34.20
N TYR C 72 -16.50 -20.40 34.40
CA TYR C 72 -16.46 -20.98 35.74
C TYR C 72 -15.74 -20.08 36.74
N MET C 73 -14.87 -19.16 36.29
CA MET C 73 -14.34 -18.20 37.26
C MET C 73 -15.48 -17.45 37.93
N ASP C 74 -16.46 -17.01 37.13
CA ASP C 74 -17.63 -16.33 37.70
C ASP C 74 -18.49 -17.28 38.52
N HIS C 75 -18.79 -18.48 37.99
CA HIS C 75 -19.68 -19.39 38.71
C HIS C 75 -19.14 -19.72 40.09
N LEU C 76 -17.85 -19.98 40.20
CA LEU C 76 -17.30 -20.37 41.49
C LEU C 76 -17.43 -19.24 42.50
N ARG C 77 -17.19 -18.01 42.06
CA ARG C 77 -17.32 -16.88 42.97
C ARG C 77 -18.79 -16.63 43.35
N GLU C 78 -19.68 -16.69 42.35
CA GLU C 78 -21.09 -16.37 42.54
C GLU C 78 -21.84 -17.44 43.34
N SER C 79 -21.31 -18.65 43.41
CA SER C 79 -21.99 -19.71 44.16
C SER C 79 -22.07 -19.38 45.66
N ALA C 80 -21.13 -18.57 46.17
CA ALA C 80 -21.09 -18.31 47.61
C ALA C 80 -22.36 -17.61 48.10
N GLY C 81 -22.89 -16.67 47.32
CA GLY C 81 -24.10 -15.95 47.70
C GLY C 81 -25.32 -16.84 47.80
N PHE C 82 -25.27 -18.02 47.19
CA PHE C 82 -26.34 -19.01 47.27
C PHE C 82 -26.03 -20.10 48.28
N GLY C 83 -25.02 -19.89 49.11
CA GLY C 83 -24.75 -20.78 50.20
C GLY C 83 -23.70 -21.85 49.96
N TRP C 84 -22.99 -21.83 48.82
CA TRP C 84 -21.94 -22.82 48.60
C TRP C 84 -20.66 -22.41 49.30
N GLU C 85 -20.05 -23.37 49.99
CA GLU C 85 -18.84 -23.16 50.76
C GLU C 85 -17.78 -24.14 50.28
N PHE C 86 -16.56 -23.64 50.08
CA PHE C 86 -15.42 -24.49 49.77
C PHE C 86 -14.16 -23.66 50.00
N ASP C 87 -13.01 -24.33 49.99
CA ASP C 87 -11.72 -23.68 50.23
C ASP C 87 -11.33 -22.85 49.01
N GLY C 88 -11.62 -21.55 49.05
CA GLY C 88 -11.29 -20.71 47.91
C GLY C 88 -9.81 -20.58 47.65
N SER C 89 -8.98 -20.77 48.69
CA SER C 89 -7.54 -20.70 48.50
C SER C 89 -7.01 -21.85 47.66
N SER C 90 -7.79 -22.91 47.44
CA SER C 90 -7.39 -24.07 46.67
C SER C 90 -7.80 -24.01 45.19
N VAL C 91 -8.44 -22.94 44.75
CA VAL C 91 -8.94 -22.89 43.38
C VAL C 91 -7.79 -22.53 42.43
N LYS C 92 -7.65 -23.32 41.37
CA LYS C 92 -6.68 -23.05 40.30
C LYS C 92 -7.31 -23.39 38.96
N ALA C 93 -7.05 -22.55 37.96
CA ALA C 93 -7.50 -22.80 36.59
C ALA C 93 -6.36 -23.45 35.82
N ASN C 94 -6.58 -24.68 35.36
CA ASN C 94 -5.53 -25.44 34.68
C ASN C 94 -5.72 -25.29 33.18
N TRP C 95 -4.96 -24.36 32.59
CA TRP C 95 -5.05 -24.09 31.16
C TRP C 95 -4.66 -25.31 30.33
N LYS C 96 -3.66 -26.07 30.75
CA LYS C 96 -3.25 -27.21 29.94
C LYS C 96 -4.37 -28.22 29.81
N LYS C 97 -5.13 -28.45 30.89
CA LYS C 97 -6.27 -29.35 30.80
C LYS C 97 -7.32 -28.83 29.83
N LEU C 98 -7.62 -27.53 29.86
CA LEU C 98 -8.62 -26.98 28.96
C LEU C 98 -8.22 -27.21 27.51
N ILE C 99 -6.95 -26.92 27.17
CA ILE C 99 -6.49 -27.02 25.80
C ILE C 99 -6.51 -28.48 25.34
N ALA C 100 -6.09 -29.39 26.22
CA ALA C 100 -6.12 -30.80 25.86
C ALA C 100 -7.55 -31.31 25.65
N ALA C 101 -8.51 -30.86 26.48
CA ALA C 101 -9.90 -31.25 26.27
C ALA C 101 -10.43 -30.67 24.97
N LYS C 102 -10.13 -29.41 24.71
CA LYS C 102 -10.50 -28.80 23.43
C LYS C 102 -9.88 -29.55 22.26
N ASN C 103 -8.58 -29.87 22.34
CA ASN C 103 -7.92 -30.57 21.25
C ASN C 103 -8.61 -31.90 20.94
N GLU C 104 -8.99 -32.64 21.96
CA GLU C 104 -9.62 -33.94 21.73
C GLU C 104 -11.00 -33.77 21.09
N ALA C 105 -11.76 -32.77 21.53
CA ALA C 105 -13.07 -32.53 20.95
C ALA C 105 -12.97 -32.17 19.47
N VAL C 106 -12.02 -31.31 19.12
CA VAL C 106 -11.87 -30.91 17.72
C VAL C 106 -11.35 -32.08 16.89
N LEU C 107 -10.39 -32.83 17.41
CA LEU C 107 -9.87 -33.98 16.68
C LEU C 107 -10.96 -35.01 16.41
N ASP C 108 -11.91 -35.18 17.34
CA ASP C 108 -13.02 -36.08 17.08
C ASP C 108 -13.89 -35.59 15.95
N ILE C 109 -14.03 -34.26 15.80
CA ILE C 109 -14.81 -33.73 14.68
C ILE C 109 -14.05 -33.91 13.38
N ASN C 110 -12.73 -33.70 13.39
CA ASN C 110 -11.91 -33.97 12.20
C ASN C 110 -12.12 -35.41 11.74
N LYS C 111 -11.94 -36.38 12.64
CA LYS C 111 -12.09 -37.78 12.28
C LYS C 111 -13.49 -38.08 11.78
N SER C 112 -14.50 -37.42 12.37
CA SER C 112 -15.86 -37.58 11.89
C SER C 112 -15.98 -37.21 10.42
N TYR C 113 -15.39 -36.07 10.03
CA TYR C 113 -15.43 -35.66 8.62
C TYR C 113 -14.65 -36.62 7.73
N GLU C 114 -13.54 -37.18 8.25
CA GLU C 114 -12.79 -38.17 7.50
C GLU C 114 -13.64 -39.40 7.20
N GLY C 115 -14.43 -39.86 8.17
CA GLY C 115 -15.36 -40.94 7.91
C GLY C 115 -16.48 -40.56 6.95
N MET C 116 -16.93 -39.31 7.02
CA MET C 116 -17.94 -38.83 6.08
C MET C 116 -17.50 -39.05 4.64
N PHE C 117 -16.22 -38.79 4.35
CA PHE C 117 -15.73 -38.99 2.98
C PHE C 117 -15.62 -40.47 2.65
N ASN C 118 -14.99 -41.25 3.54
CA ASN C 118 -14.76 -42.66 3.24
C ASN C 118 -16.06 -43.44 3.10
N ASP C 119 -17.18 -42.91 3.61
CA ASP C 119 -18.45 -43.62 3.60
C ASP C 119 -19.44 -43.07 2.57
N THR C 120 -19.02 -42.11 1.73
CA THR C 120 -19.92 -41.47 0.78
C THR C 120 -19.37 -41.66 -0.63
N GLU C 121 -20.09 -42.44 -1.44
CA GLU C 121 -19.76 -42.56 -2.86
C GLU C 121 -20.06 -41.24 -3.56
N GLY C 122 -19.17 -40.85 -4.47
CA GLY C 122 -19.32 -39.59 -5.15
C GLY C 122 -18.78 -38.38 -4.40
N LEU C 123 -18.11 -38.60 -3.26
CA LEU C 123 -17.54 -37.52 -2.46
C LEU C 123 -16.12 -37.91 -2.07
N ASP C 124 -15.13 -37.21 -2.63
CA ASP C 124 -13.73 -37.55 -2.41
C ASP C 124 -12.97 -36.35 -1.87
N PHE C 125 -12.04 -36.61 -0.97
CA PHE C 125 -11.19 -35.59 -0.37
C PHE C 125 -9.78 -35.71 -0.90
N PHE C 126 -9.15 -34.57 -1.18
CA PHE C 126 -7.77 -34.53 -1.64
C PHE C 126 -6.95 -33.62 -0.74
N LEU C 127 -5.85 -34.15 -0.20
CA LEU C 127 -4.94 -33.39 0.64
C LEU C 127 -3.96 -32.60 -0.20
N GLY C 128 -3.88 -31.29 0.04
CA GLY C 128 -2.89 -30.46 -0.60
C GLY C 128 -3.44 -29.07 -0.83
N TRP C 129 -2.72 -28.30 -1.65
CA TRP C 129 -3.04 -26.91 -1.90
C TRP C 129 -3.67 -26.76 -3.29
N GLY C 130 -4.91 -26.30 -3.32
CA GLY C 130 -5.63 -26.16 -4.57
C GLY C 130 -5.43 -24.79 -5.19
N SER C 131 -5.32 -24.76 -6.52
CA SER C 131 -5.21 -23.52 -7.28
C SER C 131 -5.80 -23.72 -8.67
N LEU C 132 -6.10 -22.60 -9.33
CA LEU C 132 -6.74 -22.61 -10.64
C LEU C 132 -5.66 -22.64 -11.73
N GLU C 133 -5.56 -23.77 -12.43
CA GLU C 133 -4.68 -23.85 -13.59
C GLU C 133 -5.35 -23.22 -14.81
N SER C 134 -6.58 -23.63 -15.12
CA SER C 134 -7.36 -23.06 -16.21
C SER C 134 -8.84 -23.23 -15.90
N LYS C 135 -9.68 -22.91 -16.88
CA LYS C 135 -11.11 -22.73 -16.66
C LYS C 135 -11.75 -23.94 -15.99
N ASN C 136 -11.32 -25.15 -16.34
CA ASN C 136 -11.94 -26.37 -15.81
C ASN C 136 -10.91 -27.31 -15.23
N VAL C 137 -9.78 -26.79 -14.76
CA VAL C 137 -8.69 -27.59 -14.25
C VAL C 137 -8.27 -27.01 -12.89
N VAL C 138 -8.30 -27.84 -11.86
CA VAL C 138 -7.81 -27.46 -10.54
C VAL C 138 -6.57 -28.28 -10.23
N VAL C 139 -5.46 -27.62 -9.98
CA VAL C 139 -4.21 -28.28 -9.62
C VAL C 139 -4.11 -28.37 -8.10
N VAL C 140 -3.78 -29.54 -7.59
CA VAL C 140 -3.49 -29.76 -6.18
C VAL C 140 -1.99 -30.00 -6.05
N ARG C 141 -1.30 -29.15 -5.30
CA ARG C 141 0.15 -29.18 -5.17
C ARG C 141 0.57 -29.46 -3.73
N GLU C 142 1.88 -29.67 -3.57
CA GLU C 142 2.43 -30.11 -2.29
C GLU C 142 2.40 -28.99 -1.25
N THR C 143 2.65 -27.75 -1.66
CA THR C 143 2.65 -26.61 -0.75
C THR C 143 1.94 -25.44 -1.41
N ALA C 144 1.85 -24.32 -0.68
CA ALA C 144 1.28 -23.11 -1.24
C ALA C 144 2.15 -22.53 -2.35
N ASP C 145 3.42 -22.95 -2.42
CA ASP C 145 4.31 -22.50 -3.47
C ASP C 145 3.84 -23.01 -4.83
N PRO C 146 3.48 -22.13 -5.76
CA PRO C 146 2.98 -22.62 -7.06
C PRO C 146 3.99 -23.44 -7.82
N LYS C 147 5.25 -23.43 -7.40
CA LYS C 147 6.34 -24.18 -8.03
C LYS C 147 6.53 -25.56 -7.41
N SER C 148 5.62 -25.98 -6.53
CA SER C 148 5.79 -27.24 -5.84
C SER C 148 5.17 -28.38 -6.64
N ALA C 149 5.51 -29.60 -6.22
CA ALA C 149 5.13 -30.80 -6.97
C ALA C 149 3.61 -30.87 -7.11
N VAL C 150 3.16 -31.22 -8.31
CA VAL C 150 1.74 -31.45 -8.55
C VAL C 150 1.35 -32.80 -8.00
N LYS C 151 0.24 -32.84 -7.26
CA LYS C 151 -0.26 -34.10 -6.72
C LYS C 151 -1.48 -34.62 -7.49
N GLU C 152 -2.31 -33.73 -8.02
CA GLU C 152 -3.48 -34.12 -8.79
C GLU C 152 -3.82 -32.99 -9.76
N ARG C 153 -4.52 -33.35 -10.83
CA ARG C 153 -5.17 -32.40 -11.71
C ARG C 153 -6.61 -32.83 -11.84
N LEU C 154 -7.53 -31.99 -11.40
CA LEU C 154 -8.94 -32.32 -11.35
C LEU C 154 -9.66 -31.56 -12.46
N GLN C 155 -10.25 -32.31 -13.39
CA GLN C 155 -11.14 -31.74 -14.37
C GLN C 155 -12.48 -31.46 -13.72
N ALA C 156 -13.05 -30.29 -14.00
CA ALA C 156 -14.25 -29.89 -13.27
C ALA C 156 -15.19 -29.10 -14.15
N ASP C 157 -16.46 -29.52 -14.18
CA ASP C 157 -17.50 -28.71 -14.80
C ASP C 157 -17.68 -27.41 -14.04
N HIS C 158 -17.72 -27.48 -12.70
CA HIS C 158 -17.97 -26.33 -11.85
C HIS C 158 -16.94 -26.30 -10.73
N ILE C 159 -16.43 -25.11 -10.42
CA ILE C 159 -15.36 -24.94 -9.44
C ILE C 159 -15.84 -23.93 -8.40
N LEU C 160 -15.72 -24.29 -7.13
CA LEU C 160 -16.18 -23.46 -6.02
C LEU C 160 -14.96 -23.02 -5.19
N LEU C 161 -14.81 -21.71 -5.05
CA LEU C 161 -13.76 -21.14 -4.21
C LEU C 161 -14.35 -20.93 -2.81
N ALA C 162 -13.76 -21.58 -1.81
CA ALA C 162 -14.29 -21.50 -0.45
C ALA C 162 -13.15 -21.59 0.56
N THR C 163 -12.13 -20.78 0.37
CA THR C 163 -10.90 -20.84 1.15
C THR C 163 -10.92 -19.97 2.40
N GLY C 164 -12.00 -19.20 2.63
CA GLY C 164 -12.15 -18.48 3.88
C GLY C 164 -11.25 -17.25 3.98
N SER C 165 -10.87 -16.92 5.23
CA SER C 165 -10.12 -15.71 5.50
C SER C 165 -8.90 -16.03 6.36
N TRP C 166 -8.17 -14.99 6.78
CA TRP C 166 -6.90 -15.19 7.49
C TRP C 166 -6.66 -13.95 8.34
N PRO C 167 -5.95 -14.08 9.47
CA PRO C 167 -5.75 -12.91 10.33
C PRO C 167 -4.95 -11.81 9.65
N GLN C 168 -5.38 -10.57 9.84
CA GLN C 168 -4.69 -9.41 9.31
C GLN C 168 -3.63 -8.95 10.30
N MET C 169 -2.40 -8.78 9.85
CA MET C 169 -1.33 -8.34 10.76
C MET C 169 -0.82 -6.99 10.29
N PRO C 170 -0.82 -5.96 11.13
CA PRO C 170 -0.36 -4.63 10.69
C PRO C 170 1.14 -4.62 10.41
N ALA C 171 1.54 -3.80 9.45
CA ALA C 171 2.94 -3.73 9.02
C ALA C 171 3.70 -2.75 9.92
N ILE C 172 3.88 -3.17 11.17
CA ILE C 172 4.65 -2.35 12.11
C ILE C 172 5.94 -3.09 12.43
N PRO C 173 6.99 -2.40 12.83
CA PRO C 173 8.24 -3.08 13.21
C PRO C 173 7.99 -3.97 14.43
N GLY C 174 8.49 -5.21 14.38
CA GLY C 174 8.26 -6.16 15.45
C GLY C 174 6.98 -6.98 15.35
N ILE C 175 6.24 -6.86 14.24
CA ILE C 175 5.02 -7.65 14.08
C ILE C 175 5.30 -9.14 14.21
N GLU C 176 6.50 -9.59 13.83
CA GLU C 176 6.86 -11.01 13.92
C GLU C 176 6.90 -11.53 15.36
N HIS C 177 6.91 -10.64 16.34
CA HIS C 177 6.87 -11.03 17.75
C HIS C 177 5.46 -11.19 18.28
N CYS C 178 4.45 -10.90 17.46
CA CYS C 178 3.05 -11.00 17.84
C CYS C 178 2.47 -12.31 17.33
N ILE C 179 1.32 -12.67 17.88
CA ILE C 179 0.59 -13.86 17.43
C ILE C 179 -0.79 -13.40 16.97
N SER C 180 -1.57 -14.36 16.46
CA SER C 180 -2.98 -14.17 16.10
C SER C 180 -3.82 -15.17 16.89
N SER C 181 -5.14 -15.19 16.63
CA SER C 181 -5.98 -16.17 17.30
C SER C 181 -5.54 -17.60 16.97
N ASN C 182 -4.99 -17.83 15.77
CA ASN C 182 -4.50 -19.18 15.42
C ASN C 182 -3.59 -19.73 16.51
N GLU C 183 -2.56 -18.96 16.89
CA GLU C 183 -1.58 -19.44 17.87
C GLU C 183 -2.13 -19.42 19.29
N ALA C 184 -3.05 -18.50 19.58
CA ALA C 184 -3.64 -18.45 20.91
C ALA C 184 -4.28 -19.78 21.29
N PHE C 185 -4.83 -20.51 20.33
CA PHE C 185 -5.46 -21.78 20.65
C PHE C 185 -4.47 -22.86 21.09
N TYR C 186 -3.16 -22.64 20.94
CA TYR C 186 -2.18 -23.67 21.23
C TYR C 186 -1.10 -23.20 22.19
N LEU C 187 -1.30 -22.09 22.87
CA LEU C 187 -0.27 -21.60 23.79
C LEU C 187 0.01 -22.67 24.85
N PRO C 188 1.27 -22.99 25.14
CA PRO C 188 1.52 -24.06 26.13
C PRO C 188 1.16 -23.65 27.55
N GLU C 189 1.27 -22.38 27.90
CA GLU C 189 0.95 -21.84 29.21
C GLU C 189 0.06 -20.62 29.05
N PRO C 190 -0.81 -20.34 30.01
CA PRO C 190 -1.60 -19.11 29.93
C PRO C 190 -0.74 -17.91 30.21
N PRO C 191 -0.85 -16.84 29.44
CA PRO C 191 0.02 -15.68 29.65
C PRO C 191 -0.31 -14.95 30.94
N ARG C 192 0.75 -14.53 31.66
CA ARG C 192 0.54 -13.73 32.86
C ARG C 192 0.09 -12.32 32.51
N ARG C 193 0.74 -11.70 31.53
CA ARG C 193 0.34 -10.41 31.00
C ARG C 193 0.09 -10.59 29.51
N VAL C 194 -1.09 -10.18 29.04
CA VAL C 194 -1.40 -10.29 27.61
C VAL C 194 -2.06 -9.00 27.13
N LEU C 195 -1.65 -8.54 25.94
CA LEU C 195 -2.31 -7.44 25.25
C LEU C 195 -3.07 -8.03 24.08
N THR C 196 -4.41 -7.85 24.05
CA THR C 196 -5.20 -8.18 22.86
C THR C 196 -5.44 -6.89 22.08
N VAL C 197 -5.08 -6.89 20.80
CA VAL C 197 -5.10 -5.68 19.98
C VAL C 197 -6.32 -5.76 19.07
N GLY C 198 -7.26 -4.84 19.25
CA GLY C 198 -8.49 -4.84 18.47
C GLY C 198 -9.73 -4.63 19.31
N GLY C 199 -10.74 -4.00 18.70
CA GLY C 199 -11.99 -3.78 19.39
C GLY C 199 -13.13 -4.70 18.98
N GLY C 200 -12.87 -5.67 18.08
CA GLY C 200 -13.90 -6.56 17.58
C GLY C 200 -14.09 -7.81 18.44
N PHE C 201 -14.96 -8.71 17.95
CA PHE C 201 -15.42 -9.80 18.82
C PHE C 201 -14.31 -10.77 19.19
N ILE C 202 -13.38 -11.03 18.28
CA ILE C 202 -12.31 -11.99 18.58
C ILE C 202 -11.44 -11.47 19.73
N SER C 203 -11.06 -10.19 19.67
CA SER C 203 -10.25 -9.60 20.74
C SER C 203 -10.99 -9.61 22.06
N VAL C 204 -12.27 -9.22 22.04
CA VAL C 204 -13.05 -9.17 23.27
C VAL C 204 -13.23 -10.58 23.85
N GLU C 205 -13.46 -11.57 22.97
CA GLU C 205 -13.72 -12.91 23.47
C GLU C 205 -12.47 -13.51 24.11
N PHE C 206 -11.31 -13.34 23.46
CA PHE C 206 -10.08 -13.86 24.05
C PHE C 206 -9.66 -13.10 25.30
N ALA C 207 -9.93 -11.79 25.37
CA ALA C 207 -9.66 -11.07 26.60
C ALA C 207 -10.35 -11.76 27.78
N GLY C 208 -11.60 -12.19 27.59
CA GLY C 208 -12.31 -12.87 28.66
C GLY C 208 -11.76 -14.26 28.97
N ILE C 209 -11.34 -15.00 27.93
CA ILE C 209 -10.73 -16.32 28.14
C ILE C 209 -9.43 -16.19 28.94
N PHE C 210 -8.53 -15.30 28.49
CA PHE C 210 -7.25 -15.10 29.17
C PHE C 210 -7.47 -14.59 30.59
N ASN C 211 -8.48 -13.76 30.80
CA ASN C 211 -8.72 -13.20 32.13
C ASN C 211 -9.03 -14.28 33.15
N ALA C 212 -9.70 -15.36 32.74
CA ALA C 212 -10.07 -16.39 33.68
C ALA C 212 -8.95 -17.38 33.96
N TYR C 213 -8.05 -17.60 33.01
CA TYR C 213 -7.01 -18.61 33.17
C TYR C 213 -5.65 -18.01 33.51
N LYS C 214 -5.54 -16.69 33.67
CA LYS C 214 -4.26 -16.07 34.00
C LYS C 214 -3.75 -16.54 35.36
N PRO C 215 -2.44 -16.67 35.50
CA PRO C 215 -1.85 -17.04 36.80
C PRO C 215 -1.94 -15.91 37.80
N PRO C 216 -1.68 -16.20 39.07
CA PRO C 216 -1.82 -15.18 40.12
C PRO C 216 -1.01 -13.94 39.82
N GLY C 217 -1.63 -12.77 40.01
CA GLY C 217 -0.99 -11.50 39.71
C GLY C 217 -1.07 -11.06 38.26
N GLY C 218 -1.66 -11.88 37.39
CA GLY C 218 -1.68 -11.56 35.97
C GLY C 218 -2.64 -10.43 35.62
N LYS C 219 -2.60 -10.03 34.35
CA LYS C 219 -3.39 -8.88 33.92
C LYS C 219 -3.64 -8.97 32.43
N VAL C 220 -4.91 -8.80 32.03
CA VAL C 220 -5.29 -8.73 30.62
C VAL C 220 -5.56 -7.27 30.26
N THR C 221 -4.96 -6.80 29.17
CA THR C 221 -5.17 -5.48 28.62
C THR C 221 -5.66 -5.64 27.17
N LEU C 222 -6.74 -4.94 26.83
CA LEU C 222 -7.25 -4.88 25.47
C LEU C 222 -7.08 -3.45 24.99
N CYS C 223 -6.53 -3.27 23.79
CA CYS C 223 -6.41 -1.90 23.26
C CYS C 223 -7.16 -1.78 21.95
N TYR C 224 -7.63 -0.57 21.68
CA TYR C 224 -8.40 -0.31 20.47
C TYR C 224 -8.09 1.12 20.06
N ARG C 225 -7.89 1.33 18.77
CA ARG C 225 -7.41 2.61 18.27
C ARG C 225 -8.44 3.73 18.38
N ASN C 226 -9.73 3.41 18.46
CA ASN C 226 -10.75 4.44 18.55
C ASN C 226 -11.32 4.51 19.97
N ASN C 227 -12.39 5.31 20.13
N ASN C 227 -12.38 5.31 20.14
N ASN C 227 -12.39 5.31 20.13
N ASN C 227 -12.39 5.31 20.13
CA ASN C 227 -12.84 5.68 21.47
CA ASN C 227 -12.83 5.67 21.49
CA ASN C 227 -12.84 5.68 21.47
CA ASN C 227 -12.83 5.66 21.48
C ASN C 227 -13.75 4.64 22.13
C ASN C 227 -13.64 4.55 22.15
C ASN C 227 -13.75 4.65 22.12
C ASN C 227 -13.64 4.55 22.15
N LEU C 228 -14.31 3.71 21.37
CA LEU C 228 -15.25 2.73 21.94
C LEU C 228 -15.22 1.39 21.21
N ILE C 229 -15.09 0.29 21.98
CA ILE C 229 -14.94 -1.03 21.37
C ILE C 229 -16.24 -1.48 20.72
N LEU C 230 -16.13 -2.51 19.91
CA LEU C 230 -17.25 -3.21 19.29
C LEU C 230 -18.06 -2.30 18.35
N ARG C 231 -17.33 -1.56 17.50
CA ARG C 231 -17.95 -0.80 16.42
C ARG C 231 -18.96 -1.67 15.67
N GLY C 232 -20.12 -1.09 15.34
CA GLY C 232 -21.16 -1.79 14.63
C GLY C 232 -22.22 -2.44 15.50
N PHE C 233 -21.96 -2.56 16.80
CA PHE C 233 -22.94 -3.05 17.75
C PHE C 233 -23.66 -1.86 18.41
N ASP C 234 -24.77 -2.16 19.08
CA ASP C 234 -25.55 -1.14 19.78
C ASP C 234 -24.68 -0.33 20.75
N GLU C 235 -24.84 1.00 20.72
CA GLU C 235 -23.93 1.86 21.48
C GLU C 235 -24.13 1.71 22.99
N THR C 236 -25.37 1.60 23.46
CA THR C 236 -25.58 1.33 24.89
C THR C 236 -24.83 0.07 25.32
N ILE C 237 -24.90 -0.98 24.50
CA ILE C 237 -24.26 -2.24 24.84
C ILE C 237 -22.73 -2.14 24.72
N ARG C 238 -22.23 -1.36 23.76
CA ARG C 238 -20.78 -1.14 23.69
C ARG C 238 -20.25 -0.50 24.96
N GLU C 239 -20.94 0.53 25.45
CA GLU C 239 -20.49 1.17 26.67
C GLU C 239 -20.65 0.24 27.87
N GLU C 240 -21.72 -0.54 27.89
CA GLU C 240 -22.02 -1.35 29.06
C GLU C 240 -21.12 -2.58 29.13
N VAL C 241 -20.80 -3.18 27.98
CA VAL C 241 -19.87 -4.30 28.04
C VAL C 241 -18.47 -3.81 28.44
N THR C 242 -18.08 -2.59 28.02
CA THR C 242 -16.81 -2.02 28.48
C THR C 242 -16.76 -1.93 30.01
N LYS C 243 -17.83 -1.44 30.64
CA LYS C 243 -17.86 -1.37 32.10
C LYS C 243 -17.78 -2.75 32.73
N GLN C 244 -18.47 -3.74 32.14
CA GLN C 244 -18.55 -5.04 32.79
C GLN C 244 -17.27 -5.86 32.61
N LEU C 245 -16.55 -5.68 31.49
CA LEU C 245 -15.21 -6.25 31.38
C LEU C 245 -14.26 -5.59 32.37
N THR C 246 -14.36 -4.27 32.51
CA THR C 246 -13.51 -3.55 33.47
C THR C 246 -13.77 -4.01 34.89
N ALA C 247 -15.03 -4.24 35.24
CA ALA C 247 -15.37 -4.70 36.57
C ALA C 247 -14.86 -6.10 36.87
N ASN C 248 -14.58 -6.91 35.83
CA ASN C 248 -14.02 -8.23 36.05
C ASN C 248 -12.50 -8.23 35.89
N GLY C 249 -11.87 -7.04 35.90
CA GLY C 249 -10.43 -6.95 35.98
C GLY C 249 -9.68 -6.76 34.68
N ILE C 250 -10.36 -6.62 33.55
CA ILE C 250 -9.69 -6.37 32.27
C ILE C 250 -9.48 -4.87 32.12
N GLU C 251 -8.28 -4.48 31.69
CA GLU C 251 -7.97 -3.08 31.41
C GLU C 251 -8.27 -2.75 29.95
N ILE C 252 -9.13 -1.76 29.72
CA ILE C 252 -9.55 -1.38 28.37
C ILE C 252 -8.87 -0.07 27.99
N MET C 253 -7.91 -0.15 27.06
CA MET C 253 -7.07 0.98 26.62
C MET C 253 -7.60 1.51 25.29
N THR C 254 -8.46 2.52 25.32
CA THR C 254 -9.01 3.03 24.07
C THR C 254 -8.16 4.20 23.55
N ASN C 255 -8.35 4.51 22.27
CA ASN C 255 -7.58 5.57 21.59
C ASN C 255 -6.08 5.31 21.65
N GLU C 256 -5.71 4.03 21.55
CA GLU C 256 -4.32 3.61 21.58
C GLU C 256 -4.10 2.54 20.53
N ASN C 257 -2.93 2.58 19.87
CA ASN C 257 -2.59 1.64 18.80
C ASN C 257 -1.10 1.35 18.84
N PRO C 258 -0.69 0.07 18.79
CA PRO C 258 0.75 -0.24 18.74
C PRO C 258 1.43 0.37 17.53
N ALA C 259 2.61 0.92 17.76
CA ALA C 259 3.47 1.41 16.69
C ALA C 259 4.70 0.52 16.45
N LYS C 260 5.17 -0.18 17.49
CA LYS C 260 6.35 -1.01 17.41
C LYS C 260 6.30 -2.06 18.52
N VAL C 261 6.83 -3.25 18.23
CA VAL C 261 6.98 -4.29 19.24
C VAL C 261 8.44 -4.75 19.24
N SER C 262 9.08 -4.76 20.41
CA SER C 262 10.44 -5.28 20.52
C SER C 262 10.48 -6.47 21.46
N LEU C 263 11.44 -7.37 21.22
CA LEU C 263 11.59 -8.59 22.01
C LEU C 263 12.60 -8.33 23.12
N ASN C 264 12.19 -8.56 24.37
CA ASN C 264 13.09 -8.48 25.51
C ASN C 264 13.91 -9.77 25.58
N THR C 265 15.10 -9.70 26.18
CA THR C 265 15.85 -10.96 26.15
C THR C 265 15.18 -12.04 26.99
N ASP C 266 14.35 -11.70 28.00
CA ASP C 266 13.66 -12.73 28.76
C ASP C 266 12.44 -13.30 28.04
N GLY C 267 12.22 -12.88 26.78
CA GLY C 267 11.13 -13.41 25.98
C GLY C 267 9.85 -12.60 26.04
N SER C 268 9.73 -11.66 26.98
CA SER C 268 8.56 -10.81 26.98
C SER C 268 8.65 -9.78 25.85
N LYS C 269 7.54 -9.10 25.61
CA LYS C 269 7.41 -8.14 24.51
C LYS C 269 7.26 -6.73 25.06
N HIS C 270 7.99 -5.79 24.46
CA HIS C 270 7.93 -4.37 24.84
C HIS C 270 7.16 -3.64 23.74
N VAL C 271 5.95 -3.21 24.06
CA VAL C 271 5.05 -2.55 23.10
C VAL C 271 5.15 -1.04 23.27
N THR C 272 5.40 -0.34 22.16
CA THR C 272 5.34 1.13 22.10
C THR C 272 4.13 1.54 21.29
N PHE C 273 3.30 2.40 21.85
CA PHE C 273 2.09 2.88 21.18
C PHE C 273 2.37 4.17 20.41
N GLU C 274 1.43 4.51 19.50
CA GLU C 274 1.57 5.75 18.75
C GLU C 274 1.65 6.96 19.67
N SER C 275 0.99 6.89 20.83
CA SER C 275 1.02 7.98 21.80
C SER C 275 2.38 8.12 22.47
N GLY C 276 3.23 7.10 22.41
CA GLY C 276 4.43 7.09 23.23
C GLY C 276 4.34 6.30 24.52
N LYS C 277 3.14 5.91 24.95
CA LYS C 277 3.03 4.98 26.06
C LYS C 277 3.73 3.66 25.70
N THR C 278 4.15 2.93 26.74
CA THR C 278 4.74 1.60 26.57
C THR C 278 4.05 0.62 27.51
N LEU C 279 4.12 -0.67 27.15
CA LEU C 279 3.55 -1.74 27.95
C LEU C 279 4.36 -3.02 27.71
N ASP C 280 4.72 -3.70 28.80
CA ASP C 280 5.41 -4.99 28.72
C ASP C 280 4.41 -6.11 28.97
N VAL C 281 4.37 -7.10 28.07
CA VAL C 281 3.46 -8.23 28.18
C VAL C 281 4.20 -9.51 27.79
N ASP C 282 3.59 -10.64 28.14
CA ASP C 282 4.15 -11.92 27.72
C ASP C 282 3.68 -12.33 26.33
N VAL C 283 2.46 -11.92 25.92
CA VAL C 283 1.88 -12.25 24.61
C VAL C 283 1.19 -10.99 24.07
N VAL C 284 1.44 -10.69 22.79
CA VAL C 284 0.66 -9.68 22.03
C VAL C 284 -0.17 -10.44 21.00
N MET C 285 -1.51 -10.44 21.13
CA MET C 285 -2.38 -11.12 20.17
C MET C 285 -3.05 -10.08 19.27
N MET C 286 -2.71 -10.11 17.98
CA MET C 286 -3.29 -9.20 17.00
C MET C 286 -4.63 -9.73 16.52
N ALA C 287 -5.69 -8.94 16.72
CA ALA C 287 -7.05 -9.32 16.31
C ALA C 287 -7.75 -8.08 15.73
N ILE C 288 -7.09 -7.44 14.74
CA ILE C 288 -7.57 -6.19 14.15
C ILE C 288 -8.39 -6.40 12.89
N GLY C 289 -8.53 -7.64 12.43
CA GLY C 289 -9.36 -7.93 11.27
C GLY C 289 -8.95 -9.23 10.64
N ARG C 290 -9.77 -9.67 9.68
CA ARG C 290 -9.46 -10.86 8.90
C ARG C 290 -9.71 -10.55 7.43
N ILE C 291 -8.88 -11.10 6.56
CA ILE C 291 -8.92 -10.74 5.14
C ILE C 291 -9.14 -11.97 4.27
N PRO C 292 -9.78 -11.81 3.11
CA PRO C 292 -10.04 -12.97 2.23
C PRO C 292 -8.75 -13.65 1.83
N ARG C 293 -8.82 -14.98 1.70
CA ARG C 293 -7.63 -15.81 1.49
C ARG C 293 -7.55 -16.18 0.01
N THR C 294 -7.02 -15.24 -0.77
CA THR C 294 -7.00 -15.37 -2.23
C THR C 294 -5.62 -15.58 -2.84
N ASN C 295 -4.54 -15.37 -2.08
CA ASN C 295 -3.22 -15.33 -2.70
C ASN C 295 -2.84 -16.66 -3.34
N ASP C 296 -3.08 -17.76 -2.64
CA ASP C 296 -2.60 -19.06 -3.10
C ASP C 296 -3.40 -19.64 -4.26
N LEU C 297 -4.52 -19.02 -4.63
CA LEU C 297 -5.41 -19.62 -5.62
C LEU C 297 -4.94 -19.41 -7.06
N GLN C 298 -4.00 -18.50 -7.30
CA GLN C 298 -3.53 -18.26 -8.68
C GLN C 298 -4.67 -17.74 -9.54
N LEU C 299 -5.48 -16.84 -8.97
CA LEU C 299 -6.66 -16.35 -9.68
C LEU C 299 -6.30 -15.69 -11.01
N GLY C 300 -5.09 -15.17 -11.13
CA GLY C 300 -4.66 -14.54 -12.38
C GLY C 300 -4.62 -15.50 -13.56
N ASN C 301 -4.45 -16.80 -13.29
CA ASN C 301 -4.43 -17.76 -14.38
C ASN C 301 -5.75 -17.84 -15.14
N VAL C 302 -6.84 -17.29 -14.60
CA VAL C 302 -8.12 -17.33 -15.34
C VAL C 302 -8.85 -16.00 -15.23
N GLY C 303 -8.23 -15.02 -14.57
CA GLY C 303 -8.78 -13.68 -14.49
C GLY C 303 -10.03 -13.50 -13.65
N VAL C 304 -10.16 -14.25 -12.55
CA VAL C 304 -11.27 -14.04 -11.62
C VAL C 304 -11.07 -12.71 -10.90
N LYS C 305 -12.09 -11.84 -10.97
CA LYS C 305 -11.97 -10.48 -10.47
C LYS C 305 -12.07 -10.41 -8.95
N LEU C 306 -11.26 -9.53 -8.35
CA LEU C 306 -11.31 -9.21 -6.93
C LEU C 306 -11.84 -7.79 -6.74
N THR C 307 -12.62 -7.60 -5.68
CA THR C 307 -13.06 -6.27 -5.28
C THR C 307 -11.85 -5.46 -4.83
N PRO C 308 -12.01 -4.15 -4.68
CA PRO C 308 -10.89 -3.35 -4.15
C PRO C 308 -10.49 -3.76 -2.74
N LYS C 309 -11.44 -4.20 -1.91
CA LYS C 309 -11.13 -4.66 -0.57
C LYS C 309 -10.35 -5.97 -0.56
N GLY C 310 -10.33 -6.71 -1.67
CA GLY C 310 -9.59 -7.95 -1.76
C GLY C 310 -10.44 -9.21 -1.82
N GLY C 311 -11.75 -9.11 -1.69
CA GLY C 311 -12.59 -10.29 -1.80
C GLY C 311 -12.89 -10.64 -3.25
N VAL C 312 -13.17 -11.92 -3.49
CA VAL C 312 -13.66 -12.33 -4.81
C VAL C 312 -15.00 -11.66 -5.06
N GLN C 313 -15.10 -10.93 -6.17
CA GLN C 313 -16.35 -10.27 -6.52
C GLN C 313 -17.38 -11.30 -6.98
N VAL C 314 -18.60 -11.21 -6.45
CA VAL C 314 -19.67 -12.14 -6.80
C VAL C 314 -20.97 -11.37 -6.97
N ASP C 315 -21.88 -11.95 -7.76
CA ASP C 315 -23.23 -11.42 -7.82
C ASP C 315 -24.06 -12.10 -6.72
N GLU C 316 -25.36 -11.81 -6.69
CA GLU C 316 -26.23 -12.34 -5.66
C GLU C 316 -26.31 -13.85 -5.64
N PHE C 317 -25.84 -14.54 -6.68
CA PHE C 317 -25.89 -15.99 -6.74
C PHE C 317 -24.51 -16.61 -6.59
N SER C 318 -23.53 -15.85 -6.09
CA SER C 318 -22.20 -16.35 -5.81
C SER C 318 -21.41 -16.64 -7.09
N ARG C 319 -21.77 -15.98 -8.18
CA ARG C 319 -21.10 -16.20 -9.46
C ARG C 319 -20.00 -15.17 -9.64
N THR C 320 -18.81 -15.64 -10.01
CA THR C 320 -17.73 -14.74 -10.39
C THR C 320 -17.94 -14.28 -11.83
N ASN C 321 -17.08 -13.38 -12.29
CA ASN C 321 -17.08 -12.96 -13.69
C ASN C 321 -16.71 -14.08 -14.64
N VAL C 322 -16.09 -15.15 -14.15
CA VAL C 322 -15.74 -16.30 -14.97
C VAL C 322 -16.86 -17.33 -14.84
N PRO C 323 -17.58 -17.67 -15.92
CA PRO C 323 -18.63 -18.69 -15.81
C PRO C 323 -18.12 -19.95 -15.13
N ASN C 324 -19.02 -20.79 -14.64
CA ASN C 324 -18.73 -22.07 -14.00
C ASN C 324 -17.77 -21.96 -12.81
N ILE C 325 -17.42 -20.74 -12.37
CA ILE C 325 -16.59 -20.53 -11.18
C ILE C 325 -17.36 -19.65 -10.20
N TYR C 326 -17.47 -20.12 -8.95
CA TYR C 326 -18.25 -19.44 -7.92
C TYR C 326 -17.41 -19.25 -6.66
N ALA C 327 -17.89 -18.38 -5.77
CA ALA C 327 -17.21 -18.14 -4.49
C ALA C 327 -18.24 -17.85 -3.41
N ILE C 328 -18.07 -18.50 -2.25
CA ILE C 328 -18.95 -18.30 -1.10
C ILE C 328 -18.09 -18.14 0.15
N GLY C 329 -18.73 -17.69 1.22
CA GLY C 329 -18.07 -17.64 2.52
C GLY C 329 -17.18 -16.42 2.68
N ASP C 330 -16.24 -16.53 3.63
CA ASP C 330 -15.41 -15.37 3.99
C ASP C 330 -14.60 -14.86 2.81
N ILE C 331 -14.26 -15.72 1.85
CA ILE C 331 -13.48 -15.25 0.71
C ILE C 331 -14.19 -14.15 -0.05
N THR C 332 -15.51 -13.99 0.14
CA THR C 332 -16.25 -12.91 -0.49
C THR C 332 -16.28 -11.63 0.34
N ASP C 333 -15.81 -11.68 1.59
CA ASP C 333 -15.62 -10.48 2.41
C ASP C 333 -16.91 -9.71 2.59
N ARG C 334 -17.98 -10.44 2.89
CA ARG C 334 -19.24 -9.80 3.29
C ARG C 334 -19.49 -10.06 4.77
N LEU C 335 -20.48 -10.88 5.08
CA LEU C 335 -20.74 -11.30 6.47
C LEU C 335 -19.88 -12.53 6.77
N MET C 336 -18.89 -12.38 7.65
CA MET C 336 -17.98 -13.49 7.96
C MET C 336 -18.53 -14.28 9.14
N LEU C 337 -19.54 -15.11 8.87
CA LEU C 337 -20.19 -15.97 9.86
C LEU C 337 -20.36 -17.36 9.28
N THR C 338 -20.17 -18.39 10.12
CA THR C 338 -20.29 -19.76 9.63
C THR C 338 -21.67 -20.08 9.07
N PRO C 339 -22.78 -19.72 9.72
CA PRO C 339 -24.10 -20.06 9.15
C PRO C 339 -24.42 -19.32 7.85
N VAL C 340 -23.84 -18.14 7.62
CA VAL C 340 -24.00 -17.50 6.31
C VAL C 340 -23.25 -18.28 5.23
N ALA C 341 -22.00 -18.68 5.52
CA ALA C 341 -21.27 -19.50 4.55
C ALA C 341 -22.02 -20.78 4.20
N ILE C 342 -22.62 -21.43 5.21
CA ILE C 342 -23.38 -22.66 4.96
C ILE C 342 -24.58 -22.38 4.06
N ASN C 343 -25.31 -21.30 4.36
CA ASN C 343 -26.47 -20.94 3.56
C ASN C 343 -26.07 -20.67 2.12
N GLU C 344 -24.98 -19.92 1.92
CA GLU C 344 -24.51 -19.61 0.57
C GLU C 344 -24.14 -20.87 -0.20
N GLY C 345 -23.49 -21.83 0.48
CA GLY C 345 -23.09 -23.05 -0.20
C GLY C 345 -24.28 -23.91 -0.61
N ALA C 346 -25.29 -23.97 0.26
CA ALA C 346 -26.51 -24.70 -0.09
C ALA C 346 -27.26 -24.01 -1.21
N ALA C 347 -27.42 -22.69 -1.13
CA ALA C 347 -28.13 -21.95 -2.16
C ALA C 347 -27.43 -22.04 -3.51
N LEU C 348 -26.10 -22.15 -3.52
CA LEU C 348 -25.38 -22.27 -4.78
C LEU C 348 -25.64 -23.61 -5.45
N VAL C 349 -25.58 -24.70 -4.68
CA VAL C 349 -25.81 -26.02 -5.27
C VAL C 349 -27.26 -26.15 -5.77
N ASP C 350 -28.22 -25.61 -5.02
CA ASP C 350 -29.60 -25.59 -5.47
C ASP C 350 -29.78 -24.80 -6.76
N THR C 351 -28.87 -23.86 -7.04
CA THR C 351 -28.96 -23.05 -8.25
C THR C 351 -28.23 -23.70 -9.43
N VAL C 352 -27.08 -24.30 -9.19
CA VAL C 352 -26.33 -24.91 -10.28
C VAL C 352 -26.88 -26.28 -10.64
N PHE C 353 -27.20 -27.10 -9.63
CA PHE C 353 -27.66 -28.46 -9.86
C PHE C 353 -29.12 -28.67 -9.48
N GLY C 354 -29.88 -27.59 -9.27
CA GLY C 354 -31.28 -27.68 -8.90
C GLY C 354 -32.18 -26.99 -9.90
N ASN C 355 -33.48 -27.07 -9.63
CA ASN C 355 -34.47 -26.41 -10.46
C ASN C 355 -34.49 -24.91 -10.20
N LYS C 356 -34.91 -24.50 -9.02
CA LYS C 356 -35.11 -23.08 -8.81
C LYS C 356 -33.86 -22.45 -8.20
N PRO C 357 -33.35 -21.37 -8.78
CA PRO C 357 -32.23 -20.66 -8.14
C PRO C 357 -32.64 -20.04 -6.82
N ARG C 358 -31.65 -19.89 -5.93
CA ARG C 358 -31.84 -19.30 -4.62
C ARG C 358 -30.65 -18.40 -4.30
N LYS C 359 -30.92 -17.27 -3.65
CA LYS C 359 -29.90 -16.33 -3.22
C LYS C 359 -29.99 -16.11 -1.71
N THR C 360 -28.82 -16.04 -1.06
CA THR C 360 -28.78 -15.84 0.38
C THR C 360 -29.22 -14.42 0.74
N ASP C 361 -30.03 -14.32 1.81
CA ASP C 361 -30.46 -13.04 2.34
C ASP C 361 -29.49 -12.60 3.43
N HIS C 362 -28.80 -11.49 3.20
CA HIS C 362 -27.75 -11.03 4.11
C HIS C 362 -28.24 -10.02 5.14
N THR C 363 -29.53 -9.70 5.14
CA THR C 363 -30.11 -8.76 6.09
C THR C 363 -30.78 -9.52 7.23
N ARG C 364 -30.89 -8.85 8.39
CA ARG C 364 -31.62 -9.40 9.53
C ARG C 364 -31.04 -10.75 9.95
N VAL C 365 -29.72 -10.89 9.83
CA VAL C 365 -29.00 -12.08 10.26
C VAL C 365 -28.67 -11.93 11.74
N ALA C 366 -29.11 -12.88 12.55
CA ALA C 366 -28.81 -12.82 13.97
C ALA C 366 -27.37 -13.28 14.22
N SER C 367 -26.74 -12.71 15.25
CA SER C 367 -25.37 -13.10 15.59
C SER C 367 -25.13 -12.84 17.07
N ALA C 368 -23.94 -13.28 17.53
CA ALA C 368 -23.63 -13.17 18.95
C ALA C 368 -22.16 -12.80 19.15
N VAL C 369 -21.87 -12.30 20.34
CA VAL C 369 -20.49 -12.19 20.83
C VAL C 369 -20.45 -12.96 22.14
N PHE C 370 -19.53 -13.92 22.24
CA PHE C 370 -19.44 -14.69 23.48
C PHE C 370 -18.44 -14.05 24.43
N SER C 371 -18.65 -12.76 24.62
CA SER C 371 -18.03 -12.02 25.70
C SER C 371 -18.59 -12.50 27.02
N ILE C 372 -17.93 -12.12 28.11
CA ILE C 372 -18.46 -12.35 29.43
C ILE C 372 -18.76 -10.99 30.05
N PRO C 373 -20.04 -10.55 30.06
CA PRO C 373 -21.26 -11.26 29.62
C PRO C 373 -21.45 -11.19 28.11
N PRO C 374 -22.31 -12.03 27.53
CA PRO C 374 -22.41 -12.11 26.06
C PRO C 374 -23.47 -11.19 25.46
N ILE C 375 -23.37 -11.04 24.13
CA ILE C 375 -24.24 -10.19 23.31
C ILE C 375 -25.03 -11.04 22.33
N GLY C 376 -26.29 -10.66 22.09
CA GLY C 376 -27.09 -11.26 21.02
C GLY C 376 -27.76 -10.13 20.26
N THR C 377 -27.71 -10.16 18.93
CA THR C 377 -28.23 -9.03 18.17
C THR C 377 -28.83 -9.51 16.84
N CYS C 378 -29.84 -8.78 16.38
CA CYS C 378 -30.38 -9.02 15.05
C CYS C 378 -30.97 -7.72 14.50
N GLY C 379 -30.58 -7.37 13.28
CA GLY C 379 -31.14 -6.20 12.62
C GLY C 379 -30.34 -4.93 12.88
N LEU C 380 -30.98 -3.79 12.65
CA LEU C 380 -30.30 -2.50 12.60
C LEU C 380 -30.07 -1.89 13.98
N ILE C 381 -28.90 -1.23 14.15
CA ILE C 381 -28.72 -0.36 15.29
C ILE C 381 -29.41 0.97 15.02
N GLU C 382 -29.68 1.71 16.10
CA GLU C 382 -30.55 2.88 15.98
C GLU C 382 -29.94 3.98 15.12
N GLU C 383 -28.62 4.19 15.15
CA GLU C 383 -28.09 5.30 14.35
C GLU C 383 -28.18 5.00 12.87
N VAL C 384 -28.11 3.72 12.48
CA VAL C 384 -28.32 3.37 11.07
C VAL C 384 -29.78 3.49 10.70
N ALA C 385 -30.66 2.96 11.55
CA ALA C 385 -32.10 3.11 11.33
C ALA C 385 -32.48 4.58 11.16
N ALA C 386 -31.89 5.47 11.95
CA ALA C 386 -32.32 6.87 11.96
C ALA C 386 -31.99 7.60 10.66
N LYS C 387 -31.08 7.09 9.84
CA LYS C 387 -30.80 7.71 8.55
C LYS C 387 -31.68 7.15 7.43
N GLU C 388 -32.27 5.96 7.62
CA GLU C 388 -33.14 5.37 6.62
C GLU C 388 -34.62 5.57 6.89
N PHE C 389 -35.00 6.02 8.08
CA PHE C 389 -36.40 6.19 8.45
C PHE C 389 -36.61 7.53 9.14
N GLU C 390 -37.72 8.19 8.81
CA GLU C 390 -37.98 9.54 9.30
C GLU C 390 -38.24 9.55 10.80
N LYS C 391 -38.91 8.53 11.33
CA LYS C 391 -39.24 8.48 12.75
C LYS C 391 -38.87 7.10 13.28
N VAL C 392 -37.97 7.07 14.26
CA VAL C 392 -37.48 5.83 14.86
C VAL C 392 -37.74 5.88 16.36
N ALA C 393 -38.21 4.77 16.92
CA ALA C 393 -38.46 4.64 18.34
C ALA C 393 -37.51 3.61 18.94
N VAL C 394 -37.02 3.89 20.15
CA VAL C 394 -36.13 2.97 20.87
C VAL C 394 -36.78 2.61 22.20
N TYR C 395 -36.96 1.31 22.42
CA TYR C 395 -37.46 0.78 23.69
C TYR C 395 -36.27 0.14 24.41
N MET C 396 -36.11 0.46 25.70
CA MET C 396 -34.90 0.04 26.42
C MET C 396 -35.23 -0.37 27.85
N SER C 397 -34.68 -1.51 28.26
CA SER C 397 -34.72 -2.01 29.64
C SER C 397 -33.28 -2.32 30.04
N SER C 398 -32.87 -1.87 31.22
CA SER C 398 -31.49 -2.10 31.66
C SER C 398 -31.47 -2.12 33.18
N PHE C 399 -31.17 -3.27 33.76
CA PHE C 399 -31.23 -3.47 35.21
C PHE C 399 -30.38 -4.68 35.58
N THR C 400 -29.90 -4.70 36.81
CA THR C 400 -29.23 -5.89 37.31
C THR C 400 -30.26 -6.91 37.77
N PRO C 401 -30.29 -8.11 37.18
CA PRO C 401 -31.26 -9.12 37.62
C PRO C 401 -31.08 -9.48 39.09
N LEU C 402 -32.19 -9.88 39.71
CA LEU C 402 -32.18 -10.23 41.14
C LEU C 402 -31.09 -11.24 41.48
N MET C 403 -30.91 -12.27 40.66
CA MET C 403 -29.96 -13.30 41.06
C MET C 403 -28.55 -12.73 41.19
N HIS C 404 -28.23 -11.64 40.49
CA HIS C 404 -26.90 -11.07 40.63
C HIS C 404 -26.79 -10.02 41.73
N ASN C 405 -27.92 -9.61 42.31
CA ASN C 405 -27.80 -8.91 43.59
C ASN C 405 -27.38 -9.88 44.68
N ILE C 406 -27.81 -11.14 44.57
CA ILE C 406 -27.44 -12.18 45.54
C ILE C 406 -26.04 -12.71 45.26
N SER C 407 -25.71 -12.93 43.98
CA SER C 407 -24.39 -13.47 43.64
C SER C 407 -23.26 -12.53 44.02
N GLY C 408 -23.53 -11.23 44.16
CA GLY C 408 -22.47 -10.27 44.36
C GLY C 408 -21.96 -9.60 43.10
N SER C 409 -22.37 -10.07 41.92
CA SER C 409 -21.95 -9.47 40.66
C SER C 409 -22.91 -8.35 40.26
N LYS C 410 -22.96 -7.30 41.10
CA LYS C 410 -23.96 -6.27 40.93
C LYS C 410 -23.76 -5.47 39.64
N TYR C 411 -22.56 -5.52 39.05
CA TYR C 411 -22.28 -4.85 37.79
C TYR C 411 -22.94 -5.48 36.58
N LYS C 412 -23.56 -6.64 36.72
CA LYS C 412 -24.06 -7.42 35.58
C LYS C 412 -25.48 -6.98 35.21
N LYS C 413 -25.58 -5.78 34.65
CA LYS C 413 -26.84 -5.32 34.09
C LYS C 413 -27.20 -6.12 32.83
N PHE C 414 -28.46 -6.52 32.73
CA PHE C 414 -29.01 -7.06 31.49
C PHE C 414 -29.65 -5.93 30.68
N VAL C 415 -29.25 -5.80 29.43
CA VAL C 415 -29.73 -4.71 28.57
C VAL C 415 -30.57 -5.33 27.45
N ALA C 416 -31.76 -4.79 27.24
CA ALA C 416 -32.62 -5.23 26.15
C ALA C 416 -33.12 -4.00 25.44
N LYS C 417 -32.89 -3.93 24.12
CA LYS C 417 -33.33 -2.79 23.32
C LYS C 417 -34.02 -3.26 22.06
N ILE C 418 -35.12 -2.58 21.72
CA ILE C 418 -35.85 -2.83 20.47
C ILE C 418 -35.90 -1.50 19.70
N VAL C 419 -35.60 -1.57 18.41
CA VAL C 419 -35.56 -0.39 17.53
C VAL C 419 -36.68 -0.54 16.50
N THR C 420 -37.54 0.48 16.38
CA THR C 420 -38.67 0.37 15.47
C THR C 420 -38.70 1.53 14.47
N ASN C 421 -39.37 1.27 13.34
CA ASN C 421 -39.90 2.35 12.51
C ASN C 421 -41.19 2.83 13.19
N HIS C 422 -41.14 4.00 13.84
CA HIS C 422 -42.28 4.42 14.64
C HIS C 422 -43.50 4.75 13.80
N SER C 423 -43.34 4.91 12.48
CA SER C 423 -44.49 5.25 11.65
C SER C 423 -45.47 4.10 11.53
N ASP C 424 -44.98 2.85 11.54
CA ASP C 424 -45.87 1.71 11.50
C ASP C 424 -45.56 0.64 12.54
N GLY C 425 -44.56 0.84 13.39
CA GLY C 425 -44.28 -0.10 14.47
C GLY C 425 -43.42 -1.29 14.10
N THR C 426 -42.96 -1.39 12.84
CA THR C 426 -42.13 -2.52 12.43
C THR C 426 -40.83 -2.57 13.25
N VAL C 427 -40.49 -3.75 13.76
CA VAL C 427 -39.24 -3.91 14.50
C VAL C 427 -38.06 -3.97 13.53
N LEU C 428 -37.12 -3.04 13.67
CA LEU C 428 -35.96 -2.99 12.80
C LEU C 428 -34.73 -3.68 13.39
N GLY C 429 -34.64 -3.79 14.72
CA GLY C 429 -33.52 -4.46 15.35
C GLY C 429 -33.80 -4.74 16.81
N VAL C 430 -33.14 -5.78 17.34
CA VAL C 430 -33.20 -6.12 18.75
C VAL C 430 -31.76 -6.38 19.20
N HIS C 431 -31.38 -5.83 20.35
CA HIS C 431 -30.01 -5.89 20.84
C HIS C 431 -30.02 -6.20 22.34
N LEU C 432 -29.26 -7.24 22.73
CA LEU C 432 -29.32 -7.83 24.07
C LEU C 432 -27.91 -8.01 24.61
N LEU C 433 -27.74 -7.70 25.89
CA LEU C 433 -26.50 -7.97 26.63
C LEU C 433 -26.82 -8.62 27.96
N GLY C 434 -26.22 -9.78 28.19
CA GLY C 434 -26.44 -10.49 29.44
C GLY C 434 -26.54 -11.99 29.26
N ASP C 435 -26.46 -12.74 30.35
CA ASP C 435 -26.48 -14.20 30.27
C ASP C 435 -27.67 -14.67 29.45
N GLY C 436 -27.40 -15.58 28.51
CA GLY C 436 -28.44 -16.14 27.66
C GLY C 436 -28.73 -15.37 26.39
N ALA C 437 -28.11 -14.20 26.20
CA ALA C 437 -28.47 -13.36 25.06
C ALA C 437 -28.29 -14.05 23.71
N PRO C 438 -27.25 -14.86 23.48
CA PRO C 438 -27.14 -15.54 22.18
C PRO C 438 -28.25 -16.54 21.94
N GLU C 439 -28.78 -17.16 22.99
CA GLU C 439 -29.88 -18.11 22.85
C GLU C 439 -31.22 -17.38 22.65
N ILE C 440 -31.39 -16.25 23.35
CA ILE C 440 -32.65 -15.50 23.26
C ILE C 440 -32.84 -14.97 21.84
N ILE C 441 -31.76 -14.48 21.22
CA ILE C 441 -31.91 -13.75 19.96
C ILE C 441 -32.33 -14.65 18.79
N GLN C 442 -32.12 -15.97 18.85
CA GLN C 442 -32.32 -16.81 17.67
C GLN C 442 -33.73 -16.70 17.11
N ALA C 443 -34.74 -16.87 17.96
CA ALA C 443 -36.11 -16.82 17.42
C ALA C 443 -36.52 -15.40 17.07
N VAL C 444 -35.78 -14.39 17.56
CA VAL C 444 -36.04 -13.02 17.10
C VAL C 444 -35.71 -12.87 15.63
N GLY C 445 -34.69 -13.59 15.16
CA GLY C 445 -34.41 -13.60 13.73
C GLY C 445 -35.59 -14.10 12.92
N VAL C 446 -36.32 -15.07 13.46
CA VAL C 446 -37.53 -15.54 12.77
C VAL C 446 -38.60 -14.44 12.78
N CYS C 447 -38.77 -13.77 13.92
CA CYS C 447 -39.78 -12.71 14.02
C CYS C 447 -39.53 -11.64 12.97
N LEU C 448 -38.27 -11.31 12.69
CA LEU C 448 -37.99 -10.25 11.74
C LEU C 448 -38.29 -10.66 10.30
N ARG C 449 -38.31 -11.98 9.99
CA ARG C 449 -38.74 -12.42 8.68
C ARG C 449 -40.25 -12.44 8.53
N LEU C 450 -40.99 -12.37 9.64
CA LEU C 450 -42.43 -12.26 9.62
C LEU C 450 -42.89 -10.81 9.77
N ASN C 451 -41.96 -9.88 9.67
CA ASN C 451 -42.22 -8.45 9.80
C ASN C 451 -43.02 -8.14 11.05
N ALA C 452 -42.50 -8.62 12.18
CA ALA C 452 -43.10 -8.35 13.47
C ALA C 452 -43.09 -6.86 13.76
N LYS C 453 -44.13 -6.42 14.46
CA LYS C 453 -44.23 -5.06 14.98
C LYS C 453 -44.03 -5.08 16.49
N ILE C 454 -43.78 -3.90 17.07
CA ILE C 454 -43.61 -3.85 18.52
C ILE C 454 -44.83 -4.40 19.24
N SER C 455 -46.05 -4.21 18.68
CA SER C 455 -47.22 -4.73 19.38
C SER C 455 -47.29 -6.25 19.33
N ASP C 456 -46.69 -6.88 18.31
CA ASP C 456 -46.60 -8.33 18.30
C ASP C 456 -45.76 -8.84 19.48
N PHE C 457 -44.70 -8.12 19.83
CA PHE C 457 -43.92 -8.49 21.00
C PHE C 457 -44.69 -8.21 22.29
N TYR C 458 -45.23 -7.00 22.43
CA TYR C 458 -45.83 -6.62 23.70
C TYR C 458 -47.10 -7.42 24.01
N ASN C 459 -47.82 -7.87 22.99
CA ASN C 459 -49.04 -8.63 23.19
C ASN C 459 -48.79 -10.12 23.41
N THR C 460 -47.56 -10.59 23.23
CA THR C 460 -47.20 -11.96 23.54
C THR C 460 -47.01 -12.11 25.04
N ILE C 461 -47.54 -13.20 25.60
CA ILE C 461 -47.47 -13.41 27.04
C ILE C 461 -46.06 -13.87 27.41
N GLY C 462 -45.51 -13.31 28.48
CA GLY C 462 -44.16 -13.64 28.87
C GLY C 462 -44.05 -15.01 29.54
N VAL C 463 -42.82 -15.56 29.49
CA VAL C 463 -42.39 -16.71 30.29
C VAL C 463 -41.67 -16.15 31.52
N HIS C 464 -42.11 -16.53 32.72
CA HIS C 464 -41.62 -15.89 33.93
C HIS C 464 -41.11 -16.95 34.91
N PRO C 465 -39.95 -16.74 35.54
CA PRO C 465 -39.01 -15.61 35.40
C PRO C 465 -37.89 -15.90 34.42
N THR C 466 -37.72 -15.03 33.42
CA THR C 466 -36.63 -15.09 32.46
C THR C 466 -36.12 -13.68 32.23
N SER C 467 -34.92 -13.58 31.64
CA SER C 467 -34.50 -12.30 31.08
C SER C 467 -35.27 -11.99 29.81
N ALA C 468 -35.59 -13.02 29.04
CA ALA C 468 -36.19 -12.82 27.72
C ALA C 468 -37.55 -12.14 27.81
N GLU C 469 -38.29 -12.35 28.91
CA GLU C 469 -39.62 -11.75 28.99
C GLU C 469 -39.58 -10.22 28.95
N GLU C 470 -38.40 -9.61 29.15
CA GLU C 470 -38.30 -8.15 29.02
C GLU C 470 -38.66 -7.70 27.61
N LEU C 471 -38.40 -8.54 26.61
CA LEU C 471 -38.72 -8.20 25.23
C LEU C 471 -40.22 -8.11 24.98
N CYS C 472 -41.03 -8.68 25.88
CA CYS C 472 -42.48 -8.63 25.72
C CYS C 472 -43.15 -7.72 26.74
N SER C 473 -42.37 -6.86 27.41
CA SER C 473 -42.89 -5.99 28.45
C SER C 473 -42.69 -4.51 28.14
N MET C 474 -42.29 -4.17 26.93
CA MET C 474 -41.93 -2.80 26.57
C MET C 474 -42.97 -2.25 25.61
N ARG C 475 -43.72 -1.26 26.05
CA ARG C 475 -44.78 -0.70 25.23
C ARG C 475 -44.67 0.80 25.01
N THR C 476 -43.83 1.50 25.78
CA THR C 476 -43.64 2.94 25.62
C THR C 476 -42.20 3.24 25.25
N PRO C 477 -41.94 3.94 24.15
CA PRO C 477 -40.55 4.24 23.78
C PRO C 477 -39.82 4.99 24.89
N SER C 478 -38.53 4.69 25.02
CA SER C 478 -37.65 5.47 25.88
C SER C 478 -37.25 6.79 25.25
N TYR C 479 -37.07 6.81 23.93
CA TYR C 479 -36.73 8.02 23.20
C TYR C 479 -36.89 7.73 21.71
N TYR C 480 -36.70 8.76 20.89
CA TYR C 480 -36.96 8.69 19.46
C TYR C 480 -35.80 9.31 18.68
N TYR C 481 -35.81 9.05 17.37
CA TYR C 481 -35.04 9.83 16.40
C TYR C 481 -36.04 10.37 15.38
N VAL C 482 -36.06 11.69 15.21
CA VAL C 482 -36.96 12.35 14.25
C VAL C 482 -36.06 13.09 13.27
N LYS C 483 -36.10 12.68 12.01
CA LYS C 483 -35.23 13.24 10.98
C LYS C 483 -33.77 13.22 11.44
N GLY C 484 -33.33 12.06 11.93
CA GLY C 484 -31.97 11.90 12.38
C GLY C 484 -31.65 12.51 13.73
N GLU C 485 -32.61 13.15 14.39
CA GLU C 485 -32.38 13.88 15.63
C GLU C 485 -32.92 13.12 16.82
N LYS C 486 -32.04 12.80 17.76
CA LYS C 486 -32.43 12.14 19.00
C LYS C 486 -33.24 13.09 19.89
N MET C 487 -34.30 12.58 20.51
CA MET C 487 -35.08 13.41 21.41
C MET C 487 -35.95 12.54 22.33
N GLU C 488 -36.15 13.03 23.56
CA GLU C 488 -36.85 12.23 24.56
C GLU C 488 -38.31 12.02 24.20
N LYS C 489 -39.00 13.07 23.76
CA LYS C 489 -40.40 12.99 23.37
C LYS C 489 -40.57 13.37 21.91
N LEU C 490 -41.73 13.02 21.34
CA LEU C 490 -42.05 13.48 19.99
C LEU C 490 -42.58 14.92 20.05
N PRO C 491 -42.18 15.79 19.10
CA PRO C 491 -42.67 17.18 19.12
C PRO C 491 -44.13 17.28 18.76
N GLY D 1 -74.39 8.97 65.46
CA GLY D 1 -75.07 8.49 64.27
C GLY D 1 -74.14 7.73 63.35
N SER D 2 -74.57 7.50 62.12
CA SER D 2 -73.75 6.75 61.18
C SER D 2 -72.83 7.69 60.41
N HIS D 3 -71.84 7.10 59.73
CA HIS D 3 -70.91 7.85 58.89
C HIS D 3 -70.49 6.97 57.71
N MET D 4 -69.99 7.61 56.66
CA MET D 4 -69.91 6.94 55.37
C MET D 4 -68.70 6.01 55.25
N SER D 5 -68.92 4.89 54.57
CA SER D 5 -67.84 3.95 54.27
C SER D 5 -66.88 4.56 53.24
N LYS D 6 -65.61 4.17 53.32
CA LYS D 6 -64.68 4.39 52.20
C LYS D 6 -65.25 3.78 50.92
N ALA D 7 -65.21 4.53 49.81
CA ALA D 7 -65.89 4.11 48.58
C ALA D 7 -64.90 4.10 47.40
N PHE D 8 -65.07 3.14 46.49
CA PHE D 8 -64.09 2.90 45.42
C PHE D 8 -64.78 2.59 44.10
N ASP D 9 -64.11 2.95 42.99
CA ASP D 9 -64.56 2.43 41.69
C ASP D 9 -64.37 0.93 41.62
N LEU D 10 -63.27 0.43 42.18
CA LEU D 10 -62.89 -0.97 42.05
C LEU D 10 -62.31 -1.44 43.37
N VAL D 11 -62.77 -2.57 43.87
CA VAL D 11 -62.14 -3.24 45.01
C VAL D 11 -61.64 -4.58 44.52
N VAL D 12 -60.34 -4.84 44.70
CA VAL D 12 -59.71 -6.08 44.29
C VAL D 12 -59.43 -6.90 45.54
N ILE D 13 -59.90 -8.14 45.58
CA ILE D 13 -59.59 -9.04 46.68
C ILE D 13 -58.47 -9.95 46.24
N GLY D 14 -57.28 -9.76 46.82
CA GLY D 14 -56.08 -10.50 46.48
C GLY D 14 -55.05 -9.59 45.83
N ALA D 15 -53.96 -9.27 46.51
CA ALA D 15 -52.97 -8.35 45.95
C ALA D 15 -51.82 -9.12 45.30
N GLY D 16 -52.16 -9.97 44.33
CA GLY D 16 -51.22 -10.85 43.67
C GLY D 16 -50.93 -10.46 42.23
N SER D 17 -50.43 -11.43 41.47
CA SER D 17 -49.98 -11.13 40.10
C SER D 17 -51.07 -10.43 39.29
N GLY D 18 -52.25 -11.04 39.22
CA GLY D 18 -53.34 -10.44 38.48
C GLY D 18 -53.95 -9.22 39.17
N GLY D 19 -54.16 -9.32 40.49
CA GLY D 19 -54.84 -8.24 41.21
C GLY D 19 -54.07 -6.93 41.22
N LEU D 20 -52.73 -7.01 41.34
CA LEU D 20 -51.95 -5.77 41.34
C LEU D 20 -51.86 -5.15 39.95
N GLU D 21 -51.74 -5.96 38.88
CA GLU D 21 -51.76 -5.39 37.54
C GLU D 21 -53.06 -4.64 37.31
N ALA D 22 -54.20 -5.27 37.64
CA ALA D 22 -55.50 -4.63 37.48
C ALA D 22 -55.60 -3.35 38.31
N GLY D 23 -55.24 -3.43 39.59
CA GLY D 23 -55.38 -2.27 40.47
C GLY D 23 -54.50 -1.12 40.05
N TRP D 24 -53.22 -1.42 39.79
CA TRP D 24 -52.29 -0.39 39.33
C TRP D 24 -52.76 0.26 38.03
N ASN D 25 -53.21 -0.55 37.07
CA ASN D 25 -53.62 0.01 35.78
C ASN D 25 -54.88 0.85 35.93
N ALA D 26 -55.85 0.36 36.71
CA ALA D 26 -57.08 1.12 36.91
C ALA D 26 -56.77 2.48 37.51
N ALA D 27 -55.87 2.53 38.51
CA ALA D 27 -55.60 3.79 39.19
C ALA D 27 -54.73 4.74 38.36
N THR D 28 -53.69 4.23 37.71
CA THR D 28 -52.70 5.14 37.12
C THR D 28 -52.95 5.42 35.65
N LEU D 29 -53.56 4.49 34.92
CA LEU D 29 -53.87 4.72 33.51
C LEU D 29 -55.26 5.30 33.32
N TYR D 30 -56.20 5.02 34.22
CA TYR D 30 -57.58 5.42 34.01
C TYR D 30 -58.14 6.25 35.14
N GLY D 31 -57.31 6.69 36.09
CA GLY D 31 -57.76 7.64 37.10
C GLY D 31 -58.77 7.13 38.11
N LYS D 32 -58.89 5.82 38.29
CA LYS D 32 -59.92 5.28 39.17
C LYS D 32 -59.44 5.21 40.61
N ARG D 33 -60.40 5.24 41.54
CA ARG D 33 -60.10 5.03 42.97
C ARG D 33 -60.19 3.54 43.27
N VAL D 34 -59.09 2.96 43.76
CA VAL D 34 -58.93 1.50 43.83
C VAL D 34 -58.54 1.09 45.23
N ALA D 35 -59.19 0.03 45.73
CA ALA D 35 -58.80 -0.65 46.95
C ALA D 35 -58.31 -2.05 46.61
N VAL D 36 -57.24 -2.49 47.28
CA VAL D 36 -56.69 -3.84 47.10
C VAL D 36 -56.52 -4.45 48.49
N VAL D 37 -57.01 -5.68 48.69
CA VAL D 37 -57.02 -6.35 50.00
C VAL D 37 -56.08 -7.55 49.96
N ASP D 38 -55.26 -7.71 50.99
CA ASP D 38 -54.50 -8.94 51.16
C ASP D 38 -54.33 -9.22 52.64
N VAL D 39 -54.01 -10.49 52.95
CA VAL D 39 -54.03 -10.97 54.33
C VAL D 39 -52.72 -10.76 55.08
N GLN D 40 -51.64 -10.37 54.39
CA GLN D 40 -50.33 -10.15 55.00
C GLN D 40 -49.58 -9.11 54.20
N THR D 41 -48.76 -8.30 54.90
CA THR D 41 -47.96 -7.28 54.22
C THR D 41 -46.57 -7.77 53.79
N SER D 42 -46.09 -8.89 54.32
CA SER D 42 -44.84 -9.49 53.84
C SER D 42 -44.93 -11.02 53.94
N HIS D 43 -43.96 -11.69 53.32
CA HIS D 43 -44.02 -13.14 53.04
C HIS D 43 -43.97 -13.97 54.33
N GLY D 44 -44.45 -15.21 54.22
CA GLY D 44 -44.11 -16.23 55.20
C GLY D 44 -45.23 -16.64 56.13
N PRO D 45 -44.95 -17.54 57.06
CA PRO D 45 -46.00 -17.99 57.97
C PRO D 45 -46.58 -16.81 58.73
N PRO D 46 -47.86 -16.87 59.08
CA PRO D 46 -48.76 -18.02 58.97
C PRO D 46 -49.46 -18.20 57.64
N PHE D 47 -49.61 -17.18 56.80
CA PHE D 47 -50.45 -17.31 55.61
C PHE D 47 -49.67 -17.44 54.31
N TYR D 48 -48.34 -17.32 54.37
CA TYR D 48 -47.39 -17.64 53.29
C TYR D 48 -47.45 -16.66 52.11
N ALA D 49 -48.51 -16.69 51.32
CA ALA D 49 -48.70 -15.61 50.36
C ALA D 49 -49.06 -14.33 51.10
N ALA D 50 -48.91 -13.20 50.41
CA ALA D 50 -48.98 -11.87 51.00
C ALA D 50 -49.06 -10.84 49.88
N LEU D 51 -49.08 -9.56 50.26
CA LEU D 51 -48.85 -8.47 49.32
C LEU D 51 -47.82 -8.87 48.26
N GLY D 52 -48.23 -8.84 46.99
CA GLY D 52 -47.40 -9.26 45.89
C GLY D 52 -47.82 -10.58 45.25
N GLY D 53 -48.41 -11.48 46.03
CA GLY D 53 -49.04 -12.67 45.51
C GLY D 53 -48.21 -13.91 45.74
N THR D 54 -48.72 -15.02 45.19
CA THR D 54 -48.07 -16.31 45.39
C THR D 54 -46.72 -16.37 44.67
N CYS D 55 -46.64 -15.78 43.48
CA CYS D 55 -45.40 -15.85 42.73
C CYS D 55 -44.28 -15.15 43.47
N VAL D 56 -44.56 -13.95 43.98
CA VAL D 56 -43.54 -13.14 44.64
C VAL D 56 -43.09 -13.79 45.95
N ASN D 57 -44.05 -14.30 46.73
CA ASN D 57 -43.77 -14.70 48.09
C ASN D 57 -43.40 -16.19 48.24
N VAL D 58 -44.13 -17.10 47.57
CA VAL D 58 -43.92 -18.54 47.75
C VAL D 58 -44.14 -19.23 46.41
N GLY D 59 -43.54 -18.69 45.36
CA GLY D 59 -43.73 -19.20 44.01
C GLY D 59 -42.55 -18.92 43.10
N CYS D 60 -42.83 -18.37 41.91
CA CYS D 60 -41.84 -18.31 40.84
C CYS D 60 -40.55 -17.63 41.31
N VAL D 61 -40.66 -16.50 42.02
CA VAL D 61 -39.47 -15.69 42.31
C VAL D 61 -38.53 -16.41 43.28
N PRO D 62 -38.97 -16.79 44.47
CA PRO D 62 -38.07 -17.54 45.37
C PRO D 62 -37.67 -18.91 44.85
N LYS D 63 -38.56 -19.63 44.18
CA LYS D 63 -38.16 -20.95 43.69
C LYS D 63 -37.11 -20.85 42.60
N LYS D 64 -37.14 -19.79 41.78
CA LYS D 64 -36.12 -19.67 40.75
C LYS D 64 -34.76 -19.38 41.39
N LEU D 65 -34.77 -18.54 42.43
CA LEU D 65 -33.51 -18.29 43.16
C LEU D 65 -32.95 -19.59 43.72
N MET D 66 -33.84 -20.45 44.24
CA MET D 66 -33.40 -21.69 44.87
C MET D 66 -32.95 -22.72 43.82
N VAL D 67 -33.61 -22.78 42.65
CA VAL D 67 -33.08 -23.60 41.56
C VAL D 67 -31.71 -23.09 41.11
N THR D 68 -31.56 -21.76 41.01
CA THR D 68 -30.26 -21.24 40.64
C THR D 68 -29.19 -21.67 41.64
N GLY D 69 -29.51 -21.64 42.93
CA GLY D 69 -28.61 -22.19 43.93
C GLY D 69 -28.32 -23.67 43.71
N ALA D 70 -29.36 -24.45 43.43
CA ALA D 70 -29.17 -25.88 43.21
C ALA D 70 -28.27 -26.16 42.02
N GLN D 71 -28.31 -25.32 40.98
CA GLN D 71 -27.51 -25.53 39.79
C GLN D 71 -26.01 -25.51 40.06
N TYR D 72 -25.57 -24.86 41.15
CA TYR D 72 -24.13 -24.82 41.39
C TYR D 72 -23.56 -26.19 41.72
N MET D 73 -24.39 -27.11 42.22
CA MET D 73 -23.90 -28.47 42.40
C MET D 73 -23.37 -29.02 41.08
N ASP D 74 -24.14 -28.82 39.99
CA ASP D 74 -23.68 -29.25 38.68
C ASP D 74 -22.51 -28.42 38.20
N HIS D 75 -22.54 -27.10 38.43
CA HIS D 75 -21.44 -26.25 37.96
C HIS D 75 -20.13 -26.64 38.62
N LEU D 76 -20.14 -26.91 39.92
CA LEU D 76 -18.88 -27.24 40.59
C LEU D 76 -18.33 -28.54 40.05
N ARG D 77 -19.18 -29.54 39.84
CA ARG D 77 -18.70 -30.80 39.30
C ARG D 77 -18.21 -30.65 37.85
N GLU D 78 -19.02 -29.99 37.02
CA GLU D 78 -18.73 -29.83 35.60
C GLU D 78 -17.50 -28.97 35.32
N SER D 79 -17.12 -28.06 36.23
CA SER D 79 -15.96 -27.23 36.00
C SER D 79 -14.68 -28.03 35.82
N ALA D 80 -14.63 -29.25 36.39
CA ALA D 80 -13.38 -29.99 36.39
C ALA D 80 -12.94 -30.34 34.98
N GLY D 81 -13.91 -30.64 34.09
CA GLY D 81 -13.56 -30.99 32.72
C GLY D 81 -12.93 -29.85 31.95
N PHE D 82 -13.17 -28.61 32.35
CA PHE D 82 -12.58 -27.44 31.73
C PHE D 82 -11.33 -26.96 32.46
N GLY D 83 -10.79 -27.76 33.37
CA GLY D 83 -9.51 -27.47 34.00
C GLY D 83 -9.55 -26.85 35.38
N TRP D 84 -10.74 -26.67 35.98
CA TRP D 84 -10.82 -26.06 37.29
C TRP D 84 -10.52 -27.08 38.38
N GLU D 85 -9.61 -26.73 39.28
CA GLU D 85 -9.19 -27.59 40.35
C GLU D 85 -9.49 -26.91 41.67
N PHE D 86 -9.91 -27.70 42.67
CA PHE D 86 -10.11 -27.21 44.02
C PHE D 86 -10.35 -28.42 44.92
N ASP D 87 -10.34 -28.18 46.23
CA ASP D 87 -10.48 -29.25 47.23
C ASP D 87 -11.94 -29.67 47.29
N GLY D 88 -12.28 -30.76 46.59
CA GLY D 88 -13.66 -31.19 46.52
C GLY D 88 -14.20 -31.64 47.86
N SER D 89 -13.31 -32.05 48.77
CA SER D 89 -13.77 -32.49 50.09
C SER D 89 -14.19 -31.32 50.96
N SER D 90 -13.92 -30.09 50.56
CA SER D 90 -14.34 -28.92 51.31
C SER D 90 -15.69 -28.38 50.88
N VAL D 91 -16.32 -28.97 49.87
CA VAL D 91 -17.55 -28.43 49.32
C VAL D 91 -18.72 -28.79 50.22
N LYS D 92 -19.47 -27.77 50.64
CA LYS D 92 -20.74 -28.05 51.30
C LYS D 92 -21.77 -26.99 50.94
N ALA D 93 -23.02 -27.43 50.83
CA ALA D 93 -24.14 -26.56 50.51
C ALA D 93 -24.82 -26.13 51.80
N ASN D 94 -24.92 -24.82 52.02
CA ASN D 94 -25.49 -24.28 53.25
C ASN D 94 -26.89 -23.73 52.94
N TRP D 95 -27.89 -24.58 53.23
CA TRP D 95 -29.29 -24.24 53.03
C TRP D 95 -29.70 -23.00 53.81
N LYS D 96 -29.20 -22.85 55.05
CA LYS D 96 -29.60 -21.71 55.86
C LYS D 96 -29.25 -20.39 55.18
N LYS D 97 -28.09 -20.34 54.51
CA LYS D 97 -27.70 -19.09 53.86
C LYS D 97 -28.56 -18.82 52.65
N LEU D 98 -28.86 -19.88 51.89
CA LEU D 98 -29.77 -19.74 50.75
C LEU D 98 -31.11 -19.17 51.19
N ILE D 99 -31.69 -19.75 52.24
CA ILE D 99 -33.03 -19.31 52.65
C ILE D 99 -32.99 -17.89 53.18
N ALA D 100 -31.92 -17.53 53.90
CA ALA D 100 -31.82 -16.15 54.38
C ALA D 100 -31.67 -15.17 53.23
N ALA D 101 -30.90 -15.53 52.19
CA ALA D 101 -30.77 -14.66 51.04
C ALA D 101 -32.09 -14.50 50.31
N LYS D 102 -32.80 -15.63 50.13
CA LYS D 102 -34.11 -15.61 49.50
C LYS D 102 -35.11 -14.78 50.30
N ASN D 103 -35.10 -14.90 51.63
CA ASN D 103 -36.02 -14.11 52.45
C ASN D 103 -35.75 -12.62 52.29
N GLU D 104 -34.48 -12.22 52.27
CA GLU D 104 -34.19 -10.79 52.13
C GLU D 104 -34.65 -10.27 50.77
N ALA D 105 -34.45 -11.06 49.71
CA ALA D 105 -34.88 -10.66 48.37
C ALA D 105 -36.41 -10.49 48.29
N VAL D 106 -37.16 -11.45 48.85
CA VAL D 106 -38.62 -11.34 48.84
C VAL D 106 -39.09 -10.18 49.72
N LEU D 107 -38.51 -10.02 50.92
CA LEU D 107 -38.92 -8.90 51.77
C LEU D 107 -38.72 -7.56 51.07
N ASP D 108 -37.59 -7.40 50.37
CA ASP D 108 -37.36 -6.15 49.63
C ASP D 108 -38.48 -5.89 48.63
N ILE D 109 -38.97 -6.93 47.95
CA ILE D 109 -40.10 -6.75 47.02
C ILE D 109 -41.35 -6.36 47.79
N ASN D 110 -41.66 -7.07 48.89
CA ASN D 110 -42.79 -6.68 49.74
C ASN D 110 -42.75 -5.19 50.05
N LYS D 111 -41.60 -4.71 50.55
CA LYS D 111 -41.46 -3.30 50.93
C LYS D 111 -41.63 -2.37 49.73
N SER D 112 -41.11 -2.78 48.57
CA SER D 112 -41.29 -2.00 47.35
C SER D 112 -42.77 -1.79 47.05
N TYR D 113 -43.59 -2.83 47.23
CA TYR D 113 -45.02 -2.69 46.95
C TYR D 113 -45.71 -1.82 47.99
N GLU D 114 -45.32 -1.92 49.26
CA GLU D 114 -45.88 -0.97 50.24
C GLU D 114 -45.61 0.46 49.80
N GLY D 115 -44.40 0.74 49.34
CA GLY D 115 -44.08 2.09 48.89
C GLY D 115 -44.92 2.53 47.71
N MET D 116 -45.20 1.60 46.78
CA MET D 116 -46.06 1.90 45.65
C MET D 116 -47.44 2.38 46.13
N PHE D 117 -48.01 1.69 47.11
CA PHE D 117 -49.30 2.13 47.64
C PHE D 117 -49.17 3.48 48.33
N ASN D 118 -48.14 3.63 49.18
CA ASN D 118 -47.98 4.89 49.90
C ASN D 118 -47.86 6.07 48.94
N ASP D 119 -47.21 5.87 47.81
CA ASP D 119 -46.85 6.97 46.94
C ASP D 119 -47.86 7.25 45.83
N THR D 120 -48.81 6.34 45.58
CA THR D 120 -49.70 6.44 44.42
C THR D 120 -51.08 6.91 44.87
N GLU D 121 -51.47 8.12 44.47
CA GLU D 121 -52.78 8.63 44.86
C GLU D 121 -53.89 7.83 44.16
N GLY D 122 -54.93 7.48 44.91
CA GLY D 122 -56.02 6.71 44.36
C GLY D 122 -55.84 5.21 44.44
N LEU D 123 -54.73 4.73 44.99
CA LEU D 123 -54.49 3.29 45.12
C LEU D 123 -54.23 2.97 46.59
N ASP D 124 -55.18 2.28 47.23
CA ASP D 124 -55.16 2.06 48.68
C ASP D 124 -55.05 0.58 48.99
N PHE D 125 -54.25 0.25 50.02
CA PHE D 125 -54.13 -1.13 50.48
C PHE D 125 -54.89 -1.33 51.78
N PHE D 126 -55.53 -2.50 51.94
CA PHE D 126 -56.20 -2.90 53.17
C PHE D 126 -55.75 -4.29 53.58
N LEU D 127 -55.29 -4.40 54.83
CA LEU D 127 -54.84 -5.67 55.41
C LEU D 127 -56.03 -6.40 56.00
N GLY D 128 -56.18 -7.69 55.66
CA GLY D 128 -57.20 -8.52 56.27
C GLY D 128 -57.81 -9.46 55.27
N TRP D 129 -58.93 -10.07 55.65
CA TRP D 129 -59.60 -11.08 54.84
C TRP D 129 -60.85 -10.48 54.19
N GLY D 130 -60.84 -10.39 52.86
CA GLY D 130 -61.95 -9.83 52.16
C GLY D 130 -62.99 -10.89 51.79
N SER D 131 -64.26 -10.48 51.82
CA SER D 131 -65.35 -11.34 51.40
C SER D 131 -66.50 -10.48 50.90
N LEU D 132 -67.44 -11.12 50.23
CA LEU D 132 -68.55 -10.40 49.60
C LEU D 132 -69.72 -10.40 50.58
N GLU D 133 -70.03 -9.23 51.15
CA GLU D 133 -71.22 -9.14 51.98
C GLU D 133 -72.47 -9.00 51.13
N SER D 134 -72.42 -8.16 50.09
CA SER D 134 -73.48 -8.03 49.10
C SER D 134 -72.86 -7.57 47.78
N LYS D 135 -73.70 -7.35 46.76
CA LYS D 135 -73.21 -7.21 45.40
C LYS D 135 -72.26 -6.02 45.20
N ASN D 136 -72.34 -5.00 46.08
CA ASN D 136 -71.47 -3.83 45.97
C ASN D 136 -70.87 -3.48 47.32
N VAL D 137 -70.64 -4.50 48.16
CA VAL D 137 -70.08 -4.32 49.49
C VAL D 137 -69.05 -5.41 49.75
N VAL D 138 -67.80 -5.01 49.92
CA VAL D 138 -66.72 -5.92 50.33
C VAL D 138 -66.43 -5.64 51.80
N VAL D 139 -66.41 -6.69 52.65
CA VAL D 139 -66.00 -6.53 54.04
C VAL D 139 -64.60 -7.11 54.21
N VAL D 140 -63.82 -6.45 55.06
CA VAL D 140 -62.47 -6.88 55.42
C VAL D 140 -62.52 -7.27 56.90
N ARG D 141 -62.27 -8.55 57.19
CA ARG D 141 -62.34 -9.05 58.56
C ARG D 141 -60.95 -9.42 59.09
N GLU D 142 -60.90 -9.60 60.41
CA GLU D 142 -59.64 -9.86 61.10
C GLU D 142 -59.02 -11.19 60.69
N THR D 143 -59.85 -12.24 60.53
CA THR D 143 -59.36 -13.58 60.13
C THR D 143 -60.27 -14.14 59.03
N ALA D 144 -59.91 -15.34 58.55
CA ALA D 144 -60.74 -16.03 57.57
C ALA D 144 -62.09 -16.49 58.14
N ASP D 145 -62.23 -16.51 59.45
CA ASP D 145 -63.50 -16.87 60.09
C ASP D 145 -64.53 -15.78 59.80
N PRO D 146 -65.63 -16.11 59.12
CA PRO D 146 -66.64 -15.07 58.82
C PRO D 146 -67.31 -14.49 60.05
N LYS D 147 -67.04 -15.03 61.23
CA LYS D 147 -67.53 -14.44 62.48
C LYS D 147 -66.51 -13.52 63.13
N SER D 148 -65.31 -13.37 62.55
CA SER D 148 -64.32 -12.48 63.15
C SER D 148 -64.72 -11.02 62.89
N ALA D 149 -64.05 -10.11 63.61
CA ALA D 149 -64.45 -8.70 63.60
C ALA D 149 -64.30 -8.08 62.22
N VAL D 150 -65.27 -7.25 61.85
CA VAL D 150 -65.15 -6.44 60.63
C VAL D 150 -64.20 -5.27 60.88
N LYS D 151 -63.07 -5.23 60.16
CA LYS D 151 -62.16 -4.09 60.25
C LYS D 151 -62.69 -2.92 59.43
N GLU D 152 -63.11 -3.20 58.18
CA GLU D 152 -63.53 -2.19 57.22
C GLU D 152 -64.69 -2.75 56.39
N ARG D 153 -65.67 -1.90 56.10
CA ARG D 153 -66.70 -2.22 55.13
C ARG D 153 -66.58 -1.22 53.99
N LEU D 154 -66.30 -1.71 52.80
CA LEU D 154 -65.96 -0.87 51.63
C LEU D 154 -67.10 -0.87 50.62
N GLN D 155 -67.45 0.32 50.13
CA GLN D 155 -68.39 0.44 49.02
C GLN D 155 -67.67 0.23 47.69
N ALA D 156 -68.19 -0.65 46.83
CA ALA D 156 -67.49 -1.02 45.61
C ALA D 156 -68.43 -0.97 44.40
N ASP D 157 -68.14 -0.10 43.43
CA ASP D 157 -68.87 -0.13 42.16
C ASP D 157 -68.59 -1.42 41.40
N HIS D 158 -67.33 -1.86 41.37
CA HIS D 158 -66.91 -3.07 40.67
C HIS D 158 -66.05 -3.88 41.63
N ILE D 159 -66.14 -5.20 41.55
CA ILE D 159 -65.38 -6.11 42.41
C ILE D 159 -64.63 -7.12 41.56
N LEU D 160 -63.33 -7.27 41.84
CA LEU D 160 -62.46 -8.21 41.14
C LEU D 160 -62.01 -9.29 42.14
N LEU D 161 -62.35 -10.54 41.86
CA LEU D 161 -61.90 -11.66 42.67
C LEU D 161 -60.57 -12.15 42.12
N ALA D 162 -59.53 -12.12 42.96
CA ALA D 162 -58.17 -12.46 42.49
C ALA D 162 -57.37 -13.11 43.62
N THR D 163 -57.98 -14.07 44.31
CA THR D 163 -57.39 -14.69 45.50
C THR D 163 -56.48 -15.89 45.22
N GLY D 164 -56.28 -16.27 43.96
CA GLY D 164 -55.30 -17.30 43.64
C GLY D 164 -55.80 -18.72 43.86
N SER D 165 -54.86 -19.64 44.08
CA SER D 165 -55.11 -21.05 44.37
C SER D 165 -54.39 -21.42 45.67
N TRP D 166 -54.45 -22.70 46.04
CA TRP D 166 -53.91 -23.17 47.32
C TRP D 166 -53.53 -24.63 47.15
N PRO D 167 -52.51 -25.12 47.88
CA PRO D 167 -52.13 -26.54 47.70
C PRO D 167 -53.26 -27.49 48.04
N GLN D 168 -53.43 -28.51 47.21
CA GLN D 168 -54.42 -29.56 47.45
C GLN D 168 -53.81 -30.65 48.32
N MET D 169 -54.49 -31.02 49.39
CA MET D 169 -53.99 -32.03 50.30
C MET D 169 -54.90 -33.26 50.30
N PRO D 170 -54.42 -34.43 49.91
CA PRO D 170 -55.30 -35.61 49.84
C PRO D 170 -55.83 -35.99 51.22
N ALA D 171 -57.07 -36.44 51.25
CA ALA D 171 -57.70 -36.84 52.51
C ALA D 171 -57.26 -38.28 52.82
N ILE D 172 -56.09 -38.41 53.44
CA ILE D 172 -55.57 -39.71 53.86
C ILE D 172 -55.22 -39.63 55.34
N PRO D 173 -55.19 -40.78 56.03
CA PRO D 173 -54.71 -40.78 57.42
C PRO D 173 -53.27 -40.29 57.51
N GLY D 174 -53.03 -39.39 58.46
CA GLY D 174 -51.70 -38.85 58.66
C GLY D 174 -51.36 -37.66 57.78
N ILE D 175 -52.33 -37.11 57.04
CA ILE D 175 -52.04 -35.96 56.19
C ILE D 175 -51.47 -34.82 57.01
N GLU D 176 -51.84 -34.73 58.30
CA GLU D 176 -51.31 -33.67 59.14
C GLU D 176 -49.81 -33.76 59.35
N HIS D 177 -49.18 -34.89 59.02
CA HIS D 177 -47.74 -35.05 59.13
C HIS D 177 -46.99 -34.61 57.87
N CYS D 178 -47.71 -34.14 56.87
CA CYS D 178 -47.17 -33.75 55.57
C CYS D 178 -47.17 -32.23 55.45
N ILE D 179 -46.42 -31.72 54.45
CA ILE D 179 -46.35 -30.30 54.17
C ILE D 179 -46.68 -30.09 52.69
N SER D 180 -46.69 -28.81 52.29
CA SER D 180 -46.84 -28.37 50.91
C SER D 180 -45.65 -27.49 50.54
N SER D 181 -45.64 -26.99 49.29
CA SER D 181 -44.56 -26.08 48.89
C SER D 181 -44.46 -24.86 49.80
N ASN D 182 -45.58 -24.38 50.35
CA ASN D 182 -45.55 -23.23 51.28
C ASN D 182 -44.51 -23.43 52.36
N GLU D 183 -44.61 -24.55 53.10
CA GLU D 183 -43.69 -24.79 54.21
C GLU D 183 -42.28 -25.11 53.73
N ALA D 184 -42.16 -25.67 52.53
CA ALA D 184 -40.82 -26.01 52.01
C ALA D 184 -39.93 -24.79 51.93
N PHE D 185 -40.51 -23.61 51.66
CA PHE D 185 -39.71 -22.40 51.56
C PHE D 185 -39.11 -21.96 52.89
N TYR D 186 -39.50 -22.58 54.01
CA TYR D 186 -39.11 -22.09 55.33
C TYR D 186 -38.51 -23.16 56.24
N LEU D 187 -38.24 -24.37 55.73
CA LEU D 187 -37.63 -25.40 56.55
C LEU D 187 -36.36 -24.85 57.22
N PRO D 188 -36.18 -25.04 58.53
CA PRO D 188 -34.95 -24.55 59.16
C PRO D 188 -33.71 -25.29 58.71
N GLU D 189 -33.81 -26.58 58.39
CA GLU D 189 -32.72 -27.42 57.93
C GLU D 189 -33.15 -28.18 56.67
N PRO D 190 -32.21 -28.47 55.77
CA PRO D 190 -32.56 -29.23 54.56
C PRO D 190 -32.78 -30.69 54.89
N PRO D 191 -33.86 -31.30 54.40
CA PRO D 191 -34.16 -32.68 54.82
C PRO D 191 -33.13 -33.68 54.28
N ARG D 192 -32.78 -34.64 55.13
CA ARG D 192 -31.90 -35.73 54.71
C ARG D 192 -32.62 -36.62 53.69
N ARG D 193 -33.85 -37.02 54.00
CA ARG D 193 -34.69 -37.83 53.13
C ARG D 193 -35.99 -37.09 52.91
N VAL D 194 -36.39 -36.94 51.64
CA VAL D 194 -37.64 -36.26 51.31
C VAL D 194 -38.35 -37.01 50.20
N LEU D 195 -39.67 -37.15 50.36
CA LEU D 195 -40.57 -37.59 49.31
C LEU D 195 -41.34 -36.38 48.81
N THR D 196 -41.23 -36.08 47.51
CA THR D 196 -42.12 -35.11 46.87
C THR D 196 -43.19 -35.88 46.13
N VAL D 197 -44.46 -35.64 46.49
CA VAL D 197 -45.60 -36.39 45.98
C VAL D 197 -46.23 -35.59 44.84
N GLY D 198 -46.18 -36.13 43.64
CA GLY D 198 -46.79 -35.49 42.48
C GLY D 198 -45.87 -35.54 41.28
N GLY D 199 -46.46 -35.51 40.10
CA GLY D 199 -45.71 -35.50 38.87
C GLY D 199 -45.63 -34.17 38.16
N GLY D 200 -46.16 -33.09 38.76
CA GLY D 200 -46.19 -31.79 38.12
C GLY D 200 -44.93 -30.96 38.33
N PHE D 201 -44.94 -29.73 37.79
CA PHE D 201 -43.70 -28.94 37.77
C PHE D 201 -43.20 -28.62 39.17
N ILE D 202 -44.10 -28.42 40.14
CA ILE D 202 -43.65 -28.04 41.49
C ILE D 202 -42.88 -29.18 42.15
N SER D 203 -43.42 -30.41 42.07
CA SER D 203 -42.71 -31.56 42.66
C SER D 203 -41.35 -31.77 42.00
N VAL D 204 -41.29 -31.66 40.66
CA VAL D 204 -40.04 -31.87 39.93
C VAL D 204 -39.02 -30.81 40.29
N GLU D 205 -39.46 -29.54 40.38
CA GLU D 205 -38.51 -28.47 40.67
C GLU D 205 -37.97 -28.60 42.08
N PHE D 206 -38.85 -28.89 43.04
CA PHE D 206 -38.37 -29.03 44.40
C PHE D 206 -37.51 -30.28 44.58
N ALA D 207 -37.81 -31.37 43.86
CA ALA D 207 -36.90 -32.51 43.95
C ALA D 207 -35.47 -32.12 43.57
N GLY D 208 -35.31 -31.28 42.55
CA GLY D 208 -33.98 -30.80 42.19
C GLY D 208 -33.37 -29.93 43.26
N ILE D 209 -34.17 -29.03 43.86
CA ILE D 209 -33.67 -28.17 44.93
C ILE D 209 -33.17 -29.00 46.11
N PHE D 210 -34.03 -29.91 46.59
CA PHE D 210 -33.65 -30.72 47.75
C PHE D 210 -32.44 -31.59 47.44
N ASN D 211 -32.33 -32.08 46.19
CA ASN D 211 -31.22 -32.95 45.80
C ASN D 211 -29.86 -32.26 45.97
N ALA D 212 -29.80 -30.97 45.68
CA ALA D 212 -28.54 -30.25 45.75
C ALA D 212 -28.16 -29.86 47.17
N TYR D 213 -29.13 -29.60 48.05
CA TYR D 213 -28.81 -29.11 49.39
C TYR D 213 -28.92 -30.18 50.48
N LYS D 214 -29.26 -31.41 50.11
CA LYS D 214 -29.41 -32.46 51.12
C LYS D 214 -28.08 -32.72 51.83
N PRO D 215 -28.10 -33.03 53.12
CA PRO D 215 -26.88 -33.37 53.84
C PRO D 215 -26.34 -34.72 53.39
N PRO D 216 -25.14 -35.09 53.85
CA PRO D 216 -24.53 -36.35 53.38
C PRO D 216 -25.40 -37.57 53.66
N GLY D 217 -25.38 -38.51 52.71
CA GLY D 217 -26.20 -39.69 52.82
C GLY D 217 -27.68 -39.45 52.67
N GLY D 218 -28.08 -38.29 52.14
CA GLY D 218 -29.49 -38.05 51.91
C GLY D 218 -29.98 -38.67 50.61
N LYS D 219 -31.30 -38.71 50.47
CA LYS D 219 -31.95 -39.25 49.27
C LYS D 219 -33.26 -38.51 49.00
N VAL D 220 -33.44 -38.06 47.76
CA VAL D 220 -34.71 -37.46 47.32
C VAL D 220 -35.48 -38.49 46.51
N THR D 221 -36.76 -38.70 46.87
CA THR D 221 -37.66 -39.57 46.14
C THR D 221 -38.86 -38.78 45.66
N LEU D 222 -39.21 -38.93 44.38
CA LEU D 222 -40.44 -38.36 43.82
C LEU D 222 -41.37 -39.50 43.42
N CYS D 223 -42.64 -39.41 43.80
CA CYS D 223 -43.61 -40.41 43.41
C CYS D 223 -44.76 -39.76 42.65
N TYR D 224 -45.33 -40.53 41.73
CA TYR D 224 -46.43 -40.08 40.89
C TYR D 224 -47.36 -41.26 40.66
N ARG D 225 -48.67 -40.99 40.70
CA ARG D 225 -49.64 -42.07 40.72
C ARG D 225 -49.81 -42.72 39.35
N ASN D 226 -49.40 -42.06 38.28
CA ASN D 226 -49.54 -42.62 36.94
C ASN D 226 -48.17 -43.02 36.40
N ASN D 227 -48.13 -43.37 35.12
CA ASN D 227 -46.95 -44.07 34.60
C ASN D 227 -45.77 -43.16 34.26
N LEU D 228 -46.01 -41.87 34.02
CA LEU D 228 -44.97 -41.01 33.46
C LEU D 228 -45.20 -39.58 33.93
N ILE D 229 -44.20 -38.99 34.59
CA ILE D 229 -44.37 -37.65 35.17
C ILE D 229 -44.63 -36.59 34.10
N LEU D 230 -45.09 -35.40 34.54
CA LEU D 230 -45.19 -34.20 33.69
C LEU D 230 -46.23 -34.34 32.58
N ARG D 231 -47.38 -34.93 32.93
CA ARG D 231 -48.56 -34.93 32.07
C ARG D 231 -48.75 -33.55 31.45
N GLY D 232 -49.11 -33.50 30.17
CA GLY D 232 -49.29 -32.25 29.46
C GLY D 232 -48.09 -31.77 28.68
N PHE D 233 -46.90 -32.25 29.01
CA PHE D 233 -45.70 -31.87 28.29
C PHE D 233 -45.39 -32.89 27.18
N ASP D 234 -44.46 -32.51 26.31
CA ASP D 234 -44.06 -33.38 25.22
C ASP D 234 -43.59 -34.73 25.76
N GLU D 235 -44.03 -35.81 25.11
CA GLU D 235 -43.75 -37.15 25.64
C GLU D 235 -42.27 -37.50 25.58
N THR D 236 -41.58 -37.16 24.48
CA THR D 236 -40.13 -37.35 24.45
C THR D 236 -39.48 -36.65 25.63
N ILE D 237 -39.91 -35.42 25.92
CA ILE D 237 -39.30 -34.65 26.98
C ILE D 237 -39.64 -35.25 28.35
N ARG D 238 -40.87 -35.73 28.53
CA ARG D 238 -41.23 -36.36 29.80
C ARG D 238 -40.32 -37.54 30.11
N GLU D 239 -40.00 -38.32 29.09
CA GLU D 239 -39.16 -39.50 29.32
C GLU D 239 -37.73 -39.08 29.58
N GLU D 240 -37.26 -38.07 28.86
CA GLU D 240 -35.88 -37.63 29.00
C GLU D 240 -35.65 -36.94 30.35
N VAL D 241 -36.59 -36.11 30.81
CA VAL D 241 -36.46 -35.52 32.15
C VAL D 241 -36.39 -36.61 33.21
N THR D 242 -37.23 -37.63 33.08
CA THR D 242 -37.20 -38.75 34.03
C THR D 242 -35.80 -39.34 34.11
N LYS D 243 -35.19 -39.58 32.95
CA LYS D 243 -33.86 -40.18 32.91
C LYS D 243 -32.82 -39.25 33.50
N GLN D 244 -32.96 -37.94 33.27
CA GLN D 244 -31.93 -37.01 33.71
C GLN D 244 -32.05 -36.71 35.20
N LEU D 245 -33.25 -36.77 35.78
CA LEU D 245 -33.37 -36.73 37.23
C LEU D 245 -32.71 -37.94 37.87
N THR D 246 -33.02 -39.14 37.36
CA THR D 246 -32.40 -40.36 37.86
C THR D 246 -30.88 -40.26 37.81
N ALA D 247 -30.35 -39.80 36.67
CA ALA D 247 -28.90 -39.71 36.52
C ALA D 247 -28.28 -38.80 37.58
N ASN D 248 -29.03 -37.83 38.07
CA ASN D 248 -28.49 -36.93 39.08
C ASN D 248 -28.83 -37.38 40.49
N GLY D 249 -29.37 -38.59 40.64
CA GLY D 249 -29.51 -39.23 41.94
C GLY D 249 -30.89 -39.22 42.56
N ILE D 250 -31.90 -38.73 41.86
CA ILE D 250 -33.26 -38.71 42.39
C ILE D 250 -33.95 -40.01 42.02
N GLU D 251 -34.70 -40.57 42.96
CA GLU D 251 -35.43 -41.83 42.74
C GLU D 251 -36.86 -41.51 42.32
N ILE D 252 -37.28 -41.99 41.14
CA ILE D 252 -38.62 -41.75 40.62
C ILE D 252 -39.48 -42.99 40.84
N MET D 253 -40.53 -42.88 41.66
CA MET D 253 -41.49 -43.97 41.91
C MET D 253 -42.78 -43.69 41.15
N THR D 254 -42.90 -44.23 39.95
CA THR D 254 -44.14 -44.07 39.20
C THR D 254 -45.12 -45.21 39.53
N ASN D 255 -46.40 -44.95 39.22
CA ASN D 255 -47.50 -45.87 39.55
C ASN D 255 -47.59 -46.14 41.05
N GLU D 256 -47.30 -45.13 41.88
CA GLU D 256 -47.38 -45.26 43.33
C GLU D 256 -48.08 -44.03 43.91
N ASN D 257 -48.83 -44.26 44.98
CA ASN D 257 -49.59 -43.18 45.60
C ASN D 257 -49.71 -43.40 47.10
N PRO D 258 -49.34 -42.41 47.91
CA PRO D 258 -49.47 -42.57 49.37
C PRO D 258 -50.90 -42.87 49.81
N ALA D 259 -51.03 -43.85 50.70
CA ALA D 259 -52.31 -44.20 51.31
C ALA D 259 -52.42 -43.78 52.77
N LYS D 260 -51.31 -43.67 53.50
CA LYS D 260 -51.34 -43.11 54.84
C LYS D 260 -49.92 -42.72 55.25
N VAL D 261 -49.84 -41.94 56.32
CA VAL D 261 -48.56 -41.50 56.86
C VAL D 261 -48.65 -41.61 58.39
N SER D 262 -47.64 -42.22 59.01
CA SER D 262 -47.57 -42.25 60.46
C SER D 262 -46.26 -41.63 60.92
N LEU D 263 -46.24 -41.21 62.19
CA LEU D 263 -45.06 -40.62 62.80
C LEU D 263 -44.27 -41.72 63.50
N ASN D 264 -43.01 -41.87 63.10
CA ASN D 264 -42.12 -42.79 63.79
C ASN D 264 -41.70 -42.22 65.13
N THR D 265 -41.22 -43.10 66.01
CA THR D 265 -40.84 -42.62 67.34
C THR D 265 -39.71 -41.58 67.30
N ASP D 266 -38.88 -41.56 66.25
CA ASP D 266 -37.84 -40.55 66.16
C ASP D 266 -38.30 -39.28 65.46
N GLY D 267 -39.59 -39.18 65.12
CA GLY D 267 -40.12 -37.99 64.48
C GLY D 267 -40.08 -38.01 62.97
N SER D 268 -39.47 -39.02 62.35
CA SER D 268 -39.56 -39.14 60.91
C SER D 268 -40.92 -39.69 60.52
N LYS D 269 -41.17 -39.78 59.22
CA LYS D 269 -42.48 -40.17 58.70
C LYS D 269 -42.40 -41.54 58.03
N HIS D 270 -43.43 -42.35 58.29
CA HIS D 270 -43.54 -43.68 57.70
C HIS D 270 -44.69 -43.63 56.68
N VAL D 271 -44.34 -43.71 55.39
CA VAL D 271 -45.31 -43.63 54.31
C VAL D 271 -45.66 -45.04 53.84
N THR D 272 -46.95 -45.33 53.78
CA THR D 272 -47.47 -46.55 53.17
C THR D 272 -48.18 -46.17 51.87
N PHE D 273 -47.79 -46.81 50.78
CA PHE D 273 -48.39 -46.57 49.47
C PHE D 273 -49.58 -47.51 49.26
N GLU D 274 -50.43 -47.16 48.29
CA GLU D 274 -51.59 -47.99 47.96
C GLU D 274 -51.18 -49.41 47.58
N SER D 275 -49.98 -49.58 47.01
CA SER D 275 -49.50 -50.90 46.62
C SER D 275 -49.01 -51.73 47.82
N GLY D 276 -48.77 -51.12 48.98
CA GLY D 276 -48.21 -51.79 50.12
C GLY D 276 -46.75 -51.49 50.38
N LYS D 277 -46.05 -50.94 49.38
CA LYS D 277 -44.68 -50.49 49.58
C LYS D 277 -44.65 -49.46 50.71
N THR D 278 -43.47 -49.29 51.30
CA THR D 278 -43.34 -48.31 52.37
C THR D 278 -42.06 -47.52 52.16
N LEU D 279 -41.99 -46.35 52.79
CA LEU D 279 -40.82 -45.50 52.69
C LEU D 279 -40.77 -44.59 53.91
N ASP D 280 -39.59 -44.44 54.49
CA ASP D 280 -39.38 -43.55 55.61
C ASP D 280 -38.60 -42.32 55.16
N VAL D 281 -39.12 -41.13 55.51
CA VAL D 281 -38.49 -39.88 55.12
C VAL D 281 -38.65 -38.88 56.26
N ASP D 282 -37.86 -37.82 56.17
CA ASP D 282 -37.94 -36.75 57.16
C ASP D 282 -38.98 -35.70 56.80
N VAL D 283 -39.27 -35.52 55.51
CA VAL D 283 -40.28 -34.58 55.04
C VAL D 283 -41.08 -35.24 53.92
N VAL D 284 -42.40 -35.08 53.98
CA VAL D 284 -43.29 -35.48 52.89
C VAL D 284 -43.92 -34.21 52.33
N MET D 285 -43.52 -33.83 51.12
CA MET D 285 -44.07 -32.61 50.50
C MET D 285 -45.14 -33.00 49.47
N MET D 286 -46.40 -32.70 49.78
CA MET D 286 -47.50 -32.94 48.85
C MET D 286 -47.53 -31.86 47.79
N ALA D 287 -47.42 -32.25 46.53
CA ALA D 287 -47.51 -31.33 45.40
C ALA D 287 -48.37 -31.95 44.31
N ILE D 288 -49.59 -32.37 44.70
CA ILE D 288 -50.45 -33.12 43.79
C ILE D 288 -51.42 -32.24 43.00
N GLY D 289 -51.48 -30.95 43.30
CA GLY D 289 -52.35 -30.04 42.58
C GLY D 289 -52.53 -28.75 43.36
N ARG D 290 -53.14 -27.77 42.70
CA ARG D 290 -53.53 -26.54 43.38
C ARG D 290 -54.98 -26.23 43.01
N ILE D 291 -55.76 -25.83 44.01
CA ILE D 291 -57.19 -25.61 43.81
C ILE D 291 -57.55 -24.13 43.98
N PRO D 292 -58.57 -23.65 43.26
CA PRO D 292 -58.96 -22.25 43.37
C PRO D 292 -59.35 -21.92 44.80
N ARG D 293 -59.01 -20.70 45.20
CA ARG D 293 -59.16 -20.28 46.60
C ARG D 293 -60.46 -19.48 46.76
N THR D 294 -61.57 -20.22 46.86
CA THR D 294 -62.90 -19.63 46.87
C THR D 294 -63.61 -19.71 48.21
N ASN D 295 -63.12 -20.54 49.13
CA ASN D 295 -63.91 -20.89 50.30
C ASN D 295 -64.14 -19.70 51.24
N ASP D 296 -63.20 -18.77 51.33
CA ASP D 296 -63.34 -17.68 52.30
C ASP D 296 -64.08 -16.46 51.74
N LEU D 297 -64.41 -16.44 50.45
CA LEU D 297 -65.03 -15.27 49.83
C LEU D 297 -66.53 -15.14 50.09
N GLN D 298 -67.16 -16.16 50.68
CA GLN D 298 -68.62 -16.14 50.95
C GLN D 298 -69.41 -15.82 49.69
N LEU D 299 -69.06 -16.49 48.59
CA LEU D 299 -69.70 -16.23 47.31
C LEU D 299 -71.20 -16.53 47.32
N GLY D 300 -71.67 -17.38 48.22
CA GLY D 300 -73.10 -17.60 48.34
C GLY D 300 -73.88 -16.36 48.68
N ASN D 301 -73.25 -15.37 49.32
CA ASN D 301 -73.95 -14.14 49.69
C ASN D 301 -74.48 -13.40 48.47
N VAL D 302 -73.85 -13.57 47.31
CA VAL D 302 -74.24 -12.88 46.09
C VAL D 302 -74.56 -13.84 44.96
N GLY D 303 -74.32 -15.14 45.15
CA GLY D 303 -74.63 -16.11 44.12
C GLY D 303 -73.66 -16.18 42.95
N VAL D 304 -72.37 -15.92 43.16
CA VAL D 304 -71.40 -16.11 42.08
C VAL D 304 -71.25 -17.61 41.81
N LYS D 305 -71.39 -18.00 40.55
CA LYS D 305 -71.41 -19.42 40.20
C LYS D 305 -69.99 -19.97 40.05
N LEU D 306 -69.79 -21.18 40.55
CA LEU D 306 -68.57 -21.95 40.36
C LEU D 306 -68.73 -22.96 39.23
N THR D 307 -67.60 -23.42 38.70
CA THR D 307 -67.63 -24.55 37.76
C THR D 307 -67.72 -25.85 38.54
N PRO D 308 -68.06 -26.96 37.87
CA PRO D 308 -68.06 -28.25 38.57
C PRO D 308 -66.71 -28.58 39.18
N LYS D 309 -65.62 -28.09 38.57
CA LYS D 309 -64.28 -28.30 39.08
C LYS D 309 -63.93 -27.38 40.27
N GLY D 310 -64.71 -26.32 40.51
CA GLY D 310 -64.54 -25.48 41.69
C GLY D 310 -64.01 -24.07 41.41
N GLY D 311 -63.61 -23.75 40.19
CA GLY D 311 -63.21 -22.40 39.89
C GLY D 311 -64.39 -21.47 39.75
N VAL D 312 -64.13 -20.16 39.83
CA VAL D 312 -65.17 -19.19 39.52
C VAL D 312 -65.42 -19.22 38.01
N GLN D 313 -66.67 -19.43 37.62
CA GLN D 313 -67.00 -19.48 36.20
C GLN D 313 -66.95 -18.07 35.61
N VAL D 314 -66.32 -17.92 34.44
CA VAL D 314 -66.23 -16.63 33.77
C VAL D 314 -66.39 -16.80 32.26
N ASP D 315 -66.83 -15.73 31.61
CA ASP D 315 -66.81 -15.68 30.15
C ASP D 315 -65.43 -15.25 29.67
N GLU D 316 -65.27 -15.01 28.35
CA GLU D 316 -63.96 -14.68 27.80
C GLU D 316 -63.45 -13.33 28.27
N PHE D 317 -64.33 -12.48 28.79
CA PHE D 317 -63.93 -11.18 29.31
C PHE D 317 -63.81 -11.18 30.83
N SER D 318 -63.72 -12.35 31.46
CA SER D 318 -63.53 -12.53 32.89
C SER D 318 -64.74 -12.09 33.72
N ARG D 319 -65.93 -12.03 33.13
CA ARG D 319 -67.14 -11.67 33.86
C ARG D 319 -67.79 -12.89 34.49
N THR D 320 -68.21 -12.75 35.76
CA THR D 320 -69.02 -13.77 36.41
C THR D 320 -70.48 -13.63 35.98
N ASN D 321 -71.36 -14.44 36.58
CA ASN D 321 -72.78 -14.29 36.31
C ASN D 321 -73.38 -13.07 36.99
N VAL D 322 -72.65 -12.45 37.90
CA VAL D 322 -73.18 -11.34 38.71
C VAL D 322 -72.61 -10.05 38.14
N PRO D 323 -73.45 -9.08 37.79
CA PRO D 323 -72.93 -7.87 37.15
C PRO D 323 -71.97 -7.13 38.07
N ASN D 324 -70.92 -6.59 37.47
CA ASN D 324 -69.87 -5.83 38.13
C ASN D 324 -69.00 -6.69 39.04
N ILE D 325 -69.07 -8.01 38.93
CA ILE D 325 -68.15 -8.90 39.67
C ILE D 325 -67.39 -9.71 38.64
N TYR D 326 -66.06 -9.66 38.70
CA TYR D 326 -65.17 -10.28 37.74
C TYR D 326 -64.20 -11.20 38.47
N ALA D 327 -63.49 -12.05 37.72
CA ALA D 327 -62.50 -12.92 38.31
C ALA D 327 -61.40 -13.23 37.30
N ILE D 328 -60.14 -13.20 37.76
CA ILE D 328 -58.97 -13.44 36.93
C ILE D 328 -57.99 -14.31 37.73
N GLY D 329 -57.03 -14.90 37.01
CA GLY D 329 -55.95 -15.64 37.68
C GLY D 329 -56.33 -17.07 38.07
N ASP D 330 -55.54 -17.66 38.99
CA ASP D 330 -55.75 -19.06 39.36
C ASP D 330 -57.15 -19.37 39.89
N ILE D 331 -57.90 -18.37 40.37
CA ILE D 331 -59.22 -18.66 40.91
C ILE D 331 -60.17 -19.13 39.80
N THR D 332 -59.85 -18.87 38.53
CA THR D 332 -60.66 -19.33 37.41
C THR D 332 -60.28 -20.74 36.93
N ASP D 333 -59.20 -21.30 37.46
CA ASP D 333 -58.85 -22.71 37.23
C ASP D 333 -58.61 -23.00 35.75
N ARG D 334 -58.02 -22.02 35.05
N ARG D 334 -57.97 -22.06 35.05
CA ARG D 334 -57.61 -22.10 33.65
CA ARG D 334 -57.58 -22.30 33.67
C ARG D 334 -56.15 -22.50 33.58
C ARG D 334 -56.07 -22.55 33.59
N LEU D 335 -55.34 -21.60 33.03
CA LEU D 335 -53.88 -21.69 33.02
C LEU D 335 -53.35 -21.01 34.28
N MET D 336 -52.68 -21.76 35.14
CA MET D 336 -52.19 -21.20 36.41
C MET D 336 -50.74 -20.76 36.22
N LEU D 337 -50.58 -19.58 35.61
CA LEU D 337 -49.28 -18.94 35.37
C LEU D 337 -49.36 -17.47 35.69
N THR D 338 -48.27 -16.92 36.26
CA THR D 338 -48.28 -15.49 36.58
C THR D 338 -48.49 -14.59 35.36
N PRO D 339 -47.78 -14.76 34.24
CA PRO D 339 -48.01 -13.82 33.13
C PRO D 339 -49.43 -13.89 32.58
N VAL D 340 -50.12 -15.03 32.72
CA VAL D 340 -51.51 -15.12 32.25
C VAL D 340 -52.42 -14.33 33.18
N ALA D 341 -52.24 -14.46 34.49
CA ALA D 341 -53.03 -13.67 35.43
C ALA D 341 -52.85 -12.18 35.20
N ILE D 342 -51.61 -11.77 34.92
CA ILE D 342 -51.33 -10.38 34.64
C ILE D 342 -52.04 -9.95 33.37
N ASN D 343 -51.96 -10.77 32.32
CA ASN D 343 -52.62 -10.43 31.06
C ASN D 343 -54.14 -10.35 31.23
N GLU D 344 -54.73 -11.27 31.98
CA GLU D 344 -56.18 -11.18 32.22
C GLU D 344 -56.53 -9.92 33.01
N GLY D 345 -55.71 -9.55 33.99
CA GLY D 345 -56.02 -8.37 34.79
C GLY D 345 -55.97 -7.08 33.99
N ALA D 346 -54.93 -6.93 33.16
CA ALA D 346 -54.85 -5.76 32.29
C ALA D 346 -56.00 -5.73 31.29
N ALA D 347 -56.33 -6.88 30.71
CA ALA D 347 -57.44 -6.95 29.76
C ALA D 347 -58.76 -6.55 30.41
N LEU D 348 -59.04 -7.10 31.59
CA LEU D 348 -60.25 -6.75 32.33
C LEU D 348 -60.35 -5.23 32.52
N VAL D 349 -59.27 -4.61 32.99
CA VAL D 349 -59.34 -3.17 33.28
C VAL D 349 -59.45 -2.35 32.00
N ASP D 350 -58.77 -2.76 30.92
CA ASP D 350 -58.99 -2.11 29.63
C ASP D 350 -60.45 -2.21 29.20
N THR D 351 -61.09 -3.35 29.46
CA THR D 351 -62.47 -3.56 29.01
C THR D 351 -63.46 -2.75 29.84
N VAL D 352 -63.28 -2.74 31.15
CA VAL D 352 -64.25 -2.13 32.06
C VAL D 352 -64.03 -0.63 32.23
N PHE D 353 -62.77 -0.20 32.36
CA PHE D 353 -62.45 1.20 32.63
C PHE D 353 -61.73 1.88 31.49
N GLY D 354 -61.16 1.12 30.56
CA GLY D 354 -60.64 1.66 29.34
C GLY D 354 -61.74 1.76 28.30
N ASN D 355 -61.33 2.15 27.11
CA ASN D 355 -62.25 2.20 25.99
C ASN D 355 -61.83 1.20 24.94
N LYS D 356 -61.23 0.09 25.41
CA LYS D 356 -60.63 -0.91 24.54
C LYS D 356 -60.96 -2.30 25.05
N PRO D 357 -62.12 -2.84 24.67
CA PRO D 357 -62.44 -4.24 25.01
C PRO D 357 -61.36 -5.18 24.50
N ARG D 358 -61.01 -6.16 25.32
CA ARG D 358 -59.93 -7.08 25.00
C ARG D 358 -60.12 -8.33 25.84
N LYS D 359 -59.82 -9.49 25.24
CA LYS D 359 -59.85 -10.75 25.96
C LYS D 359 -58.49 -11.43 25.83
N THR D 360 -58.17 -12.20 26.86
CA THR D 360 -56.89 -12.91 26.88
C THR D 360 -56.95 -14.12 25.94
N ASP D 361 -55.86 -14.33 25.22
CA ASP D 361 -55.70 -15.50 24.35
C ASP D 361 -54.99 -16.57 25.18
N HIS D 362 -55.69 -17.66 25.48
CA HIS D 362 -55.08 -18.70 26.29
C HIS D 362 -54.42 -19.78 25.44
N THR D 363 -54.33 -19.58 24.13
CA THR D 363 -53.60 -20.49 23.26
C THR D 363 -52.18 -19.96 23.04
N ARG D 364 -51.28 -20.89 22.77
CA ARG D 364 -49.92 -20.57 22.34
C ARG D 364 -49.17 -19.76 23.40
N VAL D 365 -49.48 -19.98 24.67
CA VAL D 365 -48.73 -19.35 25.76
C VAL D 365 -47.45 -20.14 26.01
N ALA D 366 -46.30 -19.43 25.98
CA ALA D 366 -45.03 -20.04 26.33
C ALA D 366 -44.92 -20.21 27.84
N SER D 367 -44.26 -21.31 28.27
CA SER D 367 -44.09 -21.61 29.69
C SER D 367 -42.82 -22.46 29.88
N ALA D 368 -42.40 -22.61 31.14
CA ALA D 368 -41.15 -23.31 31.45
C ALA D 368 -41.32 -24.22 32.64
N VAL D 369 -40.43 -25.21 32.75
CA VAL D 369 -40.22 -25.95 33.99
C VAL D 369 -38.76 -25.80 34.37
N PHE D 370 -38.51 -25.36 35.60
CA PHE D 370 -37.11 -25.16 36.00
C PHE D 370 -36.53 -26.40 36.67
N SER D 371 -36.70 -27.51 35.98
CA SER D 371 -35.92 -28.71 36.23
C SER D 371 -34.46 -28.47 35.85
N ILE D 372 -33.60 -29.42 36.20
CA ILE D 372 -32.18 -29.34 35.89
C ILE D 372 -31.82 -30.51 34.99
N PRO D 373 -31.67 -30.29 33.67
CA PRO D 373 -31.88 -29.04 32.93
C PRO D 373 -33.36 -28.72 32.70
N PRO D 374 -33.67 -27.50 32.25
CA PRO D 374 -35.05 -27.03 32.24
C PRO D 374 -35.78 -27.29 30.93
N ILE D 375 -37.09 -27.07 30.96
CA ILE D 375 -37.98 -27.24 29.81
C ILE D 375 -38.48 -25.86 29.38
N GLY D 376 -38.58 -25.64 28.07
CA GLY D 376 -39.32 -24.50 27.55
C GLY D 376 -40.26 -24.96 26.46
N THR D 377 -41.49 -24.44 26.49
CA THR D 377 -42.52 -24.97 25.58
C THR D 377 -43.54 -23.91 25.22
N CYS D 378 -44.06 -24.01 24.00
CA CYS D 378 -45.14 -23.14 23.55
C CYS D 378 -46.00 -23.92 22.55
N GLY D 379 -47.30 -23.97 22.80
CA GLY D 379 -48.22 -24.55 21.83
C GLY D 379 -48.51 -26.02 22.09
N LEU D 380 -49.03 -26.67 21.04
CA LEU D 380 -49.62 -27.99 21.18
C LEU D 380 -48.59 -29.10 21.14
N ILE D 381 -48.79 -30.13 21.99
CA ILE D 381 -48.04 -31.37 21.83
C ILE D 381 -48.65 -32.22 20.72
N GLU D 382 -47.85 -33.14 20.19
CA GLU D 382 -48.21 -33.77 18.93
C GLU D 382 -49.47 -34.65 19.06
N GLU D 383 -49.65 -35.34 20.18
CA GLU D 383 -50.84 -36.19 20.30
C GLU D 383 -52.12 -35.37 20.27
N VAL D 384 -52.08 -34.15 20.82
CA VAL D 384 -53.23 -33.26 20.75
C VAL D 384 -53.41 -32.75 19.32
N ALA D 385 -52.32 -32.34 18.68
CA ALA D 385 -52.42 -31.80 17.32
C ALA D 385 -52.98 -32.86 16.37
N ALA D 386 -52.57 -34.12 16.56
CA ALA D 386 -53.02 -35.19 15.66
C ALA D 386 -54.53 -35.38 15.70
N LYS D 387 -55.16 -35.10 16.85
CA LYS D 387 -56.61 -35.20 16.96
C LYS D 387 -57.35 -34.04 16.32
N GLU D 388 -56.67 -32.91 16.10
CA GLU D 388 -57.32 -31.73 15.55
C GLU D 388 -56.93 -31.41 14.11
N PHE D 389 -55.94 -32.13 13.55
CA PHE D 389 -55.50 -31.90 12.18
C PHE D 389 -55.30 -33.23 11.47
N GLU D 390 -55.66 -33.26 10.18
CA GLU D 390 -55.59 -34.48 9.42
C GLU D 390 -54.15 -34.94 9.19
N LYS D 391 -53.23 -33.98 9.02
CA LYS D 391 -51.83 -34.29 8.72
C LYS D 391 -50.93 -33.42 9.58
N VAL D 392 -50.14 -34.07 10.44
CA VAL D 392 -49.23 -33.39 11.36
C VAL D 392 -47.80 -33.87 11.09
N ALA D 393 -46.85 -32.94 11.08
CA ALA D 393 -45.45 -33.31 10.95
C ALA D 393 -44.70 -33.03 12.25
N VAL D 394 -43.72 -33.87 12.56
CA VAL D 394 -42.88 -33.70 13.75
C VAL D 394 -41.41 -33.65 13.30
N TYR D 395 -40.76 -32.53 13.58
CA TYR D 395 -39.33 -32.34 13.34
C TYR D 395 -38.60 -32.44 14.67
N MET D 396 -37.67 -33.38 14.79
CA MET D 396 -37.03 -33.68 16.06
C MET D 396 -35.51 -33.64 15.92
N SER D 397 -34.85 -33.07 16.93
CA SER D 397 -33.41 -33.13 17.07
C SER D 397 -33.09 -33.44 18.53
N SER D 398 -32.15 -34.35 18.76
CA SER D 398 -31.81 -34.74 20.13
C SER D 398 -30.39 -35.31 20.14
N PHE D 399 -29.58 -34.81 21.07
CA PHE D 399 -28.16 -35.14 21.10
C PHE D 399 -27.55 -34.55 22.36
N THR D 400 -26.48 -35.15 22.86
CA THR D 400 -25.75 -34.53 23.96
C THR D 400 -24.88 -33.41 23.42
N PRO D 401 -25.10 -32.16 23.84
CA PRO D 401 -24.23 -31.07 23.36
C PRO D 401 -22.76 -31.34 23.67
N LEU D 402 -21.88 -30.75 22.85
CA LEU D 402 -20.46 -31.02 22.97
C LEU D 402 -19.93 -30.64 24.34
N MET D 403 -20.34 -29.48 24.87
CA MET D 403 -19.76 -29.03 26.14
C MET D 403 -20.00 -30.06 27.25
N HIS D 404 -21.10 -30.81 27.18
CA HIS D 404 -21.38 -31.81 28.21
C HIS D 404 -20.69 -33.13 27.97
N ASN D 405 -20.15 -33.36 26.78
CA ASN D 405 -19.16 -34.43 26.62
C ASN D 405 -17.87 -34.09 27.35
N ILE D 406 -17.51 -32.80 27.43
CA ILE D 406 -16.32 -32.39 28.17
C ILE D 406 -16.63 -32.23 29.67
N SER D 407 -17.83 -31.76 30.01
CA SER D 407 -18.19 -31.57 31.41
C SER D 407 -18.30 -32.88 32.16
N GLY D 408 -18.61 -33.98 31.47
CA GLY D 408 -18.85 -35.26 32.08
C GLY D 408 -20.32 -35.62 32.22
N SER D 409 -21.21 -34.65 32.14
CA SER D 409 -22.65 -34.87 32.30
C SER D 409 -23.24 -35.33 30.96
N LYS D 410 -22.81 -36.53 30.54
CA LYS D 410 -23.15 -36.97 29.19
C LYS D 410 -24.62 -37.36 29.06
N TYR D 411 -25.32 -37.55 30.18
CA TYR D 411 -26.75 -37.83 30.20
C TYR D 411 -27.60 -36.62 29.82
N LYS D 412 -27.00 -35.42 29.68
CA LYS D 412 -27.78 -34.20 29.44
C LYS D 412 -28.07 -34.05 27.96
N LYS D 413 -29.02 -34.83 27.46
CA LYS D 413 -29.42 -34.74 26.07
C LYS D 413 -30.29 -33.51 25.85
N PHE D 414 -29.95 -32.70 24.85
CA PHE D 414 -30.80 -31.61 24.43
C PHE D 414 -31.85 -32.14 23.45
N VAL D 415 -33.11 -31.75 23.65
CA VAL D 415 -34.21 -32.17 22.80
C VAL D 415 -34.88 -30.93 22.22
N ALA D 416 -35.06 -30.90 20.90
CA ALA D 416 -35.80 -29.84 20.23
C ALA D 416 -36.81 -30.45 19.28
N LYS D 417 -38.09 -30.06 19.44
CA LYS D 417 -39.16 -30.61 18.59
C LYS D 417 -40.07 -29.49 18.10
N ILE D 418 -40.40 -29.53 16.81
CA ILE D 418 -41.37 -28.64 16.19
C ILE D 418 -42.51 -29.50 15.66
N VAL D 419 -43.74 -29.13 16.02
CA VAL D 419 -44.96 -29.80 15.55
C VAL D 419 -45.67 -28.87 14.58
N THR D 420 -46.04 -29.39 13.39
CA THR D 420 -46.67 -28.55 12.37
C THR D 420 -47.98 -29.17 11.87
N ASN D 421 -48.85 -28.29 11.40
CA ASN D 421 -49.94 -28.69 10.49
C ASN D 421 -49.30 -28.88 9.12
N HIS D 422 -49.11 -30.14 8.73
CA HIS D 422 -48.35 -30.39 7.51
C HIS D 422 -49.06 -29.95 6.24
N SER D 423 -50.35 -29.64 6.30
CA SER D 423 -51.05 -29.24 5.08
C SER D 423 -50.68 -27.82 4.64
N ASP D 424 -50.35 -26.93 5.59
CA ASP D 424 -49.85 -25.61 5.20
C ASP D 424 -48.52 -25.22 5.85
N GLY D 425 -47.96 -26.05 6.73
CA GLY D 425 -46.68 -25.75 7.35
C GLY D 425 -46.75 -24.95 8.64
N THR D 426 -47.94 -24.55 9.07
CA THR D 426 -48.06 -23.73 10.28
C THR D 426 -47.50 -24.45 11.48
N VAL D 427 -46.66 -23.75 12.25
CA VAL D 427 -46.09 -24.33 13.46
C VAL D 427 -47.16 -24.34 14.55
N LEU D 428 -47.46 -25.52 15.10
CA LEU D 428 -48.48 -25.66 16.12
C LEU D 428 -47.91 -25.72 17.53
N GLY D 429 -46.65 -26.14 17.66
CA GLY D 429 -46.00 -26.21 18.96
C GLY D 429 -44.50 -26.41 18.82
N VAL D 430 -43.75 -25.92 19.81
CA VAL D 430 -42.30 -26.06 19.91
C VAL D 430 -41.97 -26.49 21.34
N HIS D 431 -41.08 -27.47 21.48
CA HIS D 431 -40.84 -28.13 22.76
C HIS D 431 -39.34 -28.36 22.93
N LEU D 432 -38.78 -27.89 24.05
CA LEU D 432 -37.34 -27.84 24.26
C LEU D 432 -36.96 -28.34 25.64
N LEU D 433 -35.90 -29.16 25.70
CA LEU D 433 -35.31 -29.58 26.97
C LEU D 433 -33.81 -29.36 26.88
N GLY D 434 -33.27 -28.61 27.84
CA GLY D 434 -31.83 -28.38 27.91
C GLY D 434 -31.53 -27.00 28.43
N ASP D 435 -30.25 -26.78 28.74
CA ASP D 435 -29.82 -25.48 29.26
C ASP D 435 -30.32 -24.35 28.38
N GLY D 436 -30.96 -23.35 29.00
CA GLY D 436 -31.40 -22.15 28.31
C GLY D 436 -32.74 -22.27 27.63
N ALA D 437 -33.38 -23.45 27.66
CA ALA D 437 -34.68 -23.61 27.01
C ALA D 437 -35.71 -22.56 27.41
N PRO D 438 -35.85 -22.17 28.69
CA PRO D 438 -36.85 -21.12 29.00
C PRO D 438 -36.54 -19.80 28.32
N GLU D 439 -35.26 -19.46 28.14
CA GLU D 439 -34.91 -18.22 27.47
C GLU D 439 -35.14 -18.32 25.97
N ILE D 440 -34.87 -19.49 25.39
CA ILE D 440 -35.03 -19.68 23.95
C ILE D 440 -36.49 -19.55 23.56
N ILE D 441 -37.39 -20.05 24.41
CA ILE D 441 -38.78 -20.21 23.98
C ILE D 441 -39.53 -18.89 23.93
N GLN D 442 -39.06 -17.84 24.60
CA GLN D 442 -39.88 -16.62 24.70
C GLN D 442 -40.17 -16.03 23.33
N ALA D 443 -39.14 -15.84 22.50
CA ALA D 443 -39.39 -15.27 21.18
C ALA D 443 -40.08 -16.28 20.26
N VAL D 444 -40.03 -17.57 20.58
CA VAL D 444 -40.87 -18.53 19.87
C VAL D 444 -42.34 -18.20 20.09
N GLY D 445 -42.70 -17.77 21.31
CA GLY D 445 -44.06 -17.33 21.55
C GLY D 445 -44.51 -16.25 20.58
N VAL D 446 -43.63 -15.29 20.29
CA VAL D 446 -43.97 -14.26 19.33
C VAL D 446 -44.16 -14.86 17.95
N CYS D 447 -43.28 -15.79 17.57
CA CYS D 447 -43.38 -16.46 16.26
C CYS D 447 -44.76 -17.07 16.06
N LEU D 448 -45.25 -17.81 17.06
CA LEU D 448 -46.51 -18.51 16.87
C LEU D 448 -47.69 -17.54 16.82
N ARG D 449 -47.60 -16.42 17.53
CA ARG D 449 -48.68 -15.46 17.39
C ARG D 449 -48.64 -14.77 16.04
N LEU D 450 -47.51 -14.86 15.34
CA LEU D 450 -47.37 -14.40 13.96
C LEU D 450 -47.64 -15.51 12.95
N ASN D 451 -48.15 -16.66 13.39
CA ASN D 451 -48.49 -17.80 12.53
C ASN D 451 -47.30 -18.21 11.65
N ALA D 452 -46.12 -18.25 12.25
CA ALA D 452 -44.93 -18.73 11.56
C ALA D 452 -45.16 -20.14 11.04
N LYS D 453 -44.53 -20.44 9.90
CA LYS D 453 -44.46 -21.78 9.33
C LYS D 453 -43.05 -22.34 9.52
N ILE D 454 -42.93 -23.67 9.37
CA ILE D 454 -41.61 -24.30 9.48
C ILE D 454 -40.64 -23.65 8.51
N SER D 455 -41.12 -23.24 7.33
CA SER D 455 -40.23 -22.61 6.36
C SER D 455 -39.65 -21.30 6.89
N ASP D 456 -40.40 -20.60 7.75
CA ASP D 456 -39.88 -19.36 8.32
C ASP D 456 -38.73 -19.64 9.28
N PHE D 457 -38.86 -20.70 10.07
CA PHE D 457 -37.75 -21.14 10.92
C PHE D 457 -36.55 -21.58 10.09
N TYR D 458 -36.77 -22.49 9.13
CA TYR D 458 -35.63 -23.04 8.38
C TYR D 458 -34.97 -21.98 7.49
N ASN D 459 -35.74 -21.03 6.96
CA ASN D 459 -35.17 -19.97 6.15
C ASN D 459 -34.37 -18.96 6.96
N THR D 460 -34.55 -18.93 8.28
CA THR D 460 -33.79 -18.03 9.15
C THR D 460 -32.38 -18.57 9.35
N ILE D 461 -31.38 -17.70 9.34
CA ILE D 461 -30.00 -18.13 9.49
C ILE D 461 -29.69 -18.34 10.97
N GLY D 462 -29.03 -19.45 11.28
CA GLY D 462 -28.79 -19.79 12.67
C GLY D 462 -27.72 -18.91 13.31
N VAL D 463 -27.80 -18.79 14.64
CA VAL D 463 -26.72 -18.22 15.45
C VAL D 463 -25.85 -19.38 15.93
N HIS D 464 -24.55 -19.30 15.65
CA HIS D 464 -23.63 -20.41 15.90
C HIS D 464 -22.49 -19.99 16.81
N PRO D 465 -22.14 -20.78 17.82
CA PRO D 465 -22.76 -22.06 18.22
C PRO D 465 -23.80 -21.83 19.31
N THR D 466 -25.06 -22.25 19.12
CA THR D 466 -26.07 -22.20 20.18
C THR D 466 -26.85 -23.50 20.15
N SER D 467 -27.63 -23.73 21.22
CA SER D 467 -28.65 -24.77 21.14
C SER D 467 -29.81 -24.31 20.28
N ALA D 468 -30.15 -23.02 20.36
CA ALA D 468 -31.33 -22.51 19.69
C ALA D 468 -31.27 -22.72 18.19
N GLU D 469 -30.06 -22.72 17.61
CA GLU D 469 -29.98 -22.82 16.16
C GLU D 469 -30.54 -24.14 15.64
N GLU D 470 -30.70 -25.15 16.50
CA GLU D 470 -31.32 -26.39 16.05
C GLU D 470 -32.72 -26.13 15.48
N LEU D 471 -33.40 -25.09 15.95
CA LEU D 471 -34.76 -24.80 15.51
C LEU D 471 -34.81 -24.25 14.09
N CYS D 472 -33.68 -23.79 13.57
CA CYS D 472 -33.60 -23.21 12.23
C CYS D 472 -32.83 -24.09 11.27
N SER D 473 -32.61 -25.37 11.65
CA SER D 473 -31.83 -26.32 10.86
C SER D 473 -32.62 -27.58 10.54
N MET D 474 -33.94 -27.52 10.61
CA MET D 474 -34.79 -28.69 10.43
C MET D 474 -35.72 -28.46 9.26
N ARG D 475 -35.52 -29.23 8.18
CA ARG D 475 -36.28 -29.12 6.95
C ARG D 475 -37.14 -30.34 6.66
N THR D 476 -36.75 -31.52 7.17
CA THR D 476 -37.39 -32.78 6.85
C THR D 476 -38.03 -33.37 8.09
N PRO D 477 -39.32 -33.71 8.05
CA PRO D 477 -39.95 -34.31 9.23
C PRO D 477 -39.30 -35.63 9.61
N SER D 478 -39.28 -35.88 10.92
CA SER D 478 -38.84 -37.18 11.44
C SER D 478 -39.94 -38.23 11.29
N TYR D 479 -41.19 -37.84 11.45
CA TYR D 479 -42.35 -38.73 11.28
C TYR D 479 -43.60 -37.86 11.21
N TYR D 480 -44.74 -38.51 10.98
CA TYR D 480 -46.02 -37.83 10.77
C TYR D 480 -47.11 -38.50 11.58
N TYR D 481 -48.22 -37.78 11.73
CA TYR D 481 -49.52 -38.34 12.09
C TYR D 481 -50.47 -38.05 10.93
N VAL D 482 -51.04 -39.11 10.34
CA VAL D 482 -52.05 -38.97 9.30
C VAL D 482 -53.35 -39.54 9.85
N LYS D 483 -54.35 -38.69 10.00
CA LYS D 483 -55.63 -39.10 10.59
C LYS D 483 -55.44 -39.80 11.93
N GLY D 484 -54.42 -39.37 12.70
CA GLY D 484 -54.19 -39.89 14.03
C GLY D 484 -53.15 -40.99 14.12
N GLU D 485 -52.63 -41.46 12.99
CA GLU D 485 -51.74 -42.62 12.97
C GLU D 485 -50.31 -42.17 12.71
N LYS D 486 -49.42 -42.48 13.65
CA LYS D 486 -48.00 -42.21 13.51
C LYS D 486 -47.40 -43.05 12.39
N MET D 487 -46.42 -42.48 11.67
CA MET D 487 -45.76 -43.20 10.60
C MET D 487 -44.59 -42.38 10.07
N GLU D 488 -43.55 -43.07 9.61
CA GLU D 488 -42.28 -42.42 9.31
C GLU D 488 -42.35 -41.60 8.02
N LYS D 489 -43.07 -42.07 7.01
CA LYS D 489 -43.14 -41.37 5.73
C LYS D 489 -44.58 -41.22 5.23
#